data_9LBN
#
_entry.id   9LBN
#
_cell.length_a   1.00
_cell.length_b   1.00
_cell.length_c   1.00
_cell.angle_alpha   90.00
_cell.angle_beta   90.00
_cell.angle_gamma   90.00
#
_symmetry.space_group_name_H-M   'P 1'
#
loop_
_entity.id
_entity.type
_entity.pdbx_description
1 polymer 'portal protein gp1'
2 polymer 'adaptor protein gp5'
3 polymer 'stopper protein gp6'
4 polymer 'terminator protein gp8'
5 polymer 'tube protein gp9'
#
loop_
_entity_poly.entity_id
_entity_poly.type
_entity_poly.pdbx_seq_one_letter_code
_entity_poly.pdbx_strand_id
1 'polypeptide(L)'
;MSENERPGLLGRVMSAFKPKAADAVTVASFSQRDAGLYIGSRFTSDAGREVSVQTAMSLDAVQACVKLISQSIAAMPLYL
YKKTPDGRKEAVNHPLYDLLLSAPNSSQTAFEFFECILTAMLLHGNAYVRKLMSNGKIESLQFMHSSRLTISQDARGAYK
YAYRKLDGTQIDVPSAQVWKIRGYSLDGENGISAIQYGAQVFGTALAAERQAGRAFTNGNLQQIYYSVAAFLTPEQREQF
SANVAQSVESGRTPVLEGGIDVKALGLNPADAQLLQSRNYSVESICRFFAVPPSMIGHASAGTTSWGSGIEAQQLAFLGL
TLAPWLRRIEQSLSLDLLTPGERRQYFVDYDVTTLLRADSAARSSFYATMVNNGVMTRDECREAEGLPKLGGNASVLTVQ
SAMVPLDEITNNTGADPAAAQGTTSLDRSAQ
;
H,h
2 'polypeptide(L)'
;MALTLAMVQRHLQADLIEDDERSYVMEQLLPAARESAEMFLNRNIYSTSEELAAAVAAGTAGQYPLVTPRAVEQAILLML
GDFYRDREATGKPVSTSAHNLLYPYRVKVGV
;
I,i
3 'polypeptide(L)'
;MPISAGSLKTRLLAQRRTSGTDDWGAPVQGWSDLGLFSGDVKNDTGLGAIRTAAGSGLPASIAKYSIKVRSEVIRRWSIN
SADRIIGRLPFSTQEMVFSVTGVISDFADPSMAYILVEAGADEQ
;
J
4 'polypeptide(L)'
;MTYGPILKQLLSPYFSGRVFPDAAPDVPGQDPYVIYQRVGGIPTYFTEGALADKANARVQLEVWSTSKQATYEAMVHIMR
SVAAAPAMEPLGQPIDDYEPALRIYGSRVDISMYYNLT
;
K
5 'polypeptide(L)'
;MALTLPKGIVFGFAPITSTTSSVTGVTRAAPPVATGTMLTAGTTVLVRSNTWTGINNRISVVDANKALQGFDTTDTTTYP
GTSGPVELITVGAFVNFTQQGEPSTSGGDQQFWNGQLLEDRSGRQLAIPTFKNAKTLTLPLYMDTSLPWYAAAKAADARG
EPVAVRMLLPNGDASYNYGYMSFDGDATITANAPITNVATFTFLSDSTLVEA
;
L,M
#
# COMPACT_ATOMS: atom_id res chain seq x y z
N GLY A 40 38.64 30.74 43.85
CA GLY A 40 39.61 31.52 43.11
C GLY A 40 39.44 31.39 41.60
N SER A 41 40.52 31.70 40.87
CA SER A 41 40.48 31.62 39.42
C SER A 41 40.44 30.17 38.96
N ARG A 42 39.81 29.95 37.80
CA ARG A 42 39.65 28.61 37.24
C ARG A 42 39.96 28.64 35.75
N PHE A 43 40.40 27.50 35.22
CA PHE A 43 40.76 27.37 33.81
C PHE A 43 40.29 26.02 33.30
N THR A 44 40.16 25.92 31.99
CA THR A 44 39.64 24.70 31.34
C THR A 44 40.70 24.06 30.46
N SER A 45 40.55 22.76 30.24
CA SER A 45 41.49 21.97 29.46
C SER A 45 40.74 21.14 28.43
N ASP A 46 41.49 20.36 27.66
CA ASP A 46 40.89 19.55 26.61
C ASP A 46 40.04 18.42 27.19
N ALA A 47 40.47 17.83 28.30
CA ALA A 47 39.72 16.74 28.91
C ALA A 47 38.38 17.17 29.46
N GLY A 48 38.13 18.47 29.58
CA GLY A 48 36.87 19.00 30.06
C GLY A 48 36.86 19.34 31.53
N ARG A 49 37.79 18.79 32.31
CA ARG A 49 37.83 19.10 33.73
C ARG A 49 38.32 20.53 33.94
N GLU A 50 37.75 21.19 34.94
CA GLU A 50 38.07 22.58 35.24
C GLU A 50 39.04 22.60 36.43
N VAL A 51 40.19 23.22 36.24
CA VAL A 51 41.30 23.13 37.19
C VAL A 51 41.40 24.45 37.95
N SER A 52 41.58 24.35 39.26
CA SER A 52 41.85 25.49 40.12
C SER A 52 42.79 25.00 41.22
N VAL A 53 42.96 25.81 42.26
CA VAL A 53 43.86 25.41 43.34
C VAL A 53 43.29 24.20 44.08
N GLN A 54 42.00 24.21 44.37
CA GLN A 54 41.40 23.12 45.14
C GLN A 54 41.47 21.79 44.39
N THR A 55 41.09 21.79 43.11
CA THR A 55 41.12 20.55 42.35
C THR A 55 42.55 20.10 42.09
N ALA A 56 43.47 21.05 41.90
CA ALA A 56 44.87 20.68 41.73
C ALA A 56 45.43 20.03 42.99
N MET A 57 45.09 20.56 44.16
CA MET A 57 45.52 19.95 45.41
C MET A 57 44.75 18.69 45.74
N SER A 58 43.63 18.43 45.07
CA SER A 58 42.96 17.15 45.18
C SER A 58 43.77 16.03 44.56
N LEU A 59 44.78 16.34 43.75
CA LEU A 59 45.63 15.33 43.14
C LEU A 59 46.58 14.77 44.19
N ASP A 60 47.52 13.95 43.74
CA ASP A 60 48.48 13.30 44.61
C ASP A 60 49.89 13.79 44.37
N ALA A 61 50.34 13.78 43.12
CA ALA A 61 51.69 14.24 42.81
C ALA A 61 51.84 15.73 43.09
N VAL A 62 50.79 16.52 42.82
CA VAL A 62 50.86 17.95 43.08
C VAL A 62 51.08 18.22 44.56
N GLN A 63 50.29 17.57 45.41
CA GLN A 63 50.42 17.77 46.85
C GLN A 63 51.78 17.28 47.33
N ALA A 64 52.22 16.11 46.85
CA ALA A 64 53.52 15.60 47.27
C ALA A 64 54.65 16.56 46.93
N CYS A 65 54.69 17.01 45.67
CA CYS A 65 55.77 17.89 45.24
C CYS A 65 55.75 19.23 45.98
N VAL A 66 54.57 19.84 46.07
CA VAL A 66 54.47 21.15 46.70
C VAL A 66 54.87 21.06 48.16
N LYS A 67 54.31 20.09 48.89
CA LYS A 67 54.64 19.96 50.31
C LYS A 67 56.11 19.65 50.51
N LEU A 68 56.68 18.75 49.71
CA LEU A 68 58.09 18.41 49.87
C LEU A 68 58.96 19.64 49.71
N ILE A 69 58.83 20.35 48.60
CA ILE A 69 59.73 21.46 48.34
C ILE A 69 59.51 22.59 49.34
N SER A 70 58.25 22.89 49.68
CA SER A 70 57.96 24.01 50.58
C SER A 70 58.44 23.74 51.99
N GLN A 71 58.14 22.55 52.54
CA GLN A 71 58.58 22.24 53.88
C GLN A 71 60.09 22.06 53.98
N SER A 72 60.74 21.51 52.95
CA SER A 72 62.19 21.42 53.00
C SER A 72 62.84 22.79 52.94
N ILE A 73 62.30 23.69 52.12
CA ILE A 73 62.92 25.01 51.97
C ILE A 73 62.60 25.91 53.16
N ALA A 74 61.52 25.63 53.90
CA ALA A 74 61.15 26.46 55.04
C ALA A 74 61.75 25.99 56.36
N ALA A 75 62.24 24.75 56.42
CA ALA A 75 62.78 24.23 57.67
C ALA A 75 64.13 24.88 57.99
N MET A 76 64.93 25.14 56.98
CA MET A 76 66.26 25.69 57.20
C MET A 76 66.18 27.09 57.78
N PRO A 77 67.04 27.43 58.74
CA PRO A 77 66.92 28.71 59.42
C PRO A 77 67.67 29.83 58.70
N LEU A 78 66.98 30.95 58.51
CA LEU A 78 67.60 32.14 57.95
C LEU A 78 68.36 32.89 59.03
N TYR A 79 69.38 33.64 58.63
CA TYR A 79 70.24 34.32 59.58
C TYR A 79 70.61 35.70 59.03
N LEU A 80 70.85 36.63 59.95
CA LEU A 80 71.30 37.97 59.60
C LEU A 80 72.71 38.16 60.16
N TYR A 81 73.66 38.41 59.27
CA TYR A 81 75.05 38.57 59.64
C TYR A 81 75.45 40.04 59.53
N LYS A 82 76.60 40.35 60.13
CA LYS A 82 77.18 41.69 60.08
C LYS A 82 78.60 41.58 59.53
N LYS A 83 78.90 42.37 58.51
CA LYS A 83 80.24 42.32 57.91
C LYS A 83 81.26 42.89 58.89
N THR A 84 82.33 42.13 59.11
CA THR A 84 83.35 42.49 60.09
C THR A 84 84.72 42.26 59.47
N PRO A 85 85.71 43.11 59.78
CA PRO A 85 87.07 42.82 59.33
C PRO A 85 87.60 41.48 59.85
N ASP A 86 87.11 41.03 61.01
CA ASP A 86 87.52 39.76 61.55
C ASP A 86 86.79 38.57 60.93
N GLY A 87 85.71 38.82 60.20
CA GLY A 87 84.92 37.74 59.64
C GLY A 87 83.45 38.08 59.49
N ARG A 88 82.58 37.25 60.08
CA ARG A 88 81.15 37.47 60.09
C ARG A 88 80.67 37.38 61.53
N LYS A 89 80.23 38.50 62.10
CA LYS A 89 79.60 38.48 63.41
C LYS A 89 78.12 38.17 63.26
N GLU A 90 77.58 37.48 64.26
CA GLU A 90 76.17 37.09 64.29
C GLU A 90 75.39 38.27 64.83
N ALA A 91 74.71 39.01 63.96
CA ALA A 91 73.96 40.18 64.40
C ALA A 91 72.80 39.75 65.29
N VAL A 92 72.77 40.26 66.52
CA VAL A 92 71.77 39.85 67.51
C VAL A 92 70.88 41.01 67.94
N ASN A 93 71.47 42.18 68.18
CA ASN A 93 70.69 43.31 68.66
C ASN A 93 69.85 43.96 67.56
N HIS A 94 70.08 43.61 66.30
CA HIS A 94 69.23 44.09 65.23
C HIS A 94 67.85 43.47 65.34
N PRO A 95 66.79 44.25 65.12
CA PRO A 95 65.43 43.68 65.19
C PRO A 95 65.18 42.57 64.18
N LEU A 96 65.77 42.67 62.99
CA LEU A 96 65.45 41.74 61.92
C LEU A 96 65.92 40.33 62.24
N TYR A 97 66.99 40.18 63.03
CA TYR A 97 67.45 38.85 63.39
C TYR A 97 66.37 38.07 64.13
N ASP A 98 65.85 38.63 65.23
CA ASP A 98 64.78 37.96 65.95
C ASP A 98 63.51 37.90 65.12
N LEU A 99 63.29 38.88 64.25
CA LEU A 99 62.07 38.88 63.44
C LEU A 99 62.10 37.76 62.41
N LEU A 100 63.29 37.29 62.01
CA LEU A 100 63.39 36.22 61.03
C LEU A 100 63.60 34.86 61.65
N LEU A 101 64.23 34.77 62.82
CA LEU A 101 64.43 33.46 63.45
C LEU A 101 63.20 32.97 64.19
N SER A 102 62.80 33.68 65.25
CA SER A 102 61.80 33.13 66.16
C SER A 102 60.38 33.34 65.64
N ALA A 103 59.96 34.58 65.49
CA ALA A 103 58.57 34.84 65.15
C ALA A 103 58.41 36.18 64.44
N PRO A 104 58.02 36.18 63.17
CA PRO A 104 57.84 37.46 62.45
C PRO A 104 56.65 38.26 62.91
N ASN A 105 55.84 37.72 63.81
CA ASN A 105 54.60 38.36 64.22
C ASN A 105 54.31 37.95 65.65
N SER A 106 53.18 38.43 66.17
CA SER A 106 52.72 37.98 67.48
C SER A 106 51.87 36.73 67.40
N SER A 107 51.52 36.28 66.20
CA SER A 107 50.67 35.11 66.02
C SER A 107 51.35 33.98 65.27
N GLN A 108 51.93 34.26 64.11
CA GLN A 108 52.51 33.22 63.28
C GLN A 108 53.93 32.90 63.72
N THR A 109 54.56 31.98 62.99
CA THR A 109 55.90 31.49 63.28
C THR A 109 56.73 31.55 62.01
N ALA A 110 58.04 31.62 62.15
CA ALA A 110 58.91 31.74 60.98
C ALA A 110 58.71 30.56 60.04
N PHE A 111 58.58 29.35 60.58
CA PHE A 111 58.34 28.18 59.75
C PHE A 111 57.06 28.34 58.93
N GLU A 112 55.96 28.68 59.60
CA GLU A 112 54.70 28.86 58.90
C GLU A 112 54.76 30.04 57.94
N PHE A 113 55.41 31.12 58.36
CA PHE A 113 55.59 32.27 57.48
C PHE A 113 56.22 31.85 56.17
N PHE A 114 57.34 31.13 56.23
CA PHE A 114 58.05 30.81 55.00
C PHE A 114 57.34 29.71 54.21
N GLU A 115 56.69 28.75 54.88
CA GLU A 115 55.99 27.74 54.10
C GLU A 115 54.83 28.36 53.33
N CYS A 116 54.10 29.29 53.97
CA CYS A 116 53.01 29.96 53.26
C CYS A 116 53.53 30.80 52.11
N ILE A 117 54.63 31.52 52.33
CA ILE A 117 55.11 32.44 51.29
C ILE A 117 55.62 31.64 50.08
N LEU A 118 56.31 30.52 50.33
CA LEU A 118 56.81 29.72 49.23
C LEU A 118 55.71 28.90 48.55
N THR A 119 54.70 28.46 49.29
CA THR A 119 53.55 27.84 48.65
C THR A 119 52.84 28.82 47.72
N ALA A 120 52.70 30.08 48.16
CA ALA A 120 52.13 31.09 47.30
C ALA A 120 52.95 31.26 46.03
N MET A 121 54.27 31.35 46.16
CA MET A 121 55.11 31.51 44.97
C MET A 121 55.00 30.32 44.03
N LEU A 122 54.89 29.11 44.58
CA LEU A 122 54.76 27.93 43.73
C LEU A 122 53.44 27.92 42.97
N LEU A 123 52.33 28.12 43.67
CA LEU A 123 51.03 27.92 43.04
C LEU A 123 50.51 29.19 42.36
N HIS A 124 50.31 30.26 43.12
CA HIS A 124 49.66 31.44 42.55
C HIS A 124 50.59 32.27 41.68
N GLY A 125 51.87 32.35 42.03
CA GLY A 125 52.80 33.08 41.20
C GLY A 125 53.55 34.20 41.90
N ASN A 126 52.89 34.93 42.78
CA ASN A 126 53.48 36.04 43.50
C ASN A 126 53.21 35.89 44.99
N ALA A 127 53.90 36.71 45.79
CA ALA A 127 53.69 36.72 47.23
C ALA A 127 53.90 38.12 47.76
N TYR A 128 53.03 38.55 48.68
CA TYR A 128 53.06 39.88 49.27
C TYR A 128 53.12 39.74 50.78
N VAL A 129 53.92 40.58 51.43
CA VAL A 129 53.87 40.74 52.87
C VAL A 129 53.84 42.21 53.19
N ARG A 130 53.40 42.54 54.40
CA ARG A 130 53.20 43.91 54.82
C ARG A 130 54.23 44.29 55.87
N LYS A 131 54.94 45.38 55.65
CA LYS A 131 55.93 45.87 56.59
C LYS A 131 55.27 46.80 57.60
N LEU A 132 55.36 46.46 58.87
CA LEU A 132 54.83 47.27 59.96
C LEU A 132 56.02 47.93 60.64
N MET A 133 56.23 49.21 60.35
CA MET A 133 57.43 49.91 60.77
C MET A 133 57.07 51.19 61.51
N SER A 134 57.90 51.54 62.49
CA SER A 134 57.68 52.71 63.32
C SER A 134 59.01 53.39 63.60
N ASN A 135 59.06 54.70 63.34
CA ASN A 135 60.27 55.50 63.55
C ASN A 135 61.45 54.96 62.74
N GLY A 136 61.16 54.47 61.55
CA GLY A 136 62.21 53.94 60.68
C GLY A 136 62.50 52.46 60.80
N LYS A 137 62.64 51.96 62.03
CA LYS A 137 62.91 50.56 62.25
C LYS A 137 61.67 49.72 61.94
N ILE A 138 61.89 48.41 61.83
CA ILE A 138 60.84 47.47 61.48
C ILE A 138 60.37 46.76 62.75
N GLU A 139 59.05 46.76 62.97
CA GLU A 139 58.50 46.11 64.15
C GLU A 139 58.12 44.67 63.88
N SER A 140 57.33 44.43 62.85
CA SER A 140 56.87 43.08 62.54
C SER A 140 56.49 43.00 61.07
N LEU A 141 56.37 41.77 60.58
CA LEU A 141 55.99 41.47 59.21
C LEU A 141 54.72 40.66 59.22
N GLN A 142 53.77 41.00 58.36
CA GLN A 142 52.50 40.31 58.30
C GLN A 142 52.23 39.83 56.88
N PHE A 143 51.93 38.54 56.75
CA PHE A 143 51.67 37.96 55.43
C PHE A 143 50.27 38.36 54.96
N MET A 144 50.14 38.64 53.67
CA MET A 144 48.87 39.06 53.07
C MET A 144 48.43 38.01 52.07
N HIS A 145 47.36 37.30 52.38
CA HIS A 145 46.90 36.24 51.49
C HIS A 145 46.20 36.84 50.28
N SER A 146 46.28 36.13 49.15
CA SER A 146 45.77 36.66 47.90
C SER A 146 44.25 36.74 47.86
N SER A 147 43.55 35.96 48.69
CA SER A 147 42.09 36.01 48.67
C SER A 147 41.57 37.28 49.33
N ARG A 148 42.30 37.80 50.31
CA ARG A 148 41.91 39.01 51.02
C ARG A 148 42.55 40.26 50.47
N LEU A 149 43.27 40.16 49.36
CA LEU A 149 43.98 41.29 48.79
C LEU A 149 43.40 41.67 47.44
N THR A 150 43.39 42.98 47.15
CA THR A 150 42.87 43.50 45.91
C THR A 150 43.96 44.33 45.24
N ILE A 151 44.20 44.07 43.95
CA ILE A 151 45.30 44.69 43.21
C ILE A 151 44.71 45.57 42.12
N SER A 152 45.05 46.85 42.14
CA SER A 152 44.57 47.80 41.16
C SER A 152 45.71 48.65 40.65
N GLN A 153 45.60 49.07 39.39
CA GLN A 153 46.61 49.88 38.74
C GLN A 153 46.07 51.30 38.54
N ASP A 154 46.86 52.29 38.93
CA ASP A 154 46.46 53.69 38.84
C ASP A 154 46.99 54.31 37.54
N ALA A 155 46.82 55.62 37.41
CA ALA A 155 47.16 56.31 36.17
C ALA A 155 48.65 56.44 35.96
N ARG A 156 49.45 56.44 37.02
CA ARG A 156 50.90 56.62 36.92
C ARG A 156 51.65 55.32 36.71
N GLY A 157 50.94 54.20 36.54
CA GLY A 157 51.57 52.92 36.33
C GLY A 157 51.89 52.15 37.60
N ALA A 158 51.70 52.75 38.77
CA ALA A 158 51.98 52.07 40.02
C ALA A 158 50.81 51.17 40.40
N TYR A 159 50.83 50.66 41.63
CA TYR A 159 49.78 49.80 42.14
C TYR A 159 49.19 50.40 43.40
N LYS A 160 47.92 50.06 43.66
CA LYS A 160 47.24 50.39 44.91
C LYS A 160 46.80 49.10 45.57
N TYR A 161 47.15 48.95 46.85
CA TYR A 161 46.86 47.72 47.59
C TYR A 161 45.82 48.00 48.66
N ALA A 162 44.78 47.15 48.71
CA ALA A 162 43.76 47.20 49.74
C ALA A 162 43.65 45.84 50.40
N TYR A 163 43.69 45.81 51.73
CA TYR A 163 43.74 44.57 52.49
C TYR A 163 42.55 44.49 53.43
N ARG A 164 41.84 43.36 53.39
CA ARG A 164 40.69 43.12 54.25
C ARG A 164 41.09 42.24 55.42
N LYS A 165 41.11 42.81 56.62
CA LYS A 165 41.54 42.07 57.80
C LYS A 165 40.40 41.18 58.30
N LEU A 166 40.59 40.59 59.49
CA LEU A 166 39.66 39.59 59.99
C LEU A 166 38.27 40.17 60.25
N ASP A 167 38.20 41.35 60.87
CA ASP A 167 36.91 41.89 61.27
C ASP A 167 36.03 42.19 60.06
N GLY A 168 36.61 42.73 58.99
CA GLY A 168 35.84 42.97 57.79
C GLY A 168 36.18 44.28 57.10
N THR A 169 36.69 45.25 57.86
CA THR A 169 37.00 46.55 57.28
C THR A 169 38.19 46.45 56.34
N GLN A 170 38.15 47.24 55.27
CA GLN A 170 39.21 47.28 54.27
C GLN A 170 40.10 48.49 54.54
N ILE A 171 41.41 48.25 54.52
CA ILE A 171 42.40 49.28 54.83
C ILE A 171 43.34 49.41 53.65
N ASP A 172 43.49 50.61 53.13
CA ASP A 172 44.48 50.85 52.08
C ASP A 172 45.86 50.90 52.68
N VAL A 173 46.80 50.19 52.07
CA VAL A 173 48.19 50.18 52.53
C VAL A 173 49.06 50.82 51.47
N PRO A 174 49.93 51.76 51.83
CA PRO A 174 50.77 52.42 50.82
C PRO A 174 51.72 51.44 50.17
N SER A 175 52.04 51.70 48.90
CA SER A 175 52.89 50.81 48.13
C SER A 175 54.34 50.81 48.61
N ALA A 176 54.71 51.74 49.48
CA ALA A 176 56.05 51.74 50.06
C ALA A 176 56.17 50.85 51.28
N GLN A 177 55.07 50.26 51.74
CA GLN A 177 55.06 49.35 52.87
C GLN A 177 54.66 47.94 52.45
N VAL A 178 54.97 47.54 51.23
CA VAL A 178 54.66 46.21 50.72
C VAL A 178 55.94 45.60 50.16
N TRP A 179 56.25 44.39 50.60
CA TRP A 179 57.36 43.62 50.06
C TRP A 179 56.82 42.70 48.97
N LYS A 180 57.46 42.72 47.81
CA LYS A 180 57.03 42.00 46.63
C LYS A 180 58.10 40.98 46.27
N ILE A 181 57.70 39.72 46.14
CA ILE A 181 58.60 38.66 45.68
C ILE A 181 57.88 37.83 44.63
N ARG A 182 58.60 37.48 43.56
CA ARG A 182 57.98 37.01 42.34
C ARG A 182 58.21 35.53 42.05
N GLY A 183 59.45 35.11 41.91
CA GLY A 183 59.73 33.75 41.45
C GLY A 183 60.19 33.76 40.00
N TYR A 184 59.58 32.91 39.18
CA TYR A 184 59.92 32.85 37.76
C TYR A 184 58.93 33.68 36.97
N SER A 185 59.46 34.56 36.12
CA SER A 185 58.62 35.48 35.35
C SER A 185 59.07 35.49 33.91
N LEU A 186 58.12 35.29 33.01
CA LEU A 186 58.37 35.46 31.58
C LEU A 186 58.46 36.92 31.17
N ASP A 187 57.86 37.82 31.95
CA ASP A 187 57.75 39.24 31.62
C ASP A 187 58.84 40.07 32.28
N GLY A 188 58.97 39.98 33.60
CA GLY A 188 59.85 40.82 34.37
C GLY A 188 59.15 41.60 35.45
N GLU A 189 57.82 41.67 35.43
CA GLU A 189 57.06 42.37 36.45
C GLU A 189 56.22 41.43 37.31
N ASN A 190 55.55 40.46 36.70
CA ASN A 190 54.69 39.54 37.44
C ASN A 190 55.13 38.11 37.18
N GLY A 191 55.11 37.30 38.22
CA GLY A 191 55.54 35.92 38.09
C GLY A 191 54.54 35.08 37.33
N ILE A 192 55.03 33.94 36.87
CA ILE A 192 54.20 32.99 36.13
C ILE A 192 53.41 32.15 37.12
N SER A 193 52.20 31.77 36.72
CA SER A 193 51.31 30.99 37.58
C SER A 193 51.29 29.54 37.12
N ALA A 194 51.49 28.62 38.06
CA ALA A 194 51.55 27.21 37.70
C ALA A 194 50.20 26.68 37.25
N ILE A 195 49.11 27.18 37.85
CA ILE A 195 47.79 26.66 37.52
C ILE A 195 47.43 27.01 36.08
N GLN A 196 47.60 28.26 35.69
CA GLN A 196 47.18 28.68 34.35
C GLN A 196 47.97 27.96 33.26
N TYR A 197 49.29 27.87 33.42
CA TYR A 197 50.09 27.25 32.38
C TYR A 197 49.99 25.73 32.40
N GLY A 198 49.81 25.12 33.57
CA GLY A 198 49.68 23.70 33.68
C GLY A 198 48.26 23.18 33.71
N ALA A 199 47.28 24.00 33.31
CA ALA A 199 45.92 23.50 33.15
C ALA A 199 45.87 22.24 32.31
N GLN A 200 46.61 22.21 31.19
CA GLN A 200 46.55 21.06 30.30
C GLN A 200 47.07 19.80 30.98
N VAL A 201 48.16 19.91 31.74
CA VAL A 201 48.73 18.75 32.41
C VAL A 201 47.83 18.30 33.55
N PHE A 202 47.24 19.24 34.30
CA PHE A 202 46.41 18.86 35.43
C PHE A 202 45.07 18.27 34.99
N GLY A 203 44.52 18.74 33.86
CA GLY A 203 43.23 18.26 33.43
C GLY A 203 43.22 16.78 33.11
N THR A 204 44.26 16.30 32.41
CA THR A 204 44.31 14.89 32.05
C THR A 204 44.45 14.01 33.29
N ALA A 205 45.26 14.45 34.26
CA ALA A 205 45.38 13.67 35.49
C ALA A 205 44.06 13.60 36.25
N LEU A 206 43.36 14.73 36.34
CA LEU A 206 42.07 14.74 37.02
C LEU A 206 41.07 13.83 36.30
N ALA A 207 41.05 13.90 34.97
CA ALA A 207 40.11 13.08 34.21
C ALA A 207 40.42 11.59 34.37
N ALA A 208 41.69 11.22 34.37
CA ALA A 208 42.06 9.83 34.58
C ALA A 208 41.63 9.34 35.95
N GLU A 209 41.85 10.15 36.99
CA GLU A 209 41.40 9.78 38.32
C GLU A 209 39.89 9.61 38.38
N ARG A 210 39.16 10.53 37.74
CA ARG A 210 37.70 10.43 37.73
C ARG A 210 37.22 9.18 37.01
N GLN A 211 37.85 8.84 35.89
CA GLN A 211 37.48 7.63 35.16
C GLN A 211 37.73 6.39 36.02
N ALA A 212 38.88 6.32 36.68
CA ALA A 212 39.16 5.17 37.53
C ALA A 212 38.18 5.07 38.67
N GLY A 213 37.81 6.20 39.27
CA GLY A 213 36.85 6.18 40.35
C GLY A 213 35.47 5.74 39.90
N ARG A 214 35.02 6.23 38.74
CA ARG A 214 33.68 5.91 38.26
C ARG A 214 33.59 4.54 37.62
N ALA A 215 34.72 3.87 37.36
CA ALA A 215 34.66 2.51 36.84
C ALA A 215 33.99 1.54 37.81
N PHE A 216 33.93 1.87 39.11
CA PHE A 216 33.30 0.98 40.07
C PHE A 216 31.79 1.07 40.07
N THR A 217 31.21 2.09 39.43
CA THR A 217 29.76 2.22 39.35
C THR A 217 29.23 2.21 37.92
N ASN A 218 30.08 2.44 36.92
CA ASN A 218 29.59 2.36 35.53
C ASN A 218 29.20 0.95 35.14
N GLY A 219 29.84 -0.06 35.73
CA GLY A 219 29.67 -1.43 35.31
C GLY A 219 30.73 -1.94 34.37
N ASN A 220 31.89 -1.29 34.31
CA ASN A 220 32.98 -1.68 33.42
C ASN A 220 33.86 -2.77 34.02
N LEU A 221 33.56 -3.25 35.23
CA LEU A 221 34.34 -4.30 35.86
C LEU A 221 33.60 -5.64 35.91
N GLN A 222 32.38 -5.71 35.39
CA GLN A 222 31.63 -6.96 35.44
C GLN A 222 32.28 -8.01 34.55
N GLN A 223 32.23 -9.26 35.01
CA GLN A 223 32.91 -10.36 34.34
C GLN A 223 31.95 -11.39 33.75
N ILE A 224 31.00 -11.88 34.53
CA ILE A 224 30.09 -12.95 34.10
C ILE A 224 28.73 -12.36 33.78
N TYR A 225 28.16 -12.79 32.66
CA TYR A 225 26.84 -12.36 32.23
C TYR A 225 26.00 -13.60 31.95
N TYR A 226 24.86 -13.71 32.61
CA TYR A 226 23.95 -14.80 32.32
C TYR A 226 23.09 -14.46 31.11
N SER A 227 22.40 -15.45 30.57
CA SER A 227 21.59 -15.25 29.39
C SER A 227 20.49 -16.29 29.33
N VAL A 228 19.26 -15.86 29.08
CA VAL A 228 18.12 -16.74 28.96
C VAL A 228 17.36 -16.38 27.69
N ALA A 229 16.98 -17.41 26.93
CA ALA A 229 16.36 -17.20 25.62
C ALA A 229 14.84 -17.13 25.76
N ALA A 230 14.39 -16.04 26.37
CA ALA A 230 12.96 -15.78 26.56
C ALA A 230 12.82 -14.36 27.10
N PHE A 231 11.59 -13.89 27.17
CA PHE A 231 11.28 -12.57 27.68
C PHE A 231 10.87 -12.70 29.15
N LEU A 232 11.54 -11.95 30.03
CA LEU A 232 11.23 -11.96 31.45
C LEU A 232 10.82 -10.57 31.92
N THR A 233 9.85 -10.54 32.82
CA THR A 233 9.47 -9.33 33.53
C THR A 233 10.52 -9.01 34.59
N PRO A 234 10.64 -7.75 35.01
CA PRO A 234 11.73 -7.41 35.95
C PRO A 234 11.73 -8.22 37.23
N GLU A 235 10.55 -8.52 37.79
CA GLU A 235 10.49 -9.32 39.00
C GLU A 235 11.24 -10.63 38.83
N GLN A 236 11.17 -11.23 37.65
CA GLN A 236 11.97 -12.41 37.39
C GLN A 236 13.46 -12.09 37.39
N ARG A 237 13.84 -10.86 37.06
CA ARG A 237 15.25 -10.49 37.14
C ARG A 237 15.73 -10.45 38.58
N GLU A 238 14.99 -9.77 39.47
CA GLU A 238 15.41 -9.81 40.87
C GLU A 238 15.40 -11.24 41.41
N GLN A 239 14.42 -12.05 41.00
CA GLN A 239 14.38 -13.43 41.48
C GLN A 239 15.59 -14.23 41.02
N PHE A 240 16.00 -14.05 39.76
CA PHE A 240 17.18 -14.74 39.25
C PHE A 240 18.43 -14.33 40.04
N SER A 241 18.59 -13.03 40.28
CA SER A 241 19.77 -12.57 41.00
C SER A 241 19.79 -13.08 42.44
N ALA A 242 18.65 -13.03 43.11
CA ALA A 242 18.57 -13.54 44.48
C ALA A 242 18.83 -15.04 44.53
N ASN A 243 18.36 -15.78 43.52
CA ASN A 243 18.61 -17.21 43.48
C ASN A 243 20.09 -17.50 43.30
N VAL A 244 20.77 -16.74 42.45
CA VAL A 244 22.21 -16.95 42.29
C VAL A 244 22.93 -16.69 43.60
N ALA A 245 22.58 -15.59 44.28
CA ALA A 245 23.22 -15.28 45.56
C ALA A 245 22.97 -16.39 46.58
N GLN A 246 21.73 -16.88 46.66
CA GLN A 246 21.41 -17.96 47.60
C GLN A 246 22.19 -19.23 47.28
N SER A 247 22.29 -19.57 46.00
CA SER A 247 23.00 -20.78 45.60
C SER A 247 24.48 -20.69 45.96
N VAL A 248 25.11 -19.53 45.72
CA VAL A 248 26.54 -19.44 46.04
C VAL A 248 26.74 -19.35 47.55
N GLU A 249 25.78 -18.78 48.28
CA GLU A 249 25.92 -18.69 49.73
C GLU A 249 25.75 -20.04 50.39
N SER A 250 24.93 -20.91 49.84
CA SER A 250 24.69 -22.22 50.45
C SER A 250 25.73 -23.26 50.07
N GLY A 251 26.72 -22.91 49.24
CA GLY A 251 27.74 -23.86 48.86
C GLY A 251 27.33 -24.88 47.82
N ARG A 252 26.37 -24.56 46.97
CA ARG A 252 25.90 -25.47 45.94
C ARG A 252 26.59 -25.18 44.61
N THR A 253 26.12 -25.81 43.54
CA THR A 253 26.70 -25.69 42.22
C THR A 253 25.61 -25.34 41.21
N PRO A 254 25.82 -24.35 40.35
CA PRO A 254 24.81 -24.00 39.36
C PRO A 254 24.61 -25.10 38.33
N VAL A 255 23.39 -25.18 37.80
CA VAL A 255 23.03 -26.24 36.88
C VAL A 255 22.51 -25.74 35.54
N LEU A 256 21.93 -24.54 35.46
CA LEU A 256 21.54 -23.95 34.18
C LEU A 256 20.57 -24.84 33.40
N GLU A 257 19.38 -25.02 33.95
CA GLU A 257 18.39 -25.87 33.33
C GLU A 257 17.77 -25.20 32.11
N GLY A 258 17.46 -26.02 31.11
CA GLY A 258 16.69 -25.51 29.98
C GLY A 258 17.52 -24.67 29.03
N GLY A 259 17.09 -23.43 28.83
CA GLY A 259 17.74 -22.50 27.93
C GLY A 259 18.65 -21.49 28.58
N ILE A 260 18.98 -21.65 29.87
CA ILE A 260 19.90 -20.73 30.53
C ILE A 260 21.33 -20.99 30.07
N ASP A 261 22.14 -19.93 30.07
CA ASP A 261 23.52 -20.01 29.62
C ASP A 261 24.34 -18.96 30.34
N VAL A 262 25.66 -19.12 30.33
CA VAL A 262 26.58 -18.21 30.99
C VAL A 262 27.78 -17.98 30.10
N LYS A 263 28.24 -16.73 30.03
CA LYS A 263 29.43 -16.37 29.27
C LYS A 263 30.34 -15.50 30.13
N ALA A 264 31.64 -15.68 29.95
CA ALA A 264 32.64 -14.88 30.65
C ALA A 264 33.26 -13.91 29.66
N LEU A 265 33.41 -12.66 30.09
CA LEU A 265 33.82 -11.58 29.21
C LEU A 265 35.28 -11.27 29.48
N GLY A 266 36.08 -11.17 28.42
CA GLY A 266 37.52 -11.04 28.57
C GLY A 266 38.02 -9.64 28.86
N LEU A 267 37.90 -9.20 30.11
CA LEU A 267 38.31 -7.86 30.49
C LEU A 267 39.61 -7.88 31.29
N ASN A 268 40.19 -6.70 31.44
CA ASN A 268 41.41 -6.50 32.22
C ASN A 268 41.24 -5.28 33.12
N PRO A 269 41.08 -5.47 34.42
CA PRO A 269 40.85 -4.31 35.30
C PRO A 269 42.01 -3.31 35.33
N ALA A 270 43.24 -3.74 35.06
CA ALA A 270 44.33 -2.79 34.96
C ALA A 270 44.11 -1.81 33.81
N ASP A 271 43.66 -2.31 32.66
CA ASP A 271 43.30 -1.43 31.56
C ASP A 271 42.05 -0.63 31.88
N ALA A 272 41.17 -1.15 32.72
CA ALA A 272 40.00 -0.38 33.12
C ALA A 272 40.37 0.77 34.05
N GLN A 273 41.44 0.62 34.84
CA GLN A 273 41.81 1.60 35.85
C GLN A 273 42.95 2.52 35.43
N LEU A 274 43.62 2.25 34.31
CA LEU A 274 44.55 3.20 33.69
C LEU A 274 45.81 3.42 34.52
N LEU A 275 46.41 2.33 34.99
CA LEU A 275 47.58 2.44 35.85
C LEU A 275 48.77 3.05 35.13
N GLN A 276 49.01 2.65 33.88
CA GLN A 276 50.14 3.21 33.13
C GLN A 276 49.95 4.70 32.89
N SER A 277 48.73 5.11 32.52
CA SER A 277 48.46 6.53 32.30
C SER A 277 48.65 7.33 33.57
N ARG A 278 48.22 6.79 34.71
CA ARG A 278 48.35 7.54 35.95
C ARG A 278 49.80 7.62 36.40
N ASN A 279 50.58 6.56 36.16
CA ASN A 279 52.01 6.62 36.43
C ASN A 279 52.69 7.70 35.60
N TYR A 280 52.36 7.75 34.30
CA TYR A 280 52.94 8.79 33.46
C TYR A 280 52.52 10.18 33.92
N SER A 281 51.27 10.33 34.38
CA SER A 281 50.85 11.62 34.88
C SER A 281 51.65 12.04 36.10
N VAL A 282 51.92 11.10 37.01
CA VAL A 282 52.72 11.41 38.19
C VAL A 282 54.10 11.88 37.77
N GLU A 283 54.73 11.15 36.85
CA GLU A 283 56.05 11.54 36.38
C GLU A 283 56.04 12.92 35.72
N SER A 284 55.00 13.20 34.93
CA SER A 284 54.89 14.47 34.24
C SER A 284 54.73 15.63 35.22
N ILE A 285 53.91 15.46 36.25
CA ILE A 285 53.77 16.52 37.26
C ILE A 285 55.11 16.78 37.94
N CYS A 286 55.80 15.71 38.34
CA CYS A 286 57.09 15.89 39.00
C CYS A 286 58.06 16.65 38.10
N ARG A 287 58.09 16.32 36.81
CA ARG A 287 58.95 17.05 35.89
C ARG A 287 58.50 18.51 35.72
N PHE A 288 57.18 18.75 35.75
CA PHE A 288 56.67 20.10 35.58
C PHE A 288 57.13 21.01 36.72
N PHE A 289 57.10 20.52 37.95
CA PHE A 289 57.55 21.36 39.07
C PHE A 289 59.06 21.41 39.22
N ALA A 290 59.82 20.97 38.21
CA ALA A 290 61.28 20.99 38.19
C ALA A 290 61.89 20.15 39.32
N VAL A 291 61.13 19.24 39.89
CA VAL A 291 61.65 18.31 40.89
C VAL A 291 61.92 16.97 40.19
N PRO A 292 63.17 16.53 40.10
CA PRO A 292 63.46 15.27 39.43
C PRO A 292 62.68 14.13 40.06
N PRO A 293 62.04 13.30 39.24
CA PRO A 293 61.25 12.18 39.80
C PRO A 293 62.08 11.19 40.59
N SER A 294 63.38 11.08 40.29
CA SER A 294 64.28 10.21 41.03
C SER A 294 65.19 10.99 41.97
N MET A 295 64.69 12.07 42.59
CA MET A 295 65.51 12.90 43.46
C MET A 295 66.01 12.09 44.66
N ILE A 296 65.10 11.62 45.52
CA ILE A 296 65.41 10.55 46.46
C ILE A 296 64.27 9.55 46.36
N GLY A 297 63.63 9.49 45.20
CA GLY A 297 62.53 8.57 45.00
C GLY A 297 61.31 8.91 45.84
N HIS A 298 61.02 10.20 46.03
CA HIS A 298 59.82 10.58 46.75
C HIS A 298 58.55 10.17 46.01
N ALA A 299 58.63 9.99 44.70
CA ALA A 299 57.45 9.65 43.90
C ALA A 299 57.27 8.16 43.71
N SER A 300 58.34 7.38 43.66
CA SER A 300 58.23 5.95 43.46
C SER A 300 59.30 5.19 44.26
N GLY A 307 75.82 8.09 43.82
CA GLY A 307 74.44 8.14 44.27
C GLY A 307 74.07 7.00 45.19
N SER A 308 75.05 6.13 45.45
CA SER A 308 74.81 4.98 46.32
C SER A 308 74.58 5.42 47.76
N GLY A 309 75.46 6.27 48.29
CA GLY A 309 75.29 6.73 49.65
C GLY A 309 74.11 7.67 49.76
N ILE A 310 73.50 7.70 50.95
CA ILE A 310 72.38 8.61 51.18
C ILE A 310 72.85 10.05 51.22
N GLU A 311 74.02 10.30 51.82
CA GLU A 311 74.51 11.68 51.92
C GLU A 311 74.64 12.33 50.56
N ALA A 312 74.95 11.56 49.52
CA ALA A 312 74.99 12.12 48.18
C ALA A 312 73.59 12.50 47.68
N GLN A 313 72.57 11.77 48.12
CA GLN A 313 71.22 12.07 47.65
C GLN A 313 70.75 13.45 48.13
N GLN A 314 70.98 13.78 49.40
CA GLN A 314 70.64 15.12 49.86
C GLN A 314 71.46 16.19 49.15
N LEU A 315 72.72 15.89 48.84
CA LEU A 315 73.55 16.85 48.13
C LEU A 315 72.98 17.15 46.75
N ALA A 316 72.57 16.11 46.03
CA ALA A 316 71.95 16.32 44.72
C ALA A 316 70.66 17.09 44.84
N PHE A 317 69.83 16.71 45.82
CA PHE A 317 68.57 17.41 46.04
C PHE A 317 68.79 18.89 46.25
N LEU A 318 69.68 19.24 47.19
CA LEU A 318 69.99 20.63 47.49
C LEU A 318 70.49 21.32 46.23
N GLY A 319 71.64 20.90 45.71
CA GLY A 319 72.30 21.61 44.64
C GLY A 319 71.55 21.63 43.33
N LEU A 320 70.49 20.83 43.18
CA LEU A 320 69.73 20.86 41.94
C LEU A 320 68.35 21.50 42.07
N THR A 321 67.74 21.48 43.24
CA THR A 321 66.40 22.04 43.37
C THR A 321 66.32 23.22 44.31
N LEU A 322 67.03 23.20 45.43
CA LEU A 322 66.80 24.21 46.45
C LEU A 322 67.69 25.43 46.32
N ALA A 323 68.77 25.36 45.54
CA ALA A 323 69.65 26.51 45.40
C ALA A 323 68.95 27.73 44.80
N PRO A 324 68.19 27.63 43.70
CA PRO A 324 67.52 28.83 43.19
C PRO A 324 66.58 29.50 44.16
N TRP A 325 65.82 28.73 44.94
CA TRP A 325 64.88 29.34 45.88
C TRP A 325 65.61 30.05 47.01
N LEU A 326 66.64 29.42 47.55
CA LEU A 326 67.45 30.06 48.59
C LEU A 326 68.03 31.36 48.09
N ARG A 327 68.62 31.33 46.90
CA ARG A 327 69.24 32.54 46.35
C ARG A 327 68.20 33.63 46.11
N ARG A 328 67.05 33.27 45.57
CA ARG A 328 66.02 34.27 45.29
C ARG A 328 65.53 34.93 46.57
N ILE A 329 65.28 34.13 47.61
CA ILE A 329 64.79 34.71 48.87
C ILE A 329 65.84 35.62 49.47
N GLU A 330 67.10 35.18 49.49
CA GLU A 330 68.16 36.02 50.02
C GLU A 330 68.23 37.36 49.29
N GLN A 331 68.25 37.30 47.96
CA GLN A 331 68.40 38.53 47.16
C GLN A 331 67.25 39.48 47.40
N SER A 332 66.02 38.97 47.35
CA SER A 332 64.86 39.86 47.47
C SER A 332 64.75 40.45 48.86
N LEU A 333 64.99 39.64 49.90
CA LEU A 333 64.97 40.16 51.26
C LEU A 333 66.03 41.23 51.45
N SER A 334 67.24 40.98 50.95
CA SER A 334 68.31 41.96 51.12
C SER A 334 68.02 43.25 50.39
N LEU A 335 67.34 43.16 49.23
CA LEU A 335 67.03 44.39 48.50
C LEU A 335 65.94 45.19 49.18
N ASP A 336 64.87 44.54 49.63
CA ASP A 336 63.73 45.31 50.13
C ASP A 336 63.78 45.60 51.63
N LEU A 337 63.98 44.59 52.46
CA LEU A 337 63.85 44.80 53.90
C LEU A 337 64.98 45.62 54.50
N LEU A 338 66.06 45.86 53.77
CA LEU A 338 67.22 46.57 54.29
C LEU A 338 67.40 47.88 53.55
N THR A 339 67.51 48.97 54.30
CA THR A 339 67.76 50.27 53.70
C THR A 339 69.21 50.35 53.20
N PRO A 340 69.47 51.18 52.19
CA PRO A 340 70.85 51.34 51.72
C PRO A 340 71.82 51.81 52.78
N GLY A 341 71.34 52.42 53.87
CA GLY A 341 72.22 52.75 54.97
C GLY A 341 72.88 51.55 55.61
N GLU A 342 72.17 50.42 55.69
CA GLU A 342 72.71 49.21 56.29
C GLU A 342 72.90 48.10 55.28
N ARG A 343 72.74 48.36 53.99
CA ARG A 343 72.78 47.27 53.02
C ARG A 343 74.20 46.77 52.78
N ARG A 344 75.19 47.63 53.03
CA ARG A 344 76.59 47.27 52.80
C ARG A 344 77.27 46.77 54.07
N GLN A 345 76.55 46.79 55.20
CA GLN A 345 77.09 46.27 56.44
C GLN A 345 76.46 44.96 56.88
N TYR A 346 75.31 44.59 56.32
CA TYR A 346 74.57 43.41 56.74
C TYR A 346 74.25 42.57 55.51
N PHE A 347 74.13 41.26 55.69
CA PHE A 347 73.66 40.37 54.64
C PHE A 347 73.08 39.11 55.25
N VAL A 348 72.06 38.57 54.61
CA VAL A 348 71.39 37.36 55.06
C VAL A 348 72.00 36.17 54.33
N ASP A 349 71.96 35.01 54.99
CA ASP A 349 72.52 33.80 54.40
C ASP A 349 71.95 32.60 55.11
N TYR A 350 71.44 31.65 54.33
CA TYR A 350 70.96 30.38 54.85
C TYR A 350 72.14 29.53 55.29
N ASP A 351 71.92 28.63 56.23
CA ASP A 351 72.90 27.59 56.55
C ASP A 351 72.31 26.22 56.28
N VAL A 352 73.11 25.34 55.71
CA VAL A 352 72.67 24.00 55.33
C VAL A 352 73.57 23.02 56.06
N THR A 353 73.14 22.63 57.25
CA THR A 353 73.83 21.62 58.03
C THR A 353 72.90 20.51 58.48
N THR A 354 71.64 20.82 58.77
CA THR A 354 70.68 19.78 59.11
C THR A 354 70.37 18.90 57.90
N LEU A 355 70.50 19.42 56.70
CA LEU A 355 70.27 18.64 55.48
C LEU A 355 71.52 17.92 55.02
N LEU A 356 72.68 18.18 55.63
CA LEU A 356 73.93 17.55 55.23
C LEU A 356 74.55 16.75 56.36
N ARG A 357 73.72 16.22 57.26
CA ARG A 357 74.24 15.33 58.31
C ARG A 357 74.80 14.07 57.67
N ALA A 358 75.98 13.69 58.11
CA ALA A 358 76.72 12.59 57.50
C ALA A 358 76.69 11.37 58.40
N ASP A 359 77.31 10.30 57.93
CA ASP A 359 77.45 9.08 58.71
C ASP A 359 78.42 9.32 59.87
N SER A 360 78.25 8.51 60.93
CA SER A 360 79.02 8.73 62.15
C SER A 360 80.52 8.57 61.91
N ALA A 361 80.92 7.56 61.14
CA ALA A 361 82.33 7.37 60.84
C ALA A 361 82.88 8.54 60.05
N ALA A 362 82.13 9.03 59.06
CA ALA A 362 82.57 10.16 58.28
C ALA A 362 82.71 11.42 59.14
N ARG A 363 81.74 11.66 60.03
CA ARG A 363 81.83 12.81 60.92
C ARG A 363 83.06 12.71 61.80
N SER A 364 83.32 11.53 62.38
CA SER A 364 84.46 11.36 63.26
C SER A 364 85.77 11.60 62.51
N SER A 365 85.89 11.02 61.32
CA SER A 365 87.11 11.20 60.54
C SER A 365 87.31 12.66 60.16
N PHE A 366 86.23 13.34 59.75
CA PHE A 366 86.34 14.73 59.37
C PHE A 366 86.78 15.60 60.55
N TYR A 367 86.17 15.40 61.71
CA TYR A 367 86.55 16.18 62.88
C TYR A 367 88.00 15.91 63.28
N ALA A 368 88.41 14.63 63.27
CA ALA A 368 89.76 14.28 63.68
C ALA A 368 90.79 14.90 62.74
N THR A 369 90.57 14.80 61.43
CA THR A 369 91.53 15.35 60.48
C THR A 369 91.49 16.87 60.45
N MET A 370 90.39 17.49 60.86
CA MET A 370 90.36 18.95 60.94
C MET A 370 91.08 19.47 62.17
N VAL A 371 90.90 18.80 63.32
CA VAL A 371 91.57 19.28 64.53
C VAL A 371 93.05 18.91 64.52
N ASN A 372 93.43 17.86 63.81
CA ASN A 372 94.82 17.44 63.82
C ASN A 372 95.69 18.41 63.03
N ASN A 373 95.19 18.93 61.91
CA ASN A 373 95.95 19.84 61.07
C ASN A 373 95.89 21.28 61.56
N GLY A 374 95.17 21.56 62.63
CA GLY A 374 95.11 22.91 63.16
C GLY A 374 94.19 23.84 62.43
N VAL A 375 93.27 23.32 61.63
CA VAL A 375 92.31 24.19 60.95
C VAL A 375 91.33 24.79 61.94
N MET A 376 90.79 23.98 62.85
CA MET A 376 89.80 24.43 63.81
C MET A 376 90.15 23.91 65.20
N THR A 377 89.76 24.68 66.21
CA THR A 377 90.02 24.26 67.58
C THR A 377 88.99 23.23 68.05
N ARG A 378 89.27 22.60 69.17
CA ARG A 378 88.42 21.54 69.68
C ARG A 378 87.13 22.07 70.31
N ASP A 379 87.11 23.34 70.70
CA ASP A 379 85.89 23.92 71.25
C ASP A 379 84.79 23.98 70.21
N GLU A 380 85.13 24.25 68.95
CA GLU A 380 84.13 24.23 67.90
C GLU A 380 83.53 22.84 67.74
N CYS A 381 84.36 21.80 67.77
CA CYS A 381 83.83 20.45 67.70
C CYS A 381 82.94 20.14 68.89
N ARG A 382 83.35 20.58 70.09
CA ARG A 382 82.53 20.32 71.27
C ARG A 382 81.17 21.02 71.17
N GLU A 383 81.15 22.26 70.66
CA GLU A 383 79.87 22.93 70.43
C GLU A 383 79.04 22.20 69.39
N ALA A 384 79.66 21.74 68.30
CA ALA A 384 78.91 21.13 67.20
C ALA A 384 78.22 19.85 67.62
N GLU A 385 78.70 19.19 68.68
CA GLU A 385 78.09 17.97 69.17
C GLU A 385 77.22 18.21 70.40
N GLY A 386 76.92 19.46 70.73
CA GLY A 386 76.10 19.76 71.89
C GLY A 386 76.76 19.43 73.21
N LEU A 387 78.06 19.66 73.33
CA LEU A 387 78.82 19.41 74.54
C LEU A 387 79.28 20.73 75.14
N PRO A 388 79.45 20.80 76.45
CA PRO A 388 79.90 22.06 77.07
C PRO A 388 81.36 22.33 76.78
N LYS A 389 81.68 23.60 76.54
CA LYS A 389 83.04 23.98 76.23
C LYS A 389 83.94 23.88 77.45
N LEU A 390 85.23 23.72 77.20
CA LEU A 390 86.25 23.72 78.23
C LEU A 390 87.29 24.77 77.90
N GLY A 391 87.85 25.40 78.93
CA GLY A 391 88.84 26.44 78.75
C GLY A 391 90.23 25.87 78.53
N GLY A 392 91.21 26.78 78.49
CA GLY A 392 92.60 26.39 78.36
C GLY A 392 93.06 26.19 76.94
N ASN A 393 93.92 25.21 76.72
CA ASN A 393 94.49 24.94 75.40
C ASN A 393 93.51 24.29 74.45
N ALA A 394 92.28 24.01 74.89
CA ALA A 394 91.27 23.51 73.96
C ALA A 394 90.76 24.60 73.03
N SER A 395 91.13 25.86 73.28
CA SER A 395 90.71 26.98 72.45
C SER A 395 91.80 27.49 71.53
N VAL A 396 92.95 26.82 71.47
CA VAL A 396 94.06 27.25 70.62
C VAL A 396 94.34 26.18 69.57
N LEU A 397 94.89 26.60 68.45
CA LEU A 397 95.19 25.69 67.36
C LEU A 397 96.41 24.84 67.70
N THR A 398 96.33 23.55 67.43
CA THR A 398 97.44 22.63 67.65
C THR A 398 97.84 21.98 66.34
N VAL A 399 99.15 21.77 66.17
CA VAL A 399 99.72 21.28 64.93
C VAL A 399 100.77 20.23 65.28
N GLN A 400 101.08 19.37 64.31
CA GLN A 400 102.12 18.37 64.48
C GLN A 400 103.44 19.01 64.92
N SER A 401 104.28 18.21 65.58
CA SER A 401 105.54 18.72 66.11
C SER A 401 106.46 19.19 65.00
N ALA A 402 106.55 18.44 63.91
CA ALA A 402 107.49 18.74 62.83
C ALA A 402 106.78 19.50 61.72
N MET A 403 106.56 20.79 61.98
CA MET A 403 105.95 21.71 61.01
C MET A 403 106.70 23.03 61.13
N VAL A 404 107.53 23.33 60.13
CA VAL A 404 108.35 24.53 60.14
C VAL A 404 107.76 25.56 59.20
N PRO A 405 107.74 26.84 59.55
CA PRO A 405 107.24 27.86 58.61
C PRO A 405 108.03 27.85 57.31
N LEU A 406 107.31 28.09 56.21
CA LEU A 406 107.91 27.96 54.88
C LEU A 406 109.04 28.94 54.65
N ASP A 407 109.05 30.06 55.36
CA ASP A 407 110.15 31.02 55.22
C ASP A 407 111.33 30.71 56.13
N GLU A 408 111.20 29.70 57.00
CA GLU A 408 112.22 29.38 57.98
C GLU A 408 113.04 28.16 57.60
N ILE A 409 112.91 27.66 56.38
CA ILE A 409 113.63 26.46 55.96
C ILE A 409 115.01 26.85 55.45
N THR A 410 116.03 26.10 55.87
CA THR A 410 117.40 26.34 55.44
C THR A 410 118.21 25.05 55.56
N ALA B 2 -11.47 -1.01 18.27
CA ALA B 2 -11.59 -0.90 19.72
C ALA B 2 -11.99 -2.25 20.33
N LEU B 3 -11.59 -3.34 19.67
CA LEU B 3 -11.93 -4.69 20.11
C LEU B 3 -13.44 -4.85 20.28
N THR B 4 -14.19 -4.32 19.32
CA THR B 4 -15.62 -4.52 19.26
C THR B 4 -15.93 -5.77 18.46
N LEU B 5 -17.16 -6.27 18.62
CA LEU B 5 -17.59 -7.46 17.90
C LEU B 5 -17.48 -7.25 16.40
N ALA B 6 -17.81 -6.05 15.92
CA ALA B 6 -17.70 -5.77 14.48
C ALA B 6 -16.26 -5.88 14.01
N MET B 7 -15.33 -5.29 14.76
CA MET B 7 -13.92 -5.34 14.36
C MET B 7 -13.40 -6.77 14.40
N VAL B 8 -13.76 -7.55 15.42
CA VAL B 8 -13.29 -8.92 15.50
C VAL B 8 -13.85 -9.75 14.36
N GLN B 9 -15.15 -9.60 14.07
CA GLN B 9 -15.76 -10.34 12.97
C GLN B 9 -15.09 -10.00 11.65
N ARG B 10 -14.81 -8.71 11.42
CA ARG B 10 -14.19 -8.31 10.17
C ARG B 10 -12.75 -8.81 10.07
N HIS B 11 -12.02 -8.79 11.17
CA HIS B 11 -10.63 -9.26 11.15
C HIS B 11 -10.57 -10.76 10.86
N LEU B 12 -11.33 -11.55 11.62
CA LEU B 12 -11.26 -13.00 11.44
C LEU B 12 -11.95 -13.48 10.17
N GLN B 13 -12.69 -12.60 9.49
CA GLN B 13 -13.44 -12.96 8.29
C GLN B 13 -14.38 -14.14 8.55
N ALA B 14 -15.06 -14.09 9.69
CA ALA B 14 -15.96 -15.18 10.07
C ALA B 14 -17.05 -14.61 10.96
N ASP B 15 -18.28 -14.55 10.45
CA ASP B 15 -19.41 -14.12 11.26
C ASP B 15 -19.68 -15.14 12.36
N LEU B 16 -20.01 -14.64 13.54
CA LEU B 16 -20.22 -15.47 14.72
C LEU B 16 -21.68 -15.34 15.13
N ILE B 17 -22.53 -16.17 14.52
CA ILE B 17 -23.97 -16.11 14.80
C ILE B 17 -24.35 -17.02 15.96
N GLU B 18 -23.72 -18.18 16.07
CA GLU B 18 -24.03 -19.10 17.15
C GLU B 18 -23.54 -18.53 18.48
N ASP B 19 -24.34 -18.72 19.54
CA ASP B 19 -24.02 -18.11 20.82
C ASP B 19 -22.78 -18.73 21.45
N ASP B 20 -22.60 -20.04 21.32
CA ASP B 20 -21.46 -20.70 21.94
C ASP B 20 -20.15 -20.26 21.29
N GLU B 21 -20.11 -20.18 19.96
CA GLU B 21 -18.89 -19.77 19.28
C GLU B 21 -18.52 -18.34 19.62
N ARG B 22 -19.52 -17.44 19.63
CA ARG B 22 -19.27 -16.05 20.00
C ARG B 22 -18.78 -15.95 21.43
N SER B 23 -19.39 -16.72 22.34
CA SER B 23 -18.94 -16.70 23.72
C SER B 23 -17.49 -17.15 23.83
N TYR B 24 -17.13 -18.22 23.13
CA TYR B 24 -15.75 -18.70 23.15
C TYR B 24 -14.80 -17.61 22.67
N VAL B 25 -15.06 -17.05 21.49
CA VAL B 25 -14.12 -16.10 20.89
C VAL B 25 -14.00 -14.85 21.75
N MET B 26 -15.11 -14.33 22.26
CA MET B 26 -15.10 -13.04 22.93
C MET B 26 -14.94 -13.13 24.44
N GLU B 27 -14.83 -14.34 25.01
CA GLU B 27 -14.65 -14.47 26.45
C GLU B 27 -13.52 -15.39 26.87
N GLN B 28 -12.89 -16.12 25.95
CA GLN B 28 -11.74 -16.95 26.27
C GLN B 28 -10.53 -16.66 25.42
N LEU B 29 -10.73 -16.06 24.25
CA LEU B 29 -9.69 -15.97 23.24
C LEU B 29 -9.15 -14.54 23.10
N LEU B 30 -10.04 -13.56 22.99
CA LEU B 30 -9.61 -12.17 23.00
C LEU B 30 -8.98 -11.75 24.33
N PRO B 31 -9.58 -12.03 25.49
CA PRO B 31 -8.91 -11.66 26.74
C PRO B 31 -7.56 -12.32 26.93
N ALA B 32 -7.34 -13.52 26.39
CA ALA B 32 -6.02 -14.13 26.48
C ALA B 32 -4.98 -13.32 25.74
N ALA B 33 -5.31 -12.86 24.53
CA ALA B 33 -4.39 -12.01 23.78
C ALA B 33 -4.15 -10.69 24.50
N ARG B 34 -5.21 -10.11 25.06
CA ARG B 34 -5.03 -8.86 25.80
C ARG B 34 -4.12 -9.05 27.01
N GLU B 35 -4.31 -10.13 27.76
CA GLU B 35 -3.43 -10.42 28.90
C GLU B 35 -2.00 -10.62 28.44
N SER B 36 -1.79 -11.36 27.36
CA SER B 36 -0.43 -11.62 26.90
C SER B 36 0.28 -10.34 26.49
N ALA B 37 -0.40 -9.46 25.76
CA ALA B 37 0.21 -8.19 25.36
C ALA B 37 0.47 -7.30 26.57
N GLU B 38 -0.51 -7.25 27.49
CA GLU B 38 -0.36 -6.43 28.68
C GLU B 38 0.77 -6.93 29.57
N MET B 39 1.08 -8.22 29.52
CA MET B 39 2.20 -8.76 30.30
C MET B 39 3.52 -8.55 29.60
N PHE B 40 3.53 -8.59 28.26
CA PHE B 40 4.77 -8.32 27.53
C PHE B 40 5.18 -6.86 27.63
N LEU B 41 4.21 -5.95 27.71
CA LEU B 41 4.54 -4.52 27.75
C LEU B 41 5.09 -4.08 29.11
N ASN B 42 5.01 -4.91 30.14
CA ASN B 42 5.43 -4.54 31.49
C ASN B 42 4.68 -3.32 32.02
N ARG B 43 3.42 -3.16 31.63
CA ARG B 43 2.61 -2.05 32.10
C ARG B 43 1.15 -2.39 31.93
N ASN B 44 0.29 -1.64 32.61
CA ASN B 44 -1.14 -1.82 32.53
C ASN B 44 -1.71 -0.99 31.38
N ILE B 45 -2.62 -1.58 30.63
CA ILE B 45 -3.29 -0.91 29.51
C ILE B 45 -4.79 -0.90 29.77
N TYR B 46 -5.41 0.25 29.58
CA TYR B 46 -6.84 0.43 29.75
C TYR B 46 -7.44 0.97 28.46
N SER B 47 -8.65 0.51 28.14
CA SER B 47 -9.26 0.85 26.87
C SER B 47 -9.61 2.32 26.77
N THR B 48 -10.11 2.91 27.85
CA THR B 48 -10.60 4.27 27.82
C THR B 48 -10.09 5.05 29.03
N SER B 49 -10.11 6.38 28.91
CA SER B 49 -9.50 7.23 29.92
C SER B 49 -10.25 7.17 31.25
N GLU B 50 -11.58 7.04 31.21
CA GLU B 50 -12.35 6.98 32.43
C GLU B 50 -11.99 5.73 33.24
N GLU B 51 -11.79 4.60 32.57
CA GLU B 51 -11.38 3.39 33.27
C GLU B 51 -10.00 3.57 33.89
N LEU B 52 -9.09 4.25 33.18
CA LEU B 52 -7.77 4.52 33.74
C LEU B 52 -7.87 5.38 35.00
N ALA B 53 -8.72 6.42 34.96
CA ALA B 53 -8.91 7.26 36.13
C ALA B 53 -9.50 6.46 37.29
N ALA B 54 -10.47 5.59 37.00
CA ALA B 54 -11.04 4.75 38.04
C ALA B 54 -10.00 3.83 38.66
N ALA B 55 -9.15 3.24 37.82
CA ALA B 55 -8.11 2.35 38.33
C ALA B 55 -7.09 3.12 39.17
N VAL B 56 -6.74 4.34 38.74
CA VAL B 56 -5.83 5.15 39.54
C VAL B 56 -6.45 5.49 40.89
N ALA B 57 -7.75 5.83 40.89
CA ALA B 57 -8.43 6.13 42.15
C ALA B 57 -8.43 4.92 43.07
N ALA B 58 -8.78 3.74 42.55
CA ALA B 58 -8.78 2.53 43.37
C ALA B 58 -7.37 2.09 43.75
N GLY B 59 -6.34 2.67 43.14
CA GLY B 59 -4.96 2.37 43.48
C GLY B 59 -4.37 1.16 42.80
N THR B 60 -5.15 0.43 42.00
CA THR B 60 -4.65 -0.78 41.36
C THR B 60 -3.79 -0.49 40.14
N ALA B 61 -3.84 0.73 39.59
CA ALA B 61 -3.00 1.06 38.46
C ALA B 61 -1.55 1.21 38.90
N GLY B 62 -0.65 0.57 38.19
CA GLY B 62 0.77 0.63 38.49
C GLY B 62 1.44 1.82 37.85
N GLN B 63 2.76 1.74 37.75
CA GLN B 63 3.52 2.79 37.09
C GLN B 63 3.35 2.70 35.58
N TYR B 64 3.37 3.87 34.94
CA TYR B 64 3.27 4.00 33.49
C TYR B 64 2.05 3.27 32.90
N PRO B 65 0.83 3.71 33.23
CA PRO B 65 -0.34 3.17 32.53
C PRO B 65 -0.74 4.06 31.36
N LEU B 66 -1.13 3.43 30.26
CA LEU B 66 -1.53 4.17 29.07
C LEU B 66 -2.88 3.70 28.56
N VAL B 67 -3.60 4.62 27.92
CA VAL B 67 -4.79 4.28 27.16
C VAL B 67 -4.35 3.66 25.83
N THR B 68 -4.99 2.57 25.46
CA THR B 68 -4.50 1.73 24.37
C THR B 68 -4.49 2.50 23.05
N PRO B 69 -3.36 2.62 22.37
CA PRO B 69 -3.32 3.23 21.04
C PRO B 69 -3.75 2.21 19.99
N ARG B 70 -3.69 2.64 18.73
CA ARG B 70 -4.12 1.75 17.65
C ARG B 70 -3.11 0.66 17.37
N ALA B 71 -1.81 0.92 17.56
CA ALA B 71 -0.80 -0.10 17.29
C ALA B 71 -0.95 -1.29 18.23
N VAL B 72 -1.24 -1.04 19.50
CA VAL B 72 -1.44 -2.13 20.45
C VAL B 72 -2.70 -2.91 20.08
N GLU B 73 -3.73 -2.22 19.62
CA GLU B 73 -4.94 -2.92 19.15
C GLU B 73 -4.62 -3.82 17.98
N GLN B 74 -3.83 -3.33 17.03
CA GLN B 74 -3.46 -4.15 15.87
C GLN B 74 -2.65 -5.36 16.28
N ALA B 75 -1.72 -5.19 17.21
CA ALA B 75 -0.91 -6.33 17.67
C ALA B 75 -1.78 -7.35 18.41
N ILE B 76 -2.71 -6.88 19.24
CA ILE B 76 -3.63 -7.79 19.92
C ILE B 76 -4.47 -8.55 18.91
N LEU B 77 -4.91 -7.87 17.86
CA LEU B 77 -5.67 -8.55 16.81
C LEU B 77 -4.82 -9.59 16.10
N LEU B 78 -3.54 -9.30 15.86
CA LEU B 78 -2.67 -10.28 15.24
C LEU B 78 -2.51 -11.52 16.12
N MET B 79 -2.33 -11.32 17.42
CA MET B 79 -2.23 -12.47 18.33
C MET B 79 -3.53 -13.25 18.35
N LEU B 80 -4.67 -12.57 18.35
CA LEU B 80 -5.96 -13.24 18.31
C LEU B 80 -6.13 -14.07 17.04
N GLY B 81 -5.71 -13.53 15.90
CA GLY B 81 -5.78 -14.29 14.66
C GLY B 81 -4.89 -15.50 14.69
N ASP B 82 -3.71 -15.38 15.30
CA ASP B 82 -2.84 -16.55 15.47
C ASP B 82 -3.50 -17.61 16.34
N PHE B 83 -4.14 -17.19 17.43
CA PHE B 83 -4.83 -18.15 18.29
C PHE B 83 -5.97 -18.84 17.55
N TYR B 84 -6.68 -18.09 16.71
CA TYR B 84 -7.84 -18.65 16.03
C TYR B 84 -7.43 -19.59 14.90
N ARG B 85 -6.29 -19.34 14.26
CA ARG B 85 -5.92 -20.14 13.10
C ARG B 85 -5.49 -21.54 13.50
N ASP B 86 -4.43 -21.66 14.29
CA ASP B 86 -3.89 -22.96 14.68
C ASP B 86 -4.14 -23.22 16.16
N ARG B 87 -4.43 -24.47 16.50
CA ARG B 87 -4.93 -24.82 17.83
C ARG B 87 -4.13 -25.95 18.46
N GLU B 88 -2.87 -26.11 18.06
CA GLU B 88 -1.98 -27.08 18.66
C GLU B 88 -0.66 -26.42 19.02
N ALA B 89 0.02 -26.99 20.01
CA ALA B 89 1.32 -26.48 20.44
C ALA B 89 2.39 -27.03 19.51
N THR B 90 3.01 -26.15 18.73
CA THR B 90 4.11 -26.50 17.85
C THR B 90 5.34 -25.67 18.20
N GLY B 91 6.43 -25.94 17.50
CA GLY B 91 7.69 -25.25 17.76
C GLY B 91 7.80 -23.91 17.06
N LYS B 92 6.85 -23.02 17.33
CA LYS B 92 6.89 -21.69 16.73
C LYS B 92 7.92 -20.82 17.46
N PRO B 93 8.55 -19.88 16.76
CA PRO B 93 9.60 -19.07 17.37
C PRO B 93 9.06 -17.88 18.14
N VAL B 94 9.81 -17.49 19.16
CA VAL B 94 9.51 -16.30 19.95
C VAL B 94 9.86 -15.09 19.10
N SER B 95 9.38 -13.90 19.50
CA SER B 95 9.55 -12.67 18.74
C SER B 95 8.90 -12.79 17.35
N THR B 96 7.58 -12.93 17.37
CA THR B 96 6.78 -12.99 16.15
C THR B 96 6.58 -11.58 15.61
N SER B 97 5.64 -11.43 14.68
CA SER B 97 5.41 -10.15 14.04
C SER B 97 4.59 -9.21 14.90
N ALA B 98 3.97 -9.69 15.98
CA ALA B 98 3.27 -8.79 16.88
C ALA B 98 4.24 -8.04 17.77
N HIS B 99 5.33 -8.70 18.18
CA HIS B 99 6.31 -8.05 19.03
C HIS B 99 7.08 -6.95 18.32
N ASN B 100 7.07 -6.92 16.98
CA ASN B 100 7.66 -5.81 16.27
C ASN B 100 6.83 -4.54 16.45
N LEU B 101 5.50 -4.67 16.41
CA LEU B 101 4.63 -3.51 16.60
C LEU B 101 4.57 -3.10 18.07
N LEU B 102 4.49 -4.07 18.97
CA LEU B 102 4.33 -3.76 20.39
C LEU B 102 5.59 -3.17 21.00
N TYR B 103 6.74 -3.32 20.37
CA TYR B 103 8.00 -3.10 21.09
C TYR B 103 8.22 -1.65 21.50
N PRO B 104 7.95 -0.63 20.66
CA PRO B 104 8.19 0.75 21.11
C PRO B 104 7.38 1.18 22.32
N TYR B 105 6.33 0.43 22.69
CA TYR B 105 5.54 0.77 23.86
C TYR B 105 6.02 0.09 25.13
N ARG B 106 7.01 -0.80 25.03
CA ARG B 106 7.59 -1.41 26.22
C ARG B 106 8.24 -0.33 27.08
N VAL B 107 8.16 -0.50 28.40
CA VAL B 107 8.57 0.54 29.33
C VAL B 107 9.84 0.16 30.10
N LYS B 108 9.81 -0.94 30.84
CA LYS B 108 10.93 -1.29 31.72
C LYS B 108 11.84 -2.31 31.06
N VAL B 109 12.44 -1.92 29.96
CA VAL B 109 13.46 -2.74 29.30
C VAL B 109 14.79 -2.46 30.00
N GLY B 110 15.49 -3.53 30.39
CA GLY B 110 16.70 -3.36 31.15
C GLY B 110 17.44 -4.68 31.30
N VAL B 111 18.53 -4.63 32.05
CA VAL B 111 19.36 -5.80 32.25
C VAL B 111 20.15 -5.68 33.54
N PRO C 2 -4.22 -14.39 2.02
CA PRO C 2 -3.28 -14.40 0.90
C PRO C 2 -3.95 -14.11 -0.43
N ILE C 3 -4.26 -12.83 -0.67
CA ILE C 3 -4.91 -12.41 -1.90
C ILE C 3 -3.89 -11.69 -2.78
N SER C 4 -2.92 -11.03 -2.16
CA SER C 4 -1.79 -10.40 -2.84
C SER C 4 -2.29 -9.38 -3.88
N ALA C 5 -2.88 -8.32 -3.35
CA ALA C 5 -3.30 -7.21 -4.20
C ALA C 5 -2.13 -6.67 -5.01
N GLY C 6 -2.44 -6.00 -6.11
CA GLY C 6 -1.43 -5.54 -7.04
C GLY C 6 -1.19 -6.49 -8.19
N SER C 7 -1.53 -7.76 -8.03
CA SER C 7 -1.67 -8.68 -9.14
C SER C 7 -3.00 -8.53 -9.84
N LEU C 8 -3.93 -7.79 -9.24
CA LEU C 8 -5.24 -7.49 -9.82
C LEU C 8 -5.11 -6.27 -10.71
N LYS C 9 -4.36 -6.43 -11.80
CA LYS C 9 -3.95 -5.31 -12.62
C LYS C 9 -4.88 -5.01 -13.77
N THR C 10 -5.99 -5.73 -13.91
CA THR C 10 -6.91 -5.54 -15.02
C THR C 10 -8.24 -4.99 -14.53
N ARG C 11 -8.76 -3.98 -15.22
CA ARG C 11 -10.03 -3.35 -14.88
C ARG C 11 -11.10 -3.86 -15.84
N LEU C 12 -12.01 -4.69 -15.32
CA LEU C 12 -13.03 -5.30 -16.14
C LEU C 12 -14.29 -4.42 -16.13
N LEU C 13 -15.40 -4.94 -16.64
CA LEU C 13 -16.66 -4.21 -16.64
C LEU C 13 -17.79 -5.24 -16.68
N ALA C 14 -18.41 -5.47 -15.53
CA ALA C 14 -19.52 -6.42 -15.43
C ALA C 14 -20.82 -5.74 -15.78
N GLN C 15 -21.70 -6.45 -16.47
CA GLN C 15 -22.99 -5.89 -16.84
C GLN C 15 -23.96 -7.02 -17.13
N ARG C 16 -25.23 -6.81 -16.77
CA ARG C 16 -26.26 -7.81 -16.92
C ARG C 16 -27.30 -7.34 -17.94
N ARG C 17 -28.26 -8.23 -18.21
CA ARG C 17 -29.23 -8.04 -19.28
C ARG C 17 -30.53 -7.48 -18.73
N THR C 18 -31.20 -6.67 -19.55
CA THR C 18 -32.50 -6.13 -19.18
C THR C 18 -33.53 -7.26 -19.07
N SER C 19 -34.43 -7.13 -18.10
CA SER C 19 -35.41 -8.17 -17.86
C SER C 19 -36.50 -8.14 -18.93
N GLY C 20 -37.38 -9.14 -18.88
CA GLY C 20 -38.46 -9.24 -19.84
C GLY C 20 -38.04 -9.96 -21.10
N THR C 21 -39.02 -10.07 -22.02
CA THR C 21 -38.82 -10.73 -23.30
C THR C 21 -39.42 -9.87 -24.40
N ASP C 22 -38.94 -10.09 -25.62
CA ASP C 22 -39.47 -9.40 -26.79
C ASP C 22 -40.75 -10.12 -27.26
N ASP C 23 -41.19 -9.81 -28.47
CA ASP C 23 -42.44 -10.36 -28.99
C ASP C 23 -42.40 -11.88 -29.04
N TRP C 24 -41.29 -12.45 -29.52
CA TRP C 24 -41.18 -13.90 -29.66
C TRP C 24 -40.86 -14.61 -28.36
N GLY C 25 -40.39 -13.91 -27.33
CA GLY C 25 -39.95 -14.54 -26.11
C GLY C 25 -38.45 -14.73 -25.99
N ALA C 26 -37.69 -14.43 -27.03
CA ALA C 26 -36.25 -14.53 -26.96
C ALA C 26 -35.70 -13.47 -26.02
N PRO C 27 -34.52 -13.70 -25.42
CA PRO C 27 -33.94 -12.70 -24.53
C PRO C 27 -33.70 -11.39 -25.25
N VAL C 28 -33.91 -10.29 -24.53
CA VAL C 28 -33.72 -8.96 -25.11
C VAL C 28 -32.23 -8.73 -25.32
N GLN C 29 -31.87 -8.28 -26.52
CA GLN C 29 -30.47 -8.10 -26.89
C GLN C 29 -29.92 -6.74 -26.51
N GLY C 30 -30.54 -6.08 -25.53
CA GLY C 30 -29.99 -4.87 -24.95
C GLY C 30 -29.35 -5.18 -23.62
N TRP C 31 -28.31 -4.42 -23.28
CA TRP C 31 -27.48 -4.71 -22.12
C TRP C 31 -27.41 -3.50 -21.21
N SER C 32 -27.68 -3.72 -19.93
CA SER C 32 -27.56 -2.69 -18.91
C SER C 32 -26.12 -2.63 -18.41
N ASP C 33 -25.90 -1.94 -17.29
CA ASP C 33 -24.58 -1.79 -16.71
C ASP C 33 -24.63 -2.09 -15.22
N LEU C 34 -23.50 -2.56 -14.68
CA LEU C 34 -23.37 -2.82 -13.26
C LEU C 34 -22.29 -1.98 -12.60
N GLY C 35 -21.08 -2.00 -13.15
CA GLY C 35 -19.98 -1.28 -12.55
C GLY C 35 -18.67 -1.92 -12.96
N LEU C 36 -17.60 -1.48 -12.31
CA LEU C 36 -16.26 -1.95 -12.62
C LEU C 36 -15.64 -2.63 -11.40
N PHE C 37 -14.86 -3.67 -11.66
CA PHE C 37 -14.12 -4.37 -10.62
C PHE C 37 -12.75 -4.71 -11.17
N SER C 38 -11.96 -5.42 -10.37
CA SER C 38 -10.59 -5.77 -10.72
C SER C 38 -10.37 -7.26 -10.50
N GLY C 39 -9.56 -7.87 -11.36
CA GLY C 39 -9.33 -9.30 -11.28
C GLY C 39 -8.06 -9.72 -11.99
N ASP C 40 -7.68 -10.97 -11.75
CA ASP C 40 -6.48 -11.57 -12.33
C ASP C 40 -6.91 -12.66 -13.31
N VAL C 41 -6.55 -12.49 -14.58
CA VAL C 41 -7.00 -13.38 -15.65
C VAL C 41 -5.95 -14.47 -15.87
N LYS C 42 -6.39 -15.72 -15.91
CA LYS C 42 -5.51 -16.86 -16.11
C LYS C 42 -5.90 -17.55 -17.41
N ASN C 43 -4.97 -17.64 -18.34
CA ASN C 43 -5.24 -18.18 -19.68
C ASN C 43 -5.16 -19.70 -19.65
N ASP C 44 -5.27 -20.31 -20.83
CA ASP C 44 -5.07 -21.74 -21.02
C ASP C 44 -3.90 -21.90 -21.98
N THR C 45 -2.69 -21.87 -21.45
CA THR C 45 -1.53 -22.09 -22.30
C THR C 45 -1.40 -23.57 -22.66
N GLY C 46 -0.78 -23.82 -23.79
CA GLY C 46 -0.60 -25.17 -24.27
C GLY C 46 -1.38 -25.44 -25.55
N LEU C 47 -0.92 -26.46 -26.27
CA LEU C 47 -1.53 -26.82 -27.55
C LEU C 47 -2.92 -27.39 -27.32
N GLY C 48 -3.77 -27.24 -28.35
CA GLY C 48 -5.12 -27.75 -28.27
C GLY C 48 -5.95 -27.11 -27.19
N ALA C 49 -5.71 -25.83 -26.90
CA ALA C 49 -6.46 -25.09 -25.90
C ALA C 49 -7.60 -24.30 -26.50
N ILE C 50 -7.86 -24.47 -27.80
CA ILE C 50 -8.91 -23.74 -28.50
C ILE C 50 -9.80 -24.75 -29.20
N ARG C 51 -11.10 -24.49 -29.19
CA ARG C 51 -12.10 -25.40 -29.75
C ARG C 51 -12.62 -24.83 -31.06
N THR C 52 -12.56 -25.65 -32.11
CA THR C 52 -12.84 -25.17 -33.47
C THR C 52 -14.29 -25.43 -33.89
N ALA C 53 -14.72 -26.67 -33.89
CA ALA C 53 -16.07 -27.01 -34.31
C ALA C 53 -17.05 -26.88 -33.16
N ALA C 54 -18.31 -26.58 -33.50
CA ALA C 54 -19.35 -26.43 -32.50
C ALA C 54 -20.68 -26.82 -33.14
N GLY C 55 -21.12 -28.05 -32.90
CA GLY C 55 -22.42 -28.48 -33.35
C GLY C 55 -22.47 -29.04 -34.76
N SER C 56 -23.32 -28.46 -35.61
CA SER C 56 -23.56 -28.98 -36.95
C SER C 56 -22.48 -28.50 -37.92
N GLY C 57 -21.24 -28.78 -37.56
CA GLY C 57 -20.11 -28.40 -38.41
C GLY C 57 -19.98 -26.91 -38.62
N LEU C 58 -20.33 -26.11 -37.61
CA LEU C 58 -20.25 -24.67 -37.72
C LEU C 58 -18.94 -24.19 -37.12
N PRO C 59 -18.11 -23.46 -37.87
CA PRO C 59 -16.79 -23.09 -37.36
C PRO C 59 -16.89 -22.13 -36.19
N ALA C 60 -15.90 -22.20 -35.30
CA ALA C 60 -15.83 -21.34 -34.14
C ALA C 60 -14.39 -21.32 -33.63
N SER C 61 -14.13 -20.49 -32.63
CA SER C 61 -12.83 -20.46 -31.96
C SER C 61 -13.07 -19.96 -30.54
N ILE C 62 -13.13 -20.89 -29.59
CA ILE C 62 -13.50 -20.60 -28.21
C ILE C 62 -12.37 -21.06 -27.30
N ALA C 63 -11.93 -20.18 -26.42
CA ALA C 63 -10.86 -20.48 -25.47
C ALA C 63 -11.26 -19.95 -24.10
N LYS C 64 -11.48 -20.85 -23.15
CA LYS C 64 -11.97 -20.46 -21.83
C LYS C 64 -10.86 -19.90 -20.96
N TYR C 65 -11.19 -18.91 -20.16
CA TYR C 65 -10.30 -18.23 -19.23
C TYR C 65 -10.81 -18.43 -17.79
N SER C 66 -10.18 -17.72 -16.86
CA SER C 66 -10.60 -17.75 -15.46
C SER C 66 -10.18 -16.45 -14.81
N ILE C 67 -11.11 -15.78 -14.14
CA ILE C 67 -10.84 -14.51 -13.47
C ILE C 67 -10.90 -14.74 -11.97
N LYS C 68 -9.85 -14.34 -11.26
CA LYS C 68 -9.81 -14.41 -9.80
C LYS C 68 -10.11 -13.03 -9.25
N VAL C 69 -11.19 -12.92 -8.49
CA VAL C 69 -11.67 -11.64 -8.00
C VAL C 69 -11.73 -11.68 -6.48
N ARG C 70 -11.76 -10.49 -5.88
CA ARG C 70 -11.96 -10.39 -4.45
C ARG C 70 -13.37 -10.79 -4.09
N SER C 71 -13.57 -11.18 -2.83
CA SER C 71 -14.85 -11.72 -2.41
C SER C 71 -15.95 -10.66 -2.33
N GLU C 72 -15.62 -9.39 -2.47
CA GLU C 72 -16.61 -8.34 -2.32
C GLU C 72 -17.50 -8.20 -3.56
N VAL C 73 -16.93 -8.41 -4.75
CA VAL C 73 -17.70 -8.23 -5.97
C VAL C 73 -18.75 -9.33 -6.15
N ILE C 74 -18.62 -10.45 -5.46
CA ILE C 74 -19.62 -11.50 -5.51
C ILE C 74 -20.75 -11.26 -4.51
N ARG C 75 -20.51 -10.47 -3.48
CA ARG C 75 -21.57 -10.14 -2.53
C ARG C 75 -22.29 -8.85 -2.88
N ARG C 76 -21.60 -7.89 -3.50
CA ARG C 76 -22.26 -6.65 -3.89
C ARG C 76 -23.32 -6.91 -4.96
N TRP C 77 -22.93 -7.58 -6.04
CA TRP C 77 -23.86 -8.06 -7.05
C TRP C 77 -24.05 -9.56 -6.83
N SER C 78 -24.76 -10.21 -7.76
CA SER C 78 -24.91 -11.66 -7.74
C SER C 78 -24.59 -12.15 -9.14
N ILE C 79 -23.31 -12.42 -9.39
CA ILE C 79 -22.87 -12.86 -10.71
C ILE C 79 -23.21 -14.33 -10.88
N ASN C 80 -23.88 -14.66 -11.99
CA ASN C 80 -24.22 -16.03 -12.30
C ASN C 80 -24.04 -16.24 -13.81
N SER C 81 -24.59 -17.34 -14.31
CA SER C 81 -24.34 -17.76 -15.68
C SER C 81 -24.94 -16.83 -16.72
N ALA C 82 -25.79 -15.89 -16.33
CA ALA C 82 -26.56 -15.08 -17.27
C ALA C 82 -26.01 -13.67 -17.42
N ASP C 83 -24.72 -13.47 -17.16
CA ASP C 83 -24.08 -12.17 -17.28
C ASP C 83 -22.98 -12.23 -18.33
N ARG C 84 -22.39 -11.08 -18.61
CA ARG C 84 -21.23 -10.99 -19.49
C ARG C 84 -20.28 -9.94 -18.95
N ILE C 85 -18.99 -10.11 -19.25
CA ILE C 85 -17.94 -9.26 -18.73
C ILE C 85 -17.13 -8.73 -19.91
N ILE C 86 -16.87 -7.42 -19.90
CA ILE C 86 -16.14 -6.75 -20.96
C ILE C 86 -14.80 -6.29 -20.42
N GLY C 87 -13.73 -6.67 -21.10
CA GLY C 87 -12.40 -6.17 -20.76
C GLY C 87 -11.67 -5.74 -22.03
N ARG C 88 -10.87 -4.69 -21.89
CA ARG C 88 -10.18 -4.11 -23.03
C ARG C 88 -8.68 -4.32 -22.90
N LEU C 89 -8.06 -4.82 -23.96
CA LEU C 89 -6.63 -5.00 -23.99
C LEU C 89 -5.94 -3.63 -24.07
N PRO C 90 -4.79 -3.47 -23.43
CA PRO C 90 -4.15 -2.15 -23.40
C PRO C 90 -3.82 -1.63 -24.79
N PHE C 91 -4.00 -0.33 -24.98
CA PHE C 91 -3.66 0.37 -26.22
C PHE C 91 -4.33 -0.27 -27.44
N SER C 92 -5.54 -0.78 -27.25
CA SER C 92 -6.26 -1.45 -28.31
C SER C 92 -7.71 -1.00 -28.32
N THR C 93 -8.33 -1.07 -29.50
CA THR C 93 -9.72 -0.68 -29.67
C THR C 93 -10.66 -1.88 -29.75
N GLN C 94 -10.14 -3.08 -29.93
CA GLN C 94 -10.96 -4.29 -29.96
C GLN C 94 -11.03 -4.87 -28.56
N GLU C 95 -12.25 -4.99 -28.03
CA GLU C 95 -12.48 -5.38 -26.65
C GLU C 95 -13.00 -6.81 -26.58
N MET C 96 -12.40 -7.62 -25.71
CA MET C 96 -12.88 -8.97 -25.49
C MET C 96 -14.23 -8.96 -24.79
N VAL C 97 -15.09 -9.91 -25.15
CA VAL C 97 -16.38 -10.10 -24.50
C VAL C 97 -16.38 -11.46 -23.85
N PHE C 98 -16.50 -11.49 -22.53
CA PHE C 98 -16.50 -12.73 -21.77
C PHE C 98 -17.93 -13.14 -21.44
N SER C 99 -18.16 -14.44 -21.37
CA SER C 99 -19.47 -15.01 -21.05
C SER C 99 -19.34 -15.84 -19.79
N VAL C 100 -19.96 -15.40 -18.70
CA VAL C 100 -19.80 -16.08 -17.42
C VAL C 100 -20.52 -17.42 -17.47
N THR C 101 -19.80 -18.49 -17.13
CA THR C 101 -20.36 -19.83 -17.10
C THR C 101 -20.54 -20.37 -15.69
N GLY C 102 -20.31 -19.55 -14.68
CA GLY C 102 -20.51 -19.94 -13.30
C GLY C 102 -19.40 -19.43 -12.42
N VAL C 103 -19.70 -19.35 -11.12
CA VAL C 103 -18.78 -18.80 -10.13
C VAL C 103 -18.46 -19.89 -9.11
N ILE C 104 -17.17 -20.13 -8.90
CA ILE C 104 -16.69 -21.08 -7.89
C ILE C 104 -16.19 -20.27 -6.70
N SER C 105 -16.74 -20.56 -5.53
CA SER C 105 -16.34 -19.88 -4.31
C SER C 105 -15.61 -20.87 -3.40
N ASP C 106 -14.58 -20.39 -2.72
CA ASP C 106 -13.77 -21.24 -1.86
C ASP C 106 -14.04 -20.92 -0.40
N PHE C 107 -14.05 -21.97 0.42
CA PHE C 107 -14.26 -21.86 1.84
C PHE C 107 -12.97 -22.02 2.63
N ALA C 108 -11.85 -22.35 1.96
CA ALA C 108 -10.57 -22.44 2.64
C ALA C 108 -10.16 -21.08 3.21
N ASP C 109 -10.35 -20.02 2.42
CA ASP C 109 -10.24 -18.66 2.91
C ASP C 109 -11.34 -17.81 2.26
N PRO C 110 -12.03 -16.98 3.02
CA PRO C 110 -13.14 -16.19 2.46
C PRO C 110 -12.68 -14.84 1.92
N SER C 111 -11.69 -14.86 1.03
CA SER C 111 -11.22 -13.63 0.42
C SER C 111 -10.96 -13.79 -1.07
N MET C 112 -11.38 -14.89 -1.69
CA MET C 112 -11.21 -15.11 -3.11
C MET C 112 -12.47 -15.69 -3.70
N ALA C 113 -12.61 -15.55 -5.01
CA ALA C 113 -13.65 -16.21 -5.77
C ALA C 113 -13.16 -16.35 -7.20
N TYR C 114 -13.66 -17.36 -7.91
CA TYR C 114 -13.24 -17.64 -9.28
C TYR C 114 -14.43 -17.52 -10.21
N ILE C 115 -14.28 -16.72 -11.26
CA ILE C 115 -15.28 -16.57 -12.30
C ILE C 115 -14.73 -17.18 -13.57
N LEU C 116 -15.37 -18.23 -14.07
CA LEU C 116 -14.91 -18.94 -15.25
C LEU C 116 -15.67 -18.42 -16.47
N VAL C 117 -14.93 -17.92 -17.45
CA VAL C 117 -15.53 -17.26 -18.62
C VAL C 117 -15.22 -18.07 -19.86
N GLU C 118 -15.74 -17.61 -21.01
CA GLU C 118 -15.62 -18.36 -22.26
C GLU C 118 -14.80 -17.63 -23.31
N ALA C 119 -15.03 -16.34 -23.52
CA ALA C 119 -14.18 -15.46 -24.31
C ALA C 119 -14.10 -15.84 -25.78
N GLY C 120 -14.84 -16.84 -26.23
CA GLY C 120 -14.67 -17.29 -27.60
C GLY C 120 -15.48 -16.53 -28.63
N ALA C 121 -16.80 -16.55 -28.49
CA ALA C 121 -17.71 -15.88 -29.41
C ALA C 121 -18.46 -14.80 -28.66
N ASP C 122 -18.52 -13.61 -29.25
CA ASP C 122 -19.16 -12.49 -28.58
C ASP C 122 -20.65 -12.73 -28.38
N GLU C 123 -21.17 -12.23 -27.27
CA GLU C 123 -22.55 -12.44 -26.87
C GLU C 123 -23.40 -11.23 -27.19
N GLN C 124 -24.70 -11.44 -27.31
CA GLN C 124 -25.62 -10.37 -27.66
C GLN C 124 -26.85 -10.40 -26.78
N THR D 2 -43.06 -22.08 -36.30
CA THR D 2 -43.57 -21.39 -35.13
C THR D 2 -43.90 -19.96 -35.44
N TYR D 3 -45.13 -19.55 -35.14
CA TYR D 3 -45.47 -18.13 -35.10
C TYR D 3 -45.51 -17.73 -33.63
N GLY D 4 -44.47 -17.03 -33.21
CA GLY D 4 -44.26 -16.71 -31.81
C GLY D 4 -45.42 -16.02 -31.13
N PRO D 5 -45.79 -14.82 -31.59
CA PRO D 5 -46.74 -14.01 -30.81
C PRO D 5 -48.07 -14.69 -30.52
N ILE D 6 -48.66 -15.41 -31.48
CA ILE D 6 -49.98 -15.99 -31.24
C ILE D 6 -49.92 -17.21 -30.35
N LEU D 7 -48.72 -17.70 -30.04
CA LEU D 7 -48.54 -18.74 -29.03
C LEU D 7 -48.15 -18.17 -27.68
N LYS D 8 -47.27 -17.15 -27.69
CA LYS D 8 -46.84 -16.53 -26.44
C LYS D 8 -48.01 -15.80 -25.76
N GLN D 9 -48.80 -15.05 -26.52
CA GLN D 9 -49.93 -14.36 -25.89
C GLN D 9 -50.99 -15.33 -25.41
N LEU D 10 -51.08 -16.50 -26.03
CA LEU D 10 -52.05 -17.49 -25.60
C LEU D 10 -51.60 -18.23 -24.35
N LEU D 11 -50.30 -18.50 -24.21
CA LEU D 11 -49.78 -19.27 -23.09
C LEU D 11 -49.14 -18.41 -21.99
N SER D 12 -49.12 -17.09 -22.14
CA SER D 12 -48.55 -16.24 -21.09
C SER D 12 -49.31 -16.29 -19.78
N PRO D 13 -50.64 -16.15 -19.73
CA PRO D 13 -51.30 -15.97 -18.41
C PRO D 13 -51.02 -17.08 -17.40
N TYR D 14 -50.95 -18.34 -17.84
CA TYR D 14 -50.68 -19.42 -16.89
C TYR D 14 -49.23 -19.43 -16.46
N PHE D 15 -48.30 -19.24 -17.40
CA PHE D 15 -46.88 -19.35 -17.13
C PHE D 15 -46.20 -18.01 -16.84
N SER D 16 -46.97 -16.92 -16.81
CA SER D 16 -46.43 -15.60 -16.52
C SER D 16 -45.31 -15.21 -17.48
N GLY D 17 -45.53 -15.49 -18.77
CA GLY D 17 -44.56 -15.11 -19.78
C GLY D 17 -43.37 -16.02 -19.91
N ARG D 18 -43.40 -17.20 -19.31
CA ARG D 18 -42.29 -18.15 -19.40
C ARG D 18 -42.51 -19.08 -20.59
N VAL D 19 -42.43 -18.50 -21.78
CA VAL D 19 -42.41 -19.27 -23.02
C VAL D 19 -41.23 -18.79 -23.85
N PHE D 20 -40.42 -19.73 -24.33
CA PHE D 20 -39.19 -19.41 -25.01
C PHE D 20 -39.07 -20.20 -26.30
N PRO D 21 -38.47 -19.62 -27.34
CA PRO D 21 -38.25 -20.35 -28.58
C PRO D 21 -36.94 -21.15 -28.59
N ASP D 22 -37.04 -22.46 -28.73
CA ASP D 22 -35.97 -23.39 -29.05
C ASP D 22 -34.93 -23.55 -27.95
N ALA D 23 -35.00 -22.78 -26.87
CA ALA D 23 -33.95 -22.86 -25.86
C ALA D 23 -34.40 -22.18 -24.58
N ALA D 24 -34.13 -22.81 -23.46
CA ALA D 24 -34.38 -22.18 -22.18
C ALA D 24 -33.29 -21.16 -21.88
N PRO D 25 -33.61 -20.09 -21.17
CA PRO D 25 -32.60 -19.08 -20.84
C PRO D 25 -31.54 -19.65 -19.90
N ASP D 26 -30.53 -18.83 -19.64
CA ASP D 26 -29.38 -19.30 -18.86
C ASP D 26 -29.78 -19.68 -17.43
N VAL D 27 -30.63 -18.88 -16.80
CA VAL D 27 -31.12 -19.20 -15.46
C VAL D 27 -32.64 -19.18 -15.48
N PRO D 28 -33.29 -20.33 -15.70
CA PRO D 28 -34.74 -20.35 -15.88
C PRO D 28 -35.55 -20.47 -14.59
N GLY D 29 -34.93 -20.79 -13.47
CA GLY D 29 -35.64 -20.88 -12.21
C GLY D 29 -36.30 -22.23 -11.98
N GLN D 30 -37.01 -22.32 -10.86
CA GLN D 30 -37.69 -23.53 -10.46
C GLN D 30 -39.14 -23.57 -10.87
N ASP D 31 -39.65 -22.51 -11.43
CA ASP D 31 -41.03 -22.45 -11.87
C ASP D 31 -41.20 -23.12 -13.23
N PRO D 32 -42.38 -23.65 -13.54
CA PRO D 32 -42.58 -24.27 -14.85
C PRO D 32 -42.38 -23.28 -15.98
N TYR D 33 -41.88 -23.79 -17.11
CA TYR D 33 -41.70 -22.98 -18.31
C TYR D 33 -41.91 -23.85 -19.53
N VAL D 34 -42.13 -23.21 -20.67
CA VAL D 34 -42.48 -23.89 -21.90
C VAL D 34 -41.48 -23.53 -22.98
N ILE D 35 -41.11 -24.52 -23.79
CA ILE D 35 -40.22 -24.33 -24.93
C ILE D 35 -40.91 -24.90 -26.17
N TYR D 36 -41.01 -24.08 -27.22
CA TYR D 36 -41.65 -24.49 -28.46
C TYR D 36 -40.65 -24.49 -29.61
N GLN D 37 -40.90 -25.36 -30.59
CA GLN D 37 -40.00 -25.52 -31.72
C GLN D 37 -40.76 -26.12 -32.88
N ARG D 38 -40.48 -25.64 -34.09
CA ARG D 38 -41.16 -26.08 -35.30
C ARG D 38 -40.46 -27.30 -35.87
N VAL D 39 -41.22 -28.36 -36.13
CA VAL D 39 -40.62 -29.61 -36.58
C VAL D 39 -41.28 -30.15 -37.85
N GLY D 40 -41.83 -29.27 -38.68
CA GLY D 40 -42.36 -29.67 -39.96
C GLY D 40 -43.76 -29.17 -40.17
N GLY D 41 -44.39 -29.64 -41.24
CA GLY D 41 -45.75 -29.24 -41.54
C GLY D 41 -46.18 -29.77 -42.90
N ILE D 42 -47.33 -29.27 -43.34
CA ILE D 42 -47.93 -29.65 -44.61
C ILE D 42 -47.80 -28.48 -45.58
N PRO D 43 -47.36 -28.70 -46.81
CA PRO D 43 -47.19 -27.58 -47.74
C PRO D 43 -48.52 -26.94 -48.11
N THR D 44 -48.45 -25.64 -48.41
CA THR D 44 -49.58 -24.84 -48.87
C THR D 44 -49.18 -24.01 -50.07
N TYR D 45 -48.55 -24.66 -51.05
CA TYR D 45 -47.94 -23.98 -52.18
C TYR D 45 -48.79 -24.21 -53.44
N PHE D 46 -49.28 -23.13 -54.02
CA PHE D 46 -50.07 -23.22 -55.24
C PHE D 46 -49.17 -23.49 -56.44
N THR D 47 -49.64 -24.35 -57.34
CA THR D 47 -48.84 -24.76 -58.48
C THR D 47 -48.62 -23.64 -59.49
N GLU D 48 -49.50 -22.64 -59.52
CA GLU D 48 -49.37 -21.57 -60.49
C GLU D 48 -48.10 -20.76 -60.33
N GLY D 49 -47.42 -20.86 -59.19
CA GLY D 49 -46.20 -20.12 -58.97
C GLY D 49 -46.28 -19.12 -57.83
N ALA D 50 -47.07 -19.43 -56.81
CA ALA D 50 -47.14 -18.59 -55.63
C ALA D 50 -47.60 -19.43 -54.45
N LEU D 51 -47.38 -18.91 -53.24
CA LEU D 51 -47.76 -19.60 -52.02
C LEU D 51 -48.71 -18.73 -51.21
N ALA D 52 -49.62 -19.38 -50.48
CA ALA D 52 -50.71 -18.70 -49.83
C ALA D 52 -50.22 -17.86 -48.66
N ASP D 53 -51.11 -17.02 -48.15
CA ASP D 53 -50.77 -16.15 -47.03
C ASP D 53 -50.90 -16.85 -45.67
N LYS D 54 -51.37 -18.08 -45.65
CA LYS D 54 -51.33 -18.91 -44.45
C LYS D 54 -50.51 -20.15 -44.74
N ALA D 55 -49.82 -20.65 -43.71
CA ALA D 55 -48.97 -21.82 -43.88
C ALA D 55 -49.06 -22.69 -42.65
N ASN D 56 -49.19 -24.00 -42.86
CA ASN D 56 -49.22 -24.94 -41.75
C ASN D 56 -47.83 -25.11 -41.15
N ALA D 57 -47.81 -25.48 -39.87
CA ALA D 57 -46.56 -25.72 -39.17
C ALA D 57 -46.84 -26.55 -37.93
N ARG D 58 -46.10 -27.64 -37.76
CA ARG D 58 -46.26 -28.55 -36.62
C ARG D 58 -45.24 -28.19 -35.56
N VAL D 59 -45.69 -27.63 -34.45
CA VAL D 59 -44.80 -27.20 -33.39
C VAL D 59 -44.75 -28.27 -32.31
N GLN D 60 -43.68 -28.25 -31.54
CA GLN D 60 -43.48 -29.13 -30.39
C GLN D 60 -43.51 -28.29 -29.13
N LEU D 61 -43.92 -28.90 -28.02
CA LEU D 61 -44.01 -28.18 -26.76
C LEU D 61 -43.41 -29.01 -25.64
N GLU D 62 -42.79 -28.34 -24.68
CA GLU D 62 -42.20 -29.01 -23.53
C GLU D 62 -42.38 -28.13 -22.29
N VAL D 63 -42.89 -28.73 -21.22
CA VAL D 63 -43.01 -28.06 -19.92
C VAL D 63 -42.05 -28.74 -18.96
N TRP D 64 -41.32 -27.92 -18.21
CA TRP D 64 -40.26 -28.41 -17.32
C TRP D 64 -40.44 -27.80 -15.93
N SER D 65 -41.24 -28.44 -15.09
CA SER D 65 -41.39 -28.00 -13.71
C SER D 65 -40.40 -28.75 -12.83
N THR D 66 -40.58 -28.64 -11.51
CA THR D 66 -39.78 -29.40 -10.56
C THR D 66 -40.56 -30.47 -9.82
N SER D 67 -41.88 -30.34 -9.74
CA SER D 67 -42.73 -31.35 -9.14
C SER D 67 -43.62 -31.97 -10.21
N LYS D 68 -43.98 -33.24 -9.99
CA LYS D 68 -44.77 -33.97 -10.98
C LYS D 68 -46.16 -33.36 -11.15
N GLN D 69 -46.79 -32.98 -10.04
CA GLN D 69 -48.13 -32.41 -10.13
C GLN D 69 -48.12 -31.12 -10.93
N ALA D 70 -47.10 -30.28 -10.74
CA ALA D 70 -47.05 -29.02 -11.46
C ALA D 70 -46.98 -29.22 -12.97
N THR D 71 -46.14 -30.16 -13.42
CA THR D 71 -46.05 -30.39 -14.86
C THR D 71 -47.30 -31.06 -15.39
N TYR D 72 -47.96 -31.91 -14.60
CA TYR D 72 -49.22 -32.49 -15.05
C TYR D 72 -50.28 -31.42 -15.27
N GLU D 73 -50.41 -30.51 -14.30
CA GLU D 73 -51.38 -29.43 -14.45
C GLU D 73 -51.02 -28.51 -15.61
N ALA D 74 -49.73 -28.21 -15.78
CA ALA D 74 -49.33 -27.36 -16.90
C ALA D 74 -49.68 -28.00 -18.23
N MET D 75 -49.41 -29.29 -18.39
CA MET D 75 -49.71 -29.96 -19.64
C MET D 75 -51.21 -30.01 -19.90
N VAL D 76 -52.01 -30.30 -18.87
CA VAL D 76 -53.46 -30.37 -19.11
C VAL D 76 -54.00 -29.00 -19.46
N HIS D 77 -53.49 -27.94 -18.83
CA HIS D 77 -53.94 -26.60 -19.18
C HIS D 77 -53.54 -26.24 -20.60
N ILE D 78 -52.33 -26.61 -21.01
CA ILE D 78 -51.90 -26.35 -22.38
C ILE D 78 -52.81 -27.06 -23.37
N MET D 79 -53.13 -28.33 -23.09
CA MET D 79 -53.98 -29.09 -23.99
C MET D 79 -55.36 -28.48 -24.09
N ARG D 80 -55.95 -28.07 -22.97
CA ARG D 80 -57.27 -27.43 -23.02
C ARG D 80 -57.22 -26.13 -23.81
N SER D 81 -56.27 -25.25 -23.49
CA SER D 81 -56.22 -23.95 -24.14
C SER D 81 -55.92 -24.06 -25.62
N VAL D 82 -55.20 -25.11 -26.04
CA VAL D 82 -54.91 -25.26 -27.46
C VAL D 82 -56.04 -25.97 -28.19
N ALA D 83 -56.82 -26.82 -27.50
CA ALA D 83 -57.95 -27.46 -28.14
C ALA D 83 -59.17 -26.54 -28.21
N ALA D 84 -59.20 -25.47 -27.43
CA ALA D 84 -60.27 -24.49 -27.49
C ALA D 84 -59.82 -23.21 -28.21
N ALA D 85 -59.03 -23.34 -29.26
CA ALA D 85 -58.39 -22.21 -29.92
C ALA D 85 -58.91 -22.02 -31.34
N PRO D 86 -58.78 -20.81 -31.90
CA PRO D 86 -59.40 -20.54 -33.21
C PRO D 86 -58.92 -21.42 -34.35
N ALA D 87 -57.62 -21.74 -34.44
CA ALA D 87 -57.13 -22.44 -35.61
C ALA D 87 -56.12 -23.54 -35.29
N MET D 88 -55.94 -23.90 -34.03
CA MET D 88 -54.99 -24.93 -33.64
C MET D 88 -55.72 -26.21 -33.29
N GLU D 89 -54.99 -27.32 -33.29
CA GLU D 89 -55.57 -28.60 -32.92
C GLU D 89 -54.48 -29.51 -32.38
N PRO D 90 -54.70 -30.14 -31.23
CA PRO D 90 -53.68 -31.03 -30.67
C PRO D 90 -53.82 -32.45 -31.19
N LEU D 91 -52.69 -33.01 -31.61
CA LEU D 91 -52.65 -34.36 -32.16
C LEU D 91 -51.65 -35.19 -31.36
N GLY D 92 -52.08 -36.37 -30.93
CA GLY D 92 -51.26 -37.22 -30.10
C GLY D 92 -51.52 -37.00 -28.62
N GLN D 93 -50.70 -37.68 -27.82
CA GLN D 93 -50.79 -37.61 -26.37
C GLN D 93 -49.42 -37.30 -25.78
N PRO D 94 -49.38 -36.71 -24.58
CA PRO D 94 -48.10 -36.30 -24.01
C PRO D 94 -47.21 -37.49 -23.70
N ILE D 95 -45.90 -37.23 -23.72
CA ILE D 95 -44.87 -38.20 -23.37
C ILE D 95 -44.00 -37.60 -22.29
N ASP D 96 -43.75 -38.36 -21.24
CA ASP D 96 -43.01 -37.86 -20.09
C ASP D 96 -41.51 -38.04 -20.27
N ASP D 97 -40.75 -37.33 -19.44
CA ASP D 97 -39.29 -37.41 -19.44
C ASP D 97 -38.77 -36.87 -18.11
N TYR D 98 -37.58 -37.33 -17.73
CA TYR D 98 -36.97 -36.96 -16.46
C TYR D 98 -35.50 -36.64 -16.67
N GLU D 99 -35.02 -35.62 -15.96
CA GLU D 99 -33.63 -35.17 -16.06
C GLU D 99 -32.96 -35.30 -14.70
N PRO D 100 -32.18 -36.36 -14.47
CA PRO D 100 -31.64 -36.58 -13.12
C PRO D 100 -30.70 -35.49 -12.62
N ALA D 101 -29.95 -34.83 -13.52
CA ALA D 101 -28.97 -33.85 -13.08
C ALA D 101 -29.63 -32.67 -12.38
N LEU D 102 -30.75 -32.18 -12.94
CA LEU D 102 -31.45 -31.04 -12.37
C LEU D 102 -32.67 -31.44 -11.55
N ARG D 103 -33.08 -32.71 -11.61
CA ARG D 103 -34.26 -33.20 -10.90
C ARG D 103 -35.51 -32.43 -11.31
N ILE D 104 -35.80 -32.46 -12.61
CA ILE D 104 -36.98 -31.82 -13.17
C ILE D 104 -37.73 -32.84 -14.01
N TYR D 105 -39.06 -32.66 -14.09
CA TYR D 105 -39.94 -33.53 -14.84
C TYR D 105 -40.43 -32.81 -16.08
N GLY D 106 -40.52 -33.53 -17.20
CA GLY D 106 -40.85 -32.95 -18.48
C GLY D 106 -42.11 -33.54 -19.08
N SER D 107 -42.47 -32.98 -20.24
CA SER D 107 -43.62 -33.43 -21.02
C SER D 107 -43.42 -32.96 -22.45
N ARG D 108 -44.23 -33.50 -23.35
CA ARG D 108 -43.99 -33.30 -24.78
C ARG D 108 -45.24 -33.65 -25.56
N VAL D 109 -45.69 -32.72 -26.41
CA VAL D 109 -46.89 -32.95 -27.22
C VAL D 109 -46.78 -32.12 -28.48
N ASP D 110 -47.34 -32.63 -29.57
CA ASP D 110 -47.33 -31.98 -30.86
C ASP D 110 -48.60 -31.18 -31.09
N ILE D 111 -48.50 -30.09 -31.84
CA ILE D 111 -49.60 -29.20 -32.14
C ILE D 111 -49.59 -28.90 -33.63
N SER D 112 -50.76 -28.95 -34.26
CA SER D 112 -50.92 -28.53 -35.65
C SER D 112 -51.63 -27.19 -35.66
N MET D 113 -51.05 -26.22 -36.36
CA MET D 113 -51.54 -24.86 -36.31
C MET D 113 -51.41 -24.19 -37.68
N TYR D 114 -52.38 -23.33 -37.99
CA TYR D 114 -52.39 -22.54 -39.21
C TYR D 114 -52.18 -21.09 -38.80
N TYR D 115 -51.05 -20.51 -39.15
CA TYR D 115 -50.72 -19.15 -38.75
C TYR D 115 -50.65 -18.23 -39.97
N ASN D 116 -50.54 -16.94 -39.70
CA ASN D 116 -50.48 -15.94 -40.76
C ASN D 116 -49.03 -15.70 -41.14
N LEU D 117 -48.72 -15.93 -42.42
CA LEU D 117 -47.34 -15.88 -42.87
C LEU D 117 -46.73 -14.50 -42.69
N THR D 118 -47.49 -13.46 -42.98
CA THR D 118 -47.00 -12.09 -42.83
C THR D 118 -47.55 -11.45 -41.57
N ALA E 2 -57.39 -16.40 -47.92
CA ALA E 2 -58.08 -17.57 -48.43
C ALA E 2 -57.87 -18.77 -47.52
N LEU E 3 -57.96 -19.98 -48.08
CA LEU E 3 -57.68 -21.22 -47.37
C LEU E 3 -58.61 -21.38 -46.15
N THR E 4 -59.89 -21.56 -46.44
CA THR E 4 -60.83 -21.93 -45.39
C THR E 4 -60.40 -23.24 -44.76
N LEU E 5 -60.44 -23.31 -43.42
CA LEU E 5 -59.94 -24.46 -42.68
C LEU E 5 -61.08 -25.26 -42.07
N PRO E 6 -60.96 -26.59 -42.01
CA PRO E 6 -62.03 -27.44 -41.47
C PRO E 6 -61.93 -27.68 -39.96
N LYS E 7 -61.78 -26.60 -39.20
CA LYS E 7 -61.67 -26.68 -37.75
C LYS E 7 -62.83 -25.92 -37.12
N GLY E 8 -63.43 -26.53 -36.10
CA GLY E 8 -64.54 -25.90 -35.41
C GLY E 8 -65.89 -26.03 -36.08
N ILE E 9 -66.00 -26.88 -37.10
CA ILE E 9 -67.26 -27.06 -37.80
C ILE E 9 -68.23 -27.83 -36.92
N VAL E 10 -69.42 -27.28 -36.71
CA VAL E 10 -70.46 -27.89 -35.89
C VAL E 10 -71.69 -28.10 -36.74
N PHE E 11 -72.20 -29.32 -36.78
CA PHE E 11 -73.33 -29.66 -37.62
C PHE E 11 -74.63 -29.48 -36.86
N GLY E 12 -75.74 -29.89 -37.44
CA GLY E 12 -77.04 -29.73 -36.83
C GLY E 12 -78.14 -29.85 -37.84
N PHE E 13 -79.30 -30.29 -37.37
CA PHE E 13 -80.45 -30.56 -38.23
C PHE E 13 -81.71 -30.02 -37.58
N ALA E 14 -82.71 -29.71 -38.41
CA ALA E 14 -83.98 -29.21 -37.94
C ALA E 14 -85.13 -29.80 -38.74
N PRO E 15 -86.28 -30.01 -38.12
CA PRO E 15 -87.43 -30.53 -38.85
C PRO E 15 -88.06 -29.46 -39.74
N ILE E 16 -88.90 -29.92 -40.66
CA ILE E 16 -89.66 -29.04 -41.55
C ILE E 16 -91.10 -28.99 -41.06
N THR E 17 -91.58 -27.81 -40.71
CA THR E 17 -92.91 -27.62 -40.16
C THR E 17 -93.93 -27.53 -41.30
N SER E 18 -95.16 -27.13 -40.98
CA SER E 18 -96.22 -27.00 -41.96
C SER E 18 -96.69 -25.57 -42.20
N THR E 19 -96.29 -24.62 -41.36
CA THR E 19 -96.64 -23.23 -41.61
C THR E 19 -96.11 -22.79 -42.97
N THR E 20 -96.99 -22.14 -43.75
CA THR E 20 -96.68 -21.82 -45.14
C THR E 20 -97.12 -20.41 -45.46
N SER E 21 -96.46 -19.80 -46.44
CA SER E 21 -96.85 -18.51 -46.99
C SER E 21 -96.72 -18.59 -48.50
N SER E 22 -97.15 -17.52 -49.17
CA SER E 22 -97.13 -17.49 -50.64
C SER E 22 -96.67 -16.12 -51.14
N VAL E 23 -95.61 -15.59 -50.54
CA VAL E 23 -95.13 -14.26 -50.92
C VAL E 23 -94.66 -14.26 -52.36
N THR E 24 -95.06 -13.22 -53.10
CA THR E 24 -94.73 -13.07 -54.51
C THR E 24 -93.87 -11.82 -54.70
N GLY E 25 -93.08 -11.82 -55.77
CA GLY E 25 -92.29 -10.65 -56.09
C GLY E 25 -90.79 -10.84 -56.05
N VAL E 26 -90.32 -12.04 -56.40
CA VAL E 26 -88.88 -12.30 -56.42
C VAL E 26 -88.28 -11.63 -57.66
N THR E 27 -87.42 -10.64 -57.42
CA THR E 27 -86.81 -9.84 -58.47
C THR E 27 -85.48 -10.46 -58.89
N ARG E 28 -85.31 -10.63 -60.21
CA ARG E 28 -84.12 -11.31 -60.72
C ARG E 28 -82.88 -10.45 -60.63
N ALA E 29 -83.02 -9.13 -60.71
CA ALA E 29 -81.85 -8.26 -60.84
C ALA E 29 -80.95 -8.34 -59.61
N ALA E 30 -81.45 -7.89 -58.47
CA ALA E 30 -80.67 -7.85 -57.24
C ALA E 30 -80.70 -9.21 -56.57
N PRO E 31 -79.93 -9.40 -55.49
CA PRO E 31 -80.19 -10.52 -54.59
C PRO E 31 -81.68 -10.60 -54.27
N PRO E 32 -82.32 -11.72 -54.60
CA PRO E 32 -83.79 -11.72 -54.72
C PRO E 32 -84.48 -11.29 -53.44
N VAL E 33 -85.61 -10.61 -53.62
CA VAL E 33 -86.36 -9.99 -52.53
C VAL E 33 -87.78 -10.56 -52.53
N ALA E 34 -88.28 -10.86 -51.34
CA ALA E 34 -89.68 -11.26 -51.16
C ALA E 34 -90.46 -10.01 -50.78
N THR E 35 -91.30 -9.54 -51.71
CA THR E 35 -91.98 -8.26 -51.51
C THR E 35 -93.05 -8.37 -50.44
N GLY E 36 -92.93 -7.56 -49.39
CA GLY E 36 -93.98 -7.39 -48.43
C GLY E 36 -94.19 -8.51 -47.45
N THR E 37 -93.27 -9.46 -47.36
CA THR E 37 -93.42 -10.55 -46.40
C THR E 37 -93.37 -10.01 -44.97
N MET E 38 -94.22 -10.57 -44.12
CA MET E 38 -94.29 -10.15 -42.73
C MET E 38 -93.42 -10.99 -41.82
N LEU E 39 -92.69 -11.96 -42.36
CA LEU E 39 -91.84 -12.81 -41.54
C LEU E 39 -90.69 -12.00 -40.95
N THR E 40 -90.45 -12.19 -39.66
CA THR E 40 -89.40 -11.45 -38.98
C THR E 40 -88.04 -11.76 -39.60
N ALA E 41 -87.25 -10.71 -39.84
CA ALA E 41 -85.94 -10.89 -40.47
C ALA E 41 -85.05 -11.75 -39.59
N GLY E 42 -84.55 -12.85 -40.15
CA GLY E 42 -83.74 -13.79 -39.42
C GLY E 42 -84.34 -15.17 -39.19
N THR E 43 -85.24 -15.63 -40.06
CA THR E 43 -85.86 -16.94 -39.94
C THR E 43 -85.50 -17.77 -41.17
N THR E 44 -85.00 -18.98 -40.94
CA THR E 44 -84.64 -19.85 -42.05
C THR E 44 -85.90 -20.43 -42.68
N VAL E 45 -86.09 -20.18 -43.96
CA VAL E 45 -87.34 -20.51 -44.64
C VAL E 45 -87.04 -21.27 -45.93
N LEU E 46 -87.71 -22.40 -46.12
CA LEU E 46 -87.58 -23.17 -47.34
C LEU E 46 -88.26 -22.43 -48.48
N VAL E 47 -87.78 -22.67 -49.70
CA VAL E 47 -88.37 -22.09 -50.91
C VAL E 47 -88.70 -23.22 -51.86
N ARG E 48 -89.97 -23.34 -52.23
CA ARG E 48 -90.46 -24.41 -53.10
C ARG E 48 -91.30 -23.82 -54.22
N SER E 49 -90.77 -22.81 -54.89
CA SER E 49 -91.48 -22.14 -55.96
C SER E 49 -91.25 -22.85 -57.28
N ASN E 50 -92.34 -23.20 -57.95
CA ASN E 50 -92.27 -23.87 -59.25
C ASN E 50 -92.00 -22.83 -60.33
N THR E 51 -91.96 -23.29 -61.58
CA THR E 51 -91.72 -22.47 -62.77
C THR E 51 -90.32 -21.87 -62.81
N TRP E 52 -89.45 -22.21 -61.85
CA TRP E 52 -88.06 -21.80 -61.88
C TRP E 52 -87.20 -23.03 -61.62
N THR E 53 -86.03 -23.06 -62.26
CA THR E 53 -85.21 -24.27 -62.27
C THR E 53 -84.33 -24.40 -61.04
N GLY E 54 -83.60 -23.35 -60.70
CA GLY E 54 -82.58 -23.42 -59.68
C GLY E 54 -83.00 -23.03 -58.28
N ILE E 55 -84.29 -22.85 -58.02
CA ILE E 55 -84.74 -22.41 -56.70
C ILE E 55 -85.75 -23.43 -56.20
N ASN E 56 -85.60 -24.68 -56.62
CA ASN E 56 -86.65 -25.67 -56.39
C ASN E 56 -86.78 -26.03 -54.92
N ASN E 57 -85.70 -26.52 -54.30
CA ASN E 57 -85.76 -27.06 -52.95
C ASN E 57 -84.59 -26.56 -52.12
N ARG E 58 -84.26 -25.29 -52.26
CA ARG E 58 -83.15 -24.70 -51.52
C ARG E 58 -83.67 -23.99 -50.27
N ILE E 59 -82.74 -23.60 -49.40
CA ILE E 59 -83.06 -23.03 -48.10
C ILE E 59 -82.30 -21.72 -47.97
N SER E 60 -82.93 -20.74 -47.31
CA SER E 60 -82.33 -19.43 -47.14
C SER E 60 -82.90 -18.75 -45.91
N VAL E 61 -82.39 -17.57 -45.62
CA VAL E 61 -82.77 -16.78 -44.45
C VAL E 61 -83.28 -15.43 -44.93
N VAL E 62 -84.34 -14.94 -44.28
CA VAL E 62 -84.83 -13.59 -44.54
C VAL E 62 -83.97 -12.61 -43.77
N ASP E 63 -83.32 -11.69 -44.48
CA ASP E 63 -82.31 -10.83 -43.88
C ASP E 63 -82.29 -9.50 -44.62
N ALA E 64 -81.32 -8.66 -44.26
CA ALA E 64 -81.10 -7.34 -44.87
C ALA E 64 -82.40 -6.55 -44.71
N ASN E 65 -83.00 -6.05 -45.78
CA ASN E 65 -84.29 -5.38 -45.67
C ASN E 65 -85.43 -6.38 -45.88
N LYS E 66 -85.52 -6.97 -47.08
CA LYS E 66 -86.49 -8.02 -47.34
C LYS E 66 -85.97 -9.11 -48.27
N ALA E 67 -84.65 -9.24 -48.41
CA ALA E 67 -84.07 -10.18 -49.35
C ALA E 67 -83.71 -11.50 -48.68
N LEU E 68 -83.44 -12.51 -49.50
CA LEU E 68 -83.03 -13.85 -49.07
C LEU E 68 -81.62 -14.08 -49.59
N GLN E 69 -80.63 -13.67 -48.81
CA GLN E 69 -79.25 -13.76 -49.29
C GLN E 69 -78.86 -15.23 -49.51
N GLY E 70 -78.05 -15.45 -50.53
CA GLY E 70 -77.71 -16.79 -50.97
C GLY E 70 -78.20 -17.13 -52.36
N PHE E 71 -78.81 -16.19 -53.07
CA PHE E 71 -79.30 -16.41 -54.43
C PHE E 71 -78.68 -15.37 -55.37
N ASP E 72 -78.39 -15.79 -56.60
CA ASP E 72 -77.78 -14.94 -57.61
C ASP E 72 -78.50 -15.10 -58.94
N THR E 73 -79.83 -14.99 -58.92
CA THR E 73 -80.61 -15.21 -60.13
C THR E 73 -80.63 -13.97 -61.03
N THR E 74 -79.46 -13.39 -61.30
CA THR E 74 -79.40 -12.33 -62.30
C THR E 74 -79.23 -12.90 -63.69
N ASP E 75 -78.61 -14.06 -63.82
CA ASP E 75 -78.59 -14.76 -65.09
C ASP E 75 -80.02 -15.13 -65.48
N THR E 76 -80.40 -14.81 -66.72
CA THR E 76 -81.77 -15.00 -67.16
C THR E 76 -81.89 -15.68 -68.51
N THR E 77 -80.78 -15.99 -69.20
CA THR E 77 -80.89 -16.77 -70.42
C THR E 77 -81.37 -18.19 -70.14
N THR E 78 -81.07 -18.70 -68.95
CA THR E 78 -81.59 -19.98 -68.49
C THR E 78 -82.65 -19.81 -67.40
N TYR E 79 -83.05 -18.58 -67.13
CA TYR E 79 -84.05 -18.27 -66.10
C TYR E 79 -85.16 -17.45 -66.76
N PRO E 80 -86.05 -18.10 -67.50
CA PRO E 80 -87.07 -17.37 -68.26
C PRO E 80 -88.37 -17.20 -67.47
N GLY E 81 -89.13 -16.19 -67.89
CA GLY E 81 -90.42 -15.92 -67.28
C GLY E 81 -90.37 -14.90 -66.18
N THR E 82 -91.47 -14.84 -65.44
CA THR E 82 -91.62 -13.96 -64.28
C THR E 82 -91.81 -14.80 -63.04
N SER E 83 -91.48 -14.21 -61.88
CA SER E 83 -91.52 -14.94 -60.62
C SER E 83 -92.90 -15.56 -60.36
N GLY E 84 -93.91 -14.71 -60.18
CA GLY E 84 -95.23 -15.17 -59.86
C GLY E 84 -95.32 -15.64 -58.43
N PRO E 85 -96.12 -16.67 -58.18
CA PRO E 85 -96.26 -17.19 -56.82
C PRO E 85 -95.05 -17.99 -56.38
N VAL E 86 -94.70 -17.86 -55.10
CA VAL E 86 -93.54 -18.52 -54.50
C VAL E 86 -93.97 -19.06 -53.15
N GLU E 87 -93.55 -20.28 -52.81
CA GLU E 87 -93.86 -20.88 -51.52
C GLU E 87 -92.74 -20.62 -50.52
N LEU E 88 -93.13 -20.44 -49.25
CA LEU E 88 -92.19 -20.22 -48.16
C LEU E 88 -92.67 -21.00 -46.94
N ILE E 89 -91.93 -22.04 -46.57
CA ILE E 89 -92.21 -22.85 -45.39
C ILE E 89 -91.17 -22.53 -44.33
N THR E 90 -91.64 -22.22 -43.12
CA THR E 90 -90.72 -21.89 -42.03
C THR E 90 -90.14 -23.15 -41.41
N VAL E 91 -88.83 -23.10 -41.11
CA VAL E 91 -88.11 -24.21 -40.51
C VAL E 91 -87.97 -23.99 -39.02
N GLY E 92 -87.97 -25.08 -38.26
CA GLY E 92 -87.91 -25.01 -36.82
C GLY E 92 -86.54 -24.65 -36.27
N ALA E 93 -86.28 -25.08 -35.05
CA ALA E 93 -85.02 -24.79 -34.38
C ALA E 93 -84.01 -25.92 -34.61
N PHE E 94 -82.74 -25.58 -34.49
CA PHE E 94 -81.65 -26.48 -34.80
C PHE E 94 -81.13 -27.19 -33.55
N VAL E 95 -80.91 -28.50 -33.67
CA VAL E 95 -80.33 -29.31 -32.62
C VAL E 95 -78.89 -29.61 -33.02
N ASN E 96 -77.95 -29.26 -32.16
CA ASN E 96 -76.53 -29.28 -32.51
C ASN E 96 -75.87 -30.57 -32.05
N PHE E 97 -75.10 -31.19 -32.95
CA PHE E 97 -74.29 -32.35 -32.57
C PHE E 97 -73.12 -31.94 -31.68
N THR E 98 -72.79 -32.82 -30.75
CA THR E 98 -71.60 -32.70 -29.92
C THR E 98 -70.93 -34.07 -29.86
N GLN E 99 -69.62 -34.05 -29.58
CA GLN E 99 -68.80 -35.27 -29.58
C GLN E 99 -68.75 -35.90 -30.97
N GLN E 100 -68.29 -35.12 -31.95
CA GLN E 100 -68.19 -35.60 -33.32
C GLN E 100 -66.76 -35.97 -33.66
N GLY E 101 -66.62 -36.69 -34.78
CA GLY E 101 -65.32 -37.13 -35.26
C GLY E 101 -64.88 -36.42 -36.51
N GLU E 102 -64.33 -37.16 -37.48
CA GLU E 102 -63.79 -36.56 -38.69
C GLU E 102 -64.77 -36.73 -39.84
N PRO E 103 -65.44 -35.67 -40.29
CA PRO E 103 -66.31 -35.79 -41.45
C PRO E 103 -65.53 -36.14 -42.71
N SER E 104 -66.17 -36.91 -43.59
CA SER E 104 -65.51 -37.38 -44.81
C SER E 104 -66.54 -37.43 -45.92
N THR E 105 -66.62 -36.36 -46.71
CA THR E 105 -67.50 -36.33 -47.86
C THR E 105 -67.02 -37.33 -48.91
N SER E 106 -67.97 -38.06 -49.48
CA SER E 106 -67.64 -39.11 -50.45
C SER E 106 -68.68 -39.12 -51.55
N GLY E 107 -68.24 -39.38 -52.78
CA GLY E 107 -69.15 -39.44 -53.91
C GLY E 107 -69.01 -38.26 -54.85
N GLY E 108 -70.10 -37.88 -55.50
CA GLY E 108 -70.11 -36.70 -56.36
C GLY E 108 -69.25 -36.80 -57.61
N ASP E 109 -69.15 -37.99 -58.20
CA ASP E 109 -68.43 -38.15 -59.47
C ASP E 109 -69.39 -37.86 -60.62
N GLN E 110 -68.87 -37.75 -61.84
CA GLN E 110 -69.73 -37.44 -62.97
C GLN E 110 -69.61 -38.55 -64.01
N GLN E 111 -70.75 -38.96 -64.54
CA GLN E 111 -70.85 -40.11 -65.43
C GLN E 111 -70.97 -39.61 -66.88
N PHE E 112 -69.90 -39.76 -67.65
CA PHE E 112 -69.91 -39.29 -69.02
C PHE E 112 -70.82 -40.16 -69.89
N TRP E 113 -70.95 -39.74 -71.14
CA TRP E 113 -71.49 -40.59 -72.19
C TRP E 113 -70.36 -41.17 -73.03
N ASN E 114 -70.61 -42.33 -73.62
CA ASN E 114 -69.63 -43.02 -74.43
C ASN E 114 -70.25 -43.30 -75.80
N GLY E 115 -69.42 -43.27 -76.83
CA GLY E 115 -69.88 -43.48 -78.19
C GLY E 115 -69.04 -42.63 -79.12
N GLN E 116 -68.89 -43.09 -80.36
CA GLN E 116 -67.96 -42.46 -81.28
C GLN E 116 -68.64 -42.25 -82.63
N LEU E 117 -68.21 -41.19 -83.30
CA LEU E 117 -68.56 -40.94 -84.70
C LEU E 117 -67.64 -41.79 -85.58
N LEU E 118 -68.24 -42.57 -86.48
CA LEU E 118 -67.41 -43.43 -87.33
C LEU E 118 -66.54 -42.63 -88.27
N GLU E 119 -67.04 -41.49 -88.77
CA GLU E 119 -66.36 -40.77 -89.85
C GLU E 119 -64.93 -40.37 -89.50
N ASP E 120 -64.61 -40.23 -88.23
CA ASP E 120 -63.28 -39.77 -87.85
C ASP E 120 -62.21 -40.73 -88.37
N ARG E 121 -61.22 -40.17 -89.06
CA ARG E 121 -60.14 -40.98 -89.60
C ARG E 121 -59.33 -41.63 -88.49
N SER E 122 -59.07 -40.90 -87.42
CA SER E 122 -58.33 -41.41 -86.28
C SER E 122 -59.19 -42.19 -85.30
N GLY E 123 -60.49 -42.28 -85.57
CA GLY E 123 -61.39 -43.01 -84.69
C GLY E 123 -61.48 -42.41 -83.31
N ARG E 124 -61.66 -41.10 -83.23
CA ARG E 124 -61.75 -40.43 -81.94
C ARG E 124 -62.99 -40.88 -81.18
N GLN E 125 -62.86 -40.98 -79.87
CA GLN E 125 -63.96 -41.34 -78.99
C GLN E 125 -64.45 -40.11 -78.25
N LEU E 126 -65.75 -39.88 -78.27
CA LEU E 126 -66.37 -38.74 -77.63
C LEU E 126 -66.79 -39.08 -76.21
N ALA E 127 -66.67 -38.11 -75.31
CA ALA E 127 -67.19 -38.22 -73.96
C ALA E 127 -68.06 -37.00 -73.69
N ILE E 128 -69.32 -37.23 -73.34
CA ILE E 128 -70.29 -36.18 -73.10
C ILE E 128 -70.70 -36.24 -71.63
N PRO E 129 -70.56 -35.15 -70.87
CA PRO E 129 -70.82 -35.21 -69.43
C PRO E 129 -72.30 -35.09 -69.12
N THR E 130 -72.79 -35.99 -68.26
CA THR E 130 -74.16 -35.97 -67.74
C THR E 130 -74.16 -36.55 -66.34
N PHE E 131 -75.26 -36.32 -65.62
CA PHE E 131 -75.67 -37.19 -64.52
C PHE E 131 -74.58 -37.30 -63.45
N LYS E 132 -74.36 -36.17 -62.77
CA LYS E 132 -73.43 -36.16 -61.65
C LYS E 132 -73.97 -37.01 -60.50
N ASN E 133 -73.12 -37.82 -59.90
CA ASN E 133 -73.55 -38.70 -58.83
C ASN E 133 -73.97 -37.92 -57.60
N ALA E 134 -74.76 -38.57 -56.74
CA ALA E 134 -75.13 -37.97 -55.47
C ALA E 134 -73.92 -37.83 -54.57
N LYS E 135 -73.93 -36.80 -53.74
CA LYS E 135 -72.84 -36.52 -52.82
C LYS E 135 -73.35 -36.71 -51.40
N THR E 136 -72.67 -37.57 -50.64
CA THR E 136 -73.06 -37.91 -49.29
C THR E 136 -72.11 -37.26 -48.29
N LEU E 137 -72.28 -37.64 -47.02
CA LEU E 137 -71.40 -37.20 -45.95
C LEU E 137 -71.49 -38.21 -44.82
N THR E 138 -70.41 -38.34 -44.07
CA THR E 138 -70.37 -39.21 -42.91
C THR E 138 -69.77 -38.43 -41.75
N LEU E 139 -70.17 -38.79 -40.53
CA LEU E 139 -69.80 -37.99 -39.35
C LEU E 139 -69.83 -38.87 -38.12
N PRO E 140 -68.74 -39.59 -37.86
CA PRO E 140 -68.71 -40.48 -36.68
C PRO E 140 -68.86 -39.69 -35.39
N LEU E 141 -69.67 -40.23 -34.48
CA LEU E 141 -69.92 -39.64 -33.17
C LEU E 141 -69.54 -40.64 -32.09
N TYR E 142 -69.39 -40.13 -30.86
CA TYR E 142 -69.06 -40.96 -29.71
C TYR E 142 -70.32 -41.14 -28.87
N MET E 143 -70.69 -42.39 -28.62
CA MET E 143 -72.03 -42.69 -28.13
C MET E 143 -72.23 -42.23 -26.69
N ASP E 144 -73.43 -41.69 -26.43
CA ASP E 144 -73.88 -41.41 -25.08
C ASP E 144 -75.39 -41.27 -25.10
N THR E 145 -76.09 -42.12 -24.36
CA THR E 145 -77.55 -42.16 -24.45
C THR E 145 -78.18 -40.91 -23.84
N SER E 146 -77.55 -40.33 -22.82
CA SER E 146 -78.14 -39.19 -22.10
C SER E 146 -77.61 -37.88 -22.67
N LEU E 147 -77.90 -37.65 -23.95
CA LEU E 147 -77.54 -36.41 -24.61
C LEU E 147 -78.68 -35.94 -25.49
N PRO E 148 -78.86 -34.62 -25.62
CA PRO E 148 -80.01 -34.11 -26.40
C PRO E 148 -80.03 -34.54 -27.85
N TRP E 149 -78.87 -34.67 -28.50
CA TRP E 149 -78.90 -34.98 -29.93
C TRP E 149 -79.31 -36.42 -30.20
N TYR E 150 -79.13 -37.33 -29.24
CA TYR E 150 -79.39 -38.74 -29.50
C TYR E 150 -80.86 -39.01 -29.80
N ALA E 151 -81.74 -38.57 -28.90
CA ALA E 151 -83.16 -38.82 -29.10
C ALA E 151 -83.70 -38.12 -30.34
N ALA E 152 -83.29 -36.86 -30.55
CA ALA E 152 -83.78 -36.12 -31.71
C ALA E 152 -83.32 -36.78 -32.99
N ALA E 153 -82.06 -37.22 -33.08
CA ALA E 153 -81.58 -37.87 -34.29
C ALA E 153 -82.31 -39.18 -34.53
N LYS E 154 -82.52 -39.98 -33.48
CA LYS E 154 -83.20 -41.25 -33.67
C LYS E 154 -84.65 -41.04 -34.14
N ALA E 155 -85.33 -40.07 -33.54
CA ALA E 155 -86.71 -39.78 -33.96
C ALA E 155 -86.76 -39.28 -35.40
N ALA E 156 -85.86 -38.37 -35.77
CA ALA E 156 -85.87 -37.85 -37.13
C ALA E 156 -85.48 -38.91 -38.15
N ASP E 157 -84.71 -39.92 -37.73
CA ASP E 157 -84.52 -41.08 -38.59
C ASP E 157 -85.82 -41.86 -38.75
N ALA E 158 -86.51 -42.12 -37.65
CA ALA E 158 -87.73 -42.93 -37.72
C ALA E 158 -88.83 -42.25 -38.52
N ARG E 159 -88.85 -40.91 -38.56
CA ARG E 159 -89.91 -40.22 -39.27
C ARG E 159 -89.82 -40.45 -40.77
N GLY E 160 -88.61 -40.56 -41.31
CA GLY E 160 -88.44 -40.76 -42.74
C GLY E 160 -88.82 -39.58 -43.59
N GLU E 161 -88.48 -38.37 -43.18
CA GLU E 161 -88.80 -37.16 -43.93
C GLU E 161 -87.57 -36.29 -44.05
N PRO E 162 -87.51 -35.43 -45.07
CA PRO E 162 -86.36 -34.54 -45.22
C PRO E 162 -86.22 -33.58 -44.06
N VAL E 163 -84.97 -33.19 -43.79
CA VAL E 163 -84.65 -32.20 -42.78
C VAL E 163 -83.78 -31.12 -43.43
N ALA E 164 -83.34 -30.16 -42.63
CA ALA E 164 -82.50 -29.06 -43.09
C ALA E 164 -81.18 -29.09 -42.33
N VAL E 165 -80.10 -29.44 -43.02
CA VAL E 165 -78.79 -29.64 -42.41
C VAL E 165 -78.00 -28.34 -42.47
N ARG E 166 -77.43 -27.95 -41.34
CA ARG E 166 -76.59 -26.76 -41.25
C ARG E 166 -75.16 -27.16 -40.97
N MET E 167 -74.21 -26.45 -41.58
CA MET E 167 -72.79 -26.68 -41.41
C MET E 167 -72.16 -25.36 -40.98
N LEU E 168 -72.05 -25.14 -39.68
CA LEU E 168 -71.69 -23.84 -39.14
C LEU E 168 -70.19 -23.74 -38.94
N LEU E 169 -69.54 -22.88 -39.72
CA LEU E 169 -68.14 -22.58 -39.57
C LEU E 169 -67.92 -21.74 -38.30
N PRO E 170 -66.72 -21.81 -37.70
CA PRO E 170 -66.46 -20.99 -36.51
C PRO E 170 -66.46 -19.50 -36.81
N ASN E 171 -66.28 -19.12 -38.08
CA ASN E 171 -66.29 -17.71 -38.46
C ASN E 171 -67.62 -17.05 -38.13
N GLY E 172 -68.72 -17.80 -38.25
CA GLY E 172 -70.06 -17.26 -38.10
C GLY E 172 -70.93 -17.43 -39.32
N ASP E 173 -70.44 -18.04 -40.38
CA ASP E 173 -71.21 -18.27 -41.59
C ASP E 173 -72.05 -19.53 -41.42
N ALA E 174 -72.63 -20.02 -42.51
CA ALA E 174 -73.38 -21.26 -42.50
C ALA E 174 -73.48 -21.78 -43.93
N SER E 175 -73.81 -23.05 -44.05
CA SER E 175 -74.04 -23.66 -45.37
C SER E 175 -75.24 -24.59 -45.24
N TYR E 176 -76.43 -24.06 -45.46
CA TYR E 176 -77.65 -24.83 -45.30
C TYR E 176 -77.86 -25.76 -46.49
N ASN E 177 -78.39 -26.95 -46.21
CA ASN E 177 -78.71 -27.93 -47.23
C ASN E 177 -80.08 -28.49 -46.97
N TYR E 178 -80.69 -29.02 -48.02
CA TYR E 178 -81.95 -29.75 -47.92
C TYR E 178 -81.68 -31.20 -48.28
N GLY E 179 -82.00 -32.12 -47.38
CA GLY E 179 -81.77 -33.51 -47.68
C GLY E 179 -82.21 -34.41 -46.55
N TYR E 180 -82.12 -35.71 -46.82
CA TYR E 180 -82.49 -36.73 -45.84
C TYR E 180 -81.45 -36.79 -44.73
N MET E 181 -81.63 -37.70 -43.79
CA MET E 181 -80.70 -37.85 -42.68
C MET E 181 -80.88 -39.24 -42.08
N SER E 182 -79.89 -40.11 -42.27
CA SER E 182 -79.89 -41.43 -41.68
C SER E 182 -79.13 -41.40 -40.36
N PHE E 183 -79.45 -42.34 -39.48
CA PHE E 183 -78.76 -42.49 -38.22
C PHE E 183 -78.55 -43.98 -37.94
N ASP E 184 -77.54 -44.28 -37.13
CA ASP E 184 -77.27 -45.66 -36.74
C ASP E 184 -77.89 -45.98 -35.39
N GLY E 185 -77.49 -45.26 -34.34
CA GLY E 185 -78.05 -45.50 -33.03
C GLY E 185 -77.69 -46.83 -32.43
N ASP E 186 -76.63 -47.48 -32.92
CA ASP E 186 -76.22 -48.76 -32.42
C ASP E 186 -74.72 -48.75 -32.19
N ALA E 187 -74.28 -49.44 -31.14
CA ALA E 187 -72.87 -49.46 -30.79
C ALA E 187 -72.05 -50.11 -31.89
N THR E 188 -70.82 -49.62 -32.07
CA THR E 188 -69.87 -50.19 -33.02
C THR E 188 -68.57 -50.44 -32.27
N ILE E 189 -68.42 -51.63 -31.72
CA ILE E 189 -67.29 -51.95 -30.87
C ILE E 189 -66.03 -52.13 -31.72
N THR E 190 -64.90 -51.65 -31.20
CA THR E 190 -63.63 -51.76 -31.90
C THR E 190 -62.59 -52.40 -30.98
N ALA E 191 -61.32 -52.36 -31.39
CA ALA E 191 -60.26 -52.98 -30.60
C ALA E 191 -60.14 -52.31 -29.24
N ASN E 192 -59.79 -51.02 -29.22
CA ASN E 192 -59.59 -50.28 -27.98
C ASN E 192 -60.27 -48.92 -27.95
N ALA E 193 -60.63 -48.35 -29.09
CA ALA E 193 -61.25 -47.04 -29.11
C ALA E 193 -62.65 -47.11 -28.50
N PRO E 194 -63.16 -46.00 -27.98
CA PRO E 194 -64.50 -46.01 -27.38
C PRO E 194 -65.57 -46.34 -28.41
N ILE E 195 -66.78 -46.55 -27.90
CA ILE E 195 -67.91 -46.93 -28.75
C ILE E 195 -68.26 -45.78 -29.68
N THR E 196 -68.40 -46.08 -30.97
CA THR E 196 -68.56 -45.07 -32.01
C THR E 196 -69.93 -45.20 -32.65
N ASN E 197 -70.47 -44.08 -33.11
CA ASN E 197 -71.83 -44.00 -33.64
C ASN E 197 -71.82 -43.09 -34.87
N VAL E 198 -72.56 -43.49 -35.91
CA VAL E 198 -72.40 -42.92 -37.24
C VAL E 198 -73.70 -42.28 -37.69
N ALA E 199 -73.59 -41.11 -38.34
CA ALA E 199 -74.75 -40.36 -38.84
C ALA E 199 -74.49 -39.92 -40.26
N THR E 200 -75.20 -40.52 -41.22
CA THR E 200 -74.97 -40.29 -42.64
C THR E 200 -75.95 -39.23 -43.17
N PHE E 201 -75.48 -38.46 -44.14
CA PHE E 201 -76.27 -37.38 -44.75
C PHE E 201 -76.42 -37.64 -46.25
N THR E 202 -77.26 -36.82 -46.89
CA THR E 202 -77.49 -36.89 -48.32
C THR E 202 -78.22 -35.64 -48.77
N PHE E 203 -77.73 -34.96 -49.80
CA PHE E 203 -78.25 -33.65 -50.20
C PHE E 203 -79.03 -33.78 -51.50
N LEU E 204 -80.25 -33.25 -51.50
CA LEU E 204 -81.16 -33.35 -52.64
C LEU E 204 -81.25 -32.08 -53.46
N SER E 205 -80.38 -31.10 -53.23
CA SER E 205 -80.43 -29.87 -54.00
C SER E 205 -79.06 -29.19 -53.90
N ASP E 206 -79.00 -27.94 -54.34
CA ASP E 206 -77.78 -27.16 -54.26
C ASP E 206 -77.58 -26.67 -52.82
N SER E 207 -76.40 -26.10 -52.56
CA SER E 207 -76.04 -25.59 -51.26
C SER E 207 -76.02 -24.08 -51.29
N THR E 208 -76.41 -23.45 -50.19
CA THR E 208 -76.43 -22.01 -50.06
C THR E 208 -75.41 -21.54 -49.02
N LEU E 209 -75.09 -20.25 -49.06
CA LEU E 209 -74.13 -19.66 -48.14
C LEU E 209 -74.70 -18.34 -47.63
N VAL E 210 -75.13 -18.33 -46.37
CA VAL E 210 -75.67 -17.13 -45.74
C VAL E 210 -74.48 -16.38 -45.15
N GLU E 211 -73.95 -15.44 -45.92
CA GLU E 211 -72.79 -14.68 -45.52
C GLU E 211 -73.06 -13.93 -44.21
N ALA E 212 -72.09 -13.98 -43.30
CA ALA E 212 -72.20 -13.27 -42.04
C ALA E 212 -70.83 -12.86 -41.54
N ALA F 2 -74.30 -30.96 -83.13
CA ALA F 2 -74.66 -30.35 -81.86
C ALA F 2 -74.73 -31.39 -80.74
N LEU F 3 -75.49 -32.46 -81.00
CA LEU F 3 -75.62 -33.59 -80.08
C LEU F 3 -76.23 -33.15 -78.75
N THR F 4 -77.44 -32.63 -78.82
CA THR F 4 -78.18 -32.24 -77.63
C THR F 4 -78.65 -33.48 -76.87
N LEU F 5 -79.01 -33.29 -75.61
CA LEU F 5 -79.41 -34.40 -74.76
C LEU F 5 -80.75 -34.12 -74.10
N PRO F 6 -81.53 -35.17 -73.81
CA PRO F 6 -82.85 -34.99 -73.17
C PRO F 6 -82.74 -34.66 -71.68
N LYS F 7 -82.53 -33.38 -71.37
CA LYS F 7 -82.39 -32.94 -70.00
C LYS F 7 -83.58 -32.16 -69.47
N GLY F 8 -84.04 -31.14 -70.21
CA GLY F 8 -85.17 -30.35 -69.75
C GLY F 8 -86.40 -30.52 -70.62
N ILE F 9 -86.66 -31.75 -71.04
CA ILE F 9 -87.74 -32.03 -71.97
C ILE F 9 -89.06 -32.09 -71.22
N VAL F 10 -89.73 -30.93 -71.10
CA VAL F 10 -90.96 -30.82 -70.34
C VAL F 10 -92.14 -31.03 -71.28
N PHE F 11 -93.06 -31.89 -70.88
CA PHE F 11 -94.24 -32.22 -71.66
C PHE F 11 -95.45 -31.48 -71.11
N GLY F 12 -96.37 -31.11 -72.00
CA GLY F 12 -97.56 -30.39 -71.59
C GLY F 12 -98.70 -30.65 -72.54
N PHE F 13 -99.89 -30.25 -72.10
CA PHE F 13 -101.11 -30.49 -72.88
C PHE F 13 -102.12 -29.42 -72.56
N ALA F 14 -103.12 -29.28 -73.44
CA ALA F 14 -104.17 -28.30 -73.22
C ALA F 14 -105.42 -28.67 -74.04
N PRO F 15 -106.60 -28.66 -73.42
CA PRO F 15 -107.82 -28.95 -74.17
C PRO F 15 -108.16 -27.84 -75.15
N ILE F 16 -108.78 -28.22 -76.26
CA ILE F 16 -109.17 -27.30 -77.32
C ILE F 16 -110.57 -26.78 -77.04
N THR F 17 -110.77 -25.49 -77.29
CA THR F 17 -112.05 -24.84 -77.05
C THR F 17 -112.97 -25.04 -78.25
N SER F 18 -114.08 -24.31 -78.29
CA SER F 18 -115.10 -24.48 -79.31
C SER F 18 -115.15 -23.36 -80.35
N THR F 19 -114.27 -22.36 -80.25
CA THR F 19 -114.31 -21.24 -81.18
C THR F 19 -113.90 -21.68 -82.58
N THR F 20 -114.46 -21.01 -83.58
CA THR F 20 -114.16 -21.29 -84.98
C THR F 20 -113.88 -19.98 -85.70
N SER F 21 -112.65 -19.81 -86.19
CA SER F 21 -112.25 -18.64 -86.96
C SER F 21 -111.75 -19.10 -88.32
N SER F 22 -112.41 -18.67 -89.39
CA SER F 22 -112.07 -19.06 -90.75
C SER F 22 -111.61 -17.82 -91.51
N VAL F 23 -110.29 -17.61 -91.56
CA VAL F 23 -109.69 -16.55 -92.34
C VAL F 23 -108.75 -17.20 -93.34
N THR F 24 -109.09 -17.12 -94.62
CA THR F 24 -108.38 -17.86 -95.66
C THR F 24 -106.99 -17.25 -95.87
N GLY F 25 -106.27 -17.77 -96.85
CA GLY F 25 -104.94 -17.28 -97.14
C GLY F 25 -103.90 -18.38 -97.10
N VAL F 26 -104.35 -19.62 -97.27
CA VAL F 26 -103.47 -20.78 -97.28
C VAL F 26 -103.04 -21.02 -98.72
N THR F 27 -101.72 -21.06 -98.95
CA THR F 27 -101.18 -21.20 -100.29
C THR F 27 -100.21 -22.36 -100.37
N ARG F 28 -99.49 -22.46 -101.48
CA ARG F 28 -98.44 -23.46 -101.68
C ARG F 28 -97.07 -22.83 -101.92
N ALA F 29 -97.03 -21.69 -102.61
CA ALA F 29 -95.75 -21.02 -102.86
C ALA F 29 -95.11 -20.53 -101.56
N ALA F 30 -95.94 -19.99 -100.66
CA ALA F 30 -95.43 -19.41 -99.43
C ALA F 30 -96.12 -20.04 -98.23
N PRO F 31 -95.57 -19.79 -96.98
CA PRO F 31 -96.33 -20.33 -95.86
C PRO F 31 -97.80 -19.84 -95.77
N PRO F 32 -98.76 -20.70 -95.28
CA PRO F 32 -100.11 -20.13 -95.20
C PRO F 32 -100.14 -18.94 -94.26
N VAL F 33 -100.87 -17.91 -94.67
CA VAL F 33 -100.94 -16.66 -93.93
C VAL F 33 -102.39 -16.21 -93.82
N ALA F 34 -102.82 -15.86 -92.62
CA ALA F 34 -104.10 -15.19 -92.43
C ALA F 34 -103.94 -13.72 -92.76
N THR F 35 -104.99 -13.12 -93.30
CA THR F 35 -104.94 -11.75 -93.78
C THR F 35 -105.84 -10.88 -92.91
N GLY F 36 -105.22 -9.98 -92.14
CA GLY F 36 -105.96 -9.01 -91.35
C GLY F 36 -106.82 -9.60 -90.26
N THR F 37 -106.38 -10.67 -89.61
CA THR F 37 -107.16 -11.28 -88.55
C THR F 37 -106.89 -10.59 -87.22
N MET F 38 -107.73 -10.90 -86.23
CA MET F 38 -107.65 -10.30 -84.91
C MET F 38 -106.94 -11.20 -83.90
N LEU F 39 -106.30 -12.27 -84.35
CA LEU F 39 -105.57 -13.17 -83.46
C LEU F 39 -104.12 -12.69 -83.36
N THR F 40 -103.78 -12.05 -82.24
CA THR F 40 -102.42 -11.62 -82.02
C THR F 40 -101.50 -12.84 -81.91
N ALA F 41 -100.26 -12.68 -82.37
CA ALA F 41 -99.31 -13.78 -82.34
C ALA F 41 -99.03 -14.21 -80.90
N GLY F 42 -98.87 -15.52 -80.71
CA GLY F 42 -98.55 -16.09 -79.42
C GLY F 42 -99.59 -17.03 -78.85
N THR F 43 -100.74 -17.20 -79.49
CA THR F 43 -101.77 -18.13 -79.04
C THR F 43 -102.01 -19.17 -80.13
N THR F 44 -101.80 -20.43 -79.79
CA THR F 44 -101.80 -21.48 -80.80
C THR F 44 -103.19 -21.67 -81.40
N VAL F 45 -103.21 -22.31 -82.58
CA VAL F 45 -104.43 -22.49 -83.34
C VAL F 45 -104.47 -23.90 -83.93
N LEU F 46 -105.63 -24.54 -83.86
CA LEU F 46 -105.87 -25.83 -84.49
C LEU F 46 -106.27 -25.60 -85.93
N VAL F 47 -105.63 -26.30 -86.86
CA VAL F 47 -105.86 -26.14 -88.29
C VAL F 47 -106.15 -27.50 -88.91
N ARG F 48 -107.32 -27.63 -89.53
CA ARG F 48 -107.76 -28.87 -90.14
C ARG F 48 -108.31 -28.60 -91.53
N SER F 49 -107.53 -27.89 -92.34
CA SER F 49 -108.02 -27.41 -93.63
C SER F 49 -108.50 -28.56 -94.51
N ASN F 50 -109.72 -28.41 -95.01
CA ASN F 50 -110.26 -29.34 -95.99
C ASN F 50 -109.66 -29.07 -97.36
N THR F 51 -109.65 -30.12 -98.19
CA THR F 51 -109.11 -30.13 -99.54
C THR F 51 -107.59 -29.96 -99.57
N TRP F 52 -106.93 -30.04 -98.43
CA TRP F 52 -105.46 -29.99 -98.33
C TRP F 52 -105.03 -31.11 -97.39
N THR F 53 -104.26 -32.07 -97.91
CA THR F 53 -103.89 -33.23 -97.12
C THR F 53 -102.79 -32.92 -96.11
N GLY F 54 -101.85 -32.04 -96.46
CA GLY F 54 -100.69 -31.81 -95.62
C GLY F 54 -100.98 -31.09 -94.32
N ILE F 55 -102.11 -30.41 -94.21
CA ILE F 55 -102.46 -29.70 -93.00
C ILE F 55 -103.77 -30.30 -92.50
N ASN F 56 -103.93 -31.60 -92.73
CA ASN F 56 -105.19 -32.28 -92.41
C ASN F 56 -105.51 -32.20 -90.92
N ASN F 57 -104.65 -32.76 -90.08
CA ASN F 57 -104.94 -32.87 -88.65
C ASN F 57 -103.72 -32.48 -87.81
N ARG F 58 -103.11 -31.35 -88.11
CA ARG F 58 -102.00 -30.83 -87.32
C ARG F 58 -102.38 -29.51 -86.67
N ILE F 59 -101.46 -29.01 -85.85
CA ILE F 59 -101.63 -27.75 -85.13
C ILE F 59 -100.32 -26.98 -85.17
N SER F 60 -100.42 -25.67 -85.40
CA SER F 60 -99.26 -24.78 -85.34
C SER F 60 -99.58 -23.60 -84.42
N VAL F 61 -98.69 -22.60 -84.41
CA VAL F 61 -98.92 -21.38 -83.65
C VAL F 61 -98.79 -20.20 -84.59
N VAL F 62 -99.59 -19.17 -84.35
CA VAL F 62 -99.59 -18.00 -85.23
C VAL F 62 -98.27 -17.24 -85.08
N ASP F 63 -97.54 -17.13 -86.19
CA ASP F 63 -96.24 -16.48 -86.22
C ASP F 63 -96.18 -15.64 -87.49
N ALA F 64 -94.95 -15.24 -87.86
CA ALA F 64 -94.71 -14.23 -88.90
C ALA F 64 -95.43 -12.97 -88.43
N ASN F 65 -96.29 -12.35 -89.23
CA ASN F 65 -97.15 -11.28 -88.74
C ASN F 65 -98.57 -11.79 -88.49
N LYS F 66 -99.17 -12.42 -89.50
CA LYS F 66 -100.48 -13.06 -89.37
C LYS F 66 -100.48 -14.40 -90.07
N ALA F 67 -99.45 -15.21 -89.83
CA ALA F 67 -99.26 -16.47 -90.55
C ALA F 67 -98.99 -17.61 -89.57
N LEU F 68 -98.88 -18.82 -90.12
CA LEU F 68 -98.48 -20.01 -89.39
C LEU F 68 -97.42 -20.76 -90.19
N GLN F 69 -96.42 -21.29 -89.48
CA GLN F 69 -95.33 -22.03 -90.11
C GLN F 69 -95.58 -23.53 -90.00
N GLY F 70 -94.57 -24.32 -90.32
CA GLY F 70 -94.72 -25.74 -90.43
C GLY F 70 -95.12 -26.23 -91.81
N PHE F 71 -95.42 -25.30 -92.72
CA PHE F 71 -95.73 -25.62 -94.12
C PHE F 71 -94.99 -24.60 -94.99
N ASP F 72 -93.81 -24.98 -95.46
CA ASP F 72 -93.03 -24.16 -96.37
C ASP F 72 -92.46 -25.00 -97.50
N THR F 73 -93.26 -25.95 -97.99
CA THR F 73 -92.81 -26.85 -99.05
C THR F 73 -92.80 -26.15 -100.40
N THR F 74 -92.33 -26.87 -101.41
CA THR F 74 -92.36 -26.39 -102.78
C THR F 74 -92.88 -27.41 -103.77
N ASP F 75 -93.14 -28.65 -103.34
CA ASP F 75 -93.71 -29.65 -104.23
C ASP F 75 -95.17 -29.32 -104.55
N THR F 76 -95.62 -29.78 -105.72
CA THR F 76 -96.92 -29.40 -106.24
C THR F 76 -97.89 -30.57 -106.45
N THR F 77 -97.40 -31.81 -106.54
CA THR F 77 -98.26 -32.95 -106.79
C THR F 77 -98.85 -33.54 -105.52
N THR F 78 -98.45 -33.02 -104.35
CA THR F 78 -98.88 -33.58 -103.08
C THR F 78 -99.63 -32.57 -102.21
N TYR F 79 -99.99 -31.41 -102.75
CA TYR F 79 -100.69 -30.38 -101.99
C TYR F 79 -101.66 -29.67 -102.94
N PRO F 80 -102.84 -30.26 -103.15
CA PRO F 80 -103.77 -29.73 -104.14
C PRO F 80 -104.69 -28.66 -103.58
N GLY F 81 -105.62 -28.18 -104.42
CA GLY F 81 -106.58 -27.18 -104.00
C GLY F 81 -106.04 -25.77 -104.04
N THR F 82 -106.88 -24.85 -103.58
CA THR F 82 -106.49 -23.44 -103.51
C THR F 82 -107.17 -22.84 -102.28
N SER F 83 -106.43 -22.72 -101.19
CA SER F 83 -106.90 -22.13 -99.93
C SER F 83 -108.12 -22.94 -99.49
N GLY F 84 -109.19 -22.29 -99.04
CA GLY F 84 -110.40 -22.98 -98.67
C GLY F 84 -110.89 -22.62 -97.28
N PRO F 85 -111.87 -23.35 -96.76
CA PRO F 85 -112.42 -23.08 -95.42
C PRO F 85 -111.54 -23.64 -94.31
N VAL F 86 -110.51 -22.86 -93.97
CA VAL F 86 -109.56 -23.22 -92.92
C VAL F 86 -110.02 -22.60 -91.61
N GLU F 87 -110.26 -23.42 -90.60
CA GLU F 87 -110.76 -22.96 -89.32
C GLU F 87 -109.62 -22.82 -88.32
N LEU F 88 -109.74 -21.83 -87.43
CA LEU F 88 -108.75 -21.55 -86.40
C LEU F 88 -109.40 -21.76 -85.04
N ILE F 89 -108.94 -22.77 -84.31
CA ILE F 89 -109.45 -23.09 -82.99
C ILE F 89 -108.34 -22.84 -81.99
N THR F 90 -108.57 -21.93 -81.05
CA THR F 90 -107.58 -21.69 -80.00
C THR F 90 -107.59 -22.83 -78.99
N VAL F 91 -106.45 -23.05 -78.36
CA VAL F 91 -106.24 -24.16 -77.45
C VAL F 91 -106.01 -23.60 -76.05
N GLY F 92 -106.62 -24.25 -75.05
CA GLY F 92 -106.60 -23.76 -73.69
C GLY F 92 -105.22 -23.56 -73.06
N ALA F 93 -105.21 -23.11 -71.81
CA ALA F 93 -103.95 -22.87 -71.13
C ALA F 93 -103.19 -24.18 -70.92
N PHE F 94 -101.88 -24.12 -71.12
CA PHE F 94 -101.05 -25.32 -71.03
C PHE F 94 -100.67 -25.62 -69.59
N VAL F 95 -100.62 -26.92 -69.28
CA VAL F 95 -100.22 -27.41 -67.96
C VAL F 95 -99.09 -28.41 -68.16
N ASN F 96 -98.00 -28.22 -67.42
CA ASN F 96 -96.82 -29.05 -67.55
C ASN F 96 -96.83 -30.19 -66.53
N PHE F 97 -96.35 -31.35 -66.97
CA PHE F 97 -96.10 -32.43 -66.02
C PHE F 97 -94.87 -32.10 -65.20
N THR F 98 -94.78 -32.72 -64.03
CA THR F 98 -93.62 -32.57 -63.16
C THR F 98 -93.14 -33.94 -62.71
N GLN F 99 -91.83 -34.03 -62.48
CA GLN F 99 -91.19 -35.26 -61.98
C GLN F 99 -91.31 -36.41 -63.00
N GLN F 100 -90.92 -36.13 -64.24
CA GLN F 100 -91.08 -37.10 -65.30
C GLN F 100 -90.06 -38.24 -65.20
N GLY F 101 -90.45 -39.39 -65.74
CA GLY F 101 -89.65 -40.60 -65.77
C GLY F 101 -88.93 -40.80 -67.08
N GLU F 102 -88.74 -42.07 -67.46
CA GLU F 102 -88.01 -42.40 -68.66
C GLU F 102 -88.99 -42.67 -69.80
N PRO F 103 -88.92 -41.93 -70.91
CA PRO F 103 -89.89 -42.14 -72.00
C PRO F 103 -89.64 -43.46 -72.73
N SER F 104 -90.66 -43.92 -73.43
CA SER F 104 -90.59 -45.14 -74.21
C SER F 104 -91.18 -44.91 -75.60
N THR F 105 -90.49 -45.40 -76.62
CA THR F 105 -90.94 -45.24 -78.00
C THR F 105 -91.88 -46.39 -78.37
N SER F 106 -92.25 -46.47 -79.64
CA SER F 106 -93.13 -47.52 -80.14
C SER F 106 -92.52 -48.10 -81.40
N GLY F 107 -93.24 -49.04 -82.02
CA GLY F 107 -92.77 -49.68 -83.24
C GLY F 107 -92.64 -48.73 -84.40
N GLY F 108 -91.44 -48.62 -84.96
CA GLY F 108 -91.20 -47.73 -86.08
C GLY F 108 -91.06 -48.46 -87.40
N ASP F 109 -91.82 -49.54 -87.56
CA ASP F 109 -91.74 -50.36 -88.75
C ASP F 109 -92.84 -50.00 -89.75
N GLN F 110 -92.44 -49.88 -91.01
CA GLN F 110 -93.32 -49.48 -92.10
C GLN F 110 -94.03 -50.70 -92.66
N GLN F 111 -95.36 -50.64 -92.74
CA GLN F 111 -96.09 -51.77 -93.29
C GLN F 111 -95.85 -51.88 -94.79
N PHE F 112 -96.01 -53.08 -95.32
CA PHE F 112 -95.57 -53.43 -96.66
C PHE F 112 -96.77 -53.75 -97.55
N TRP F 113 -96.46 -54.08 -98.81
CA TRP F 113 -97.45 -54.64 -99.73
C TRP F 113 -96.67 -55.50 -100.72
N ASN F 114 -96.60 -56.81 -100.44
CA ASN F 114 -95.74 -57.72 -101.19
C ASN F 114 -96.56 -58.79 -101.90
N GLY F 115 -96.03 -59.23 -103.04
CA GLY F 115 -96.68 -60.27 -103.83
C GLY F 115 -95.70 -61.06 -104.68
N GLN F 116 -96.16 -61.58 -105.82
CA GLN F 116 -95.33 -62.35 -106.72
C GLN F 116 -95.62 -61.93 -108.17
N LEU F 117 -94.61 -62.00 -109.02
CA LEU F 117 -94.71 -61.61 -110.42
C LEU F 117 -94.58 -62.82 -111.33
N LEU F 118 -95.06 -62.67 -112.56
CA LEU F 118 -95.16 -63.81 -113.48
C LEU F 118 -93.95 -63.92 -114.39
N GLU F 119 -93.40 -62.79 -114.85
CA GLU F 119 -92.36 -62.83 -115.88
C GLU F 119 -91.00 -63.32 -115.36
N ASP F 120 -90.85 -63.49 -114.04
CA ASP F 120 -89.55 -63.85 -113.48
C ASP F 120 -89.22 -65.31 -113.76
N ARG F 121 -87.92 -65.60 -113.95
CA ARG F 121 -87.42 -66.96 -114.09
C ARG F 121 -86.50 -67.37 -112.94
N SER F 122 -86.09 -66.44 -112.09
CA SER F 122 -85.23 -66.73 -110.96
C SER F 122 -85.95 -66.62 -109.62
N GLY F 123 -87.28 -66.52 -109.64
CA GLY F 123 -88.04 -66.43 -108.39
C GLY F 123 -87.81 -65.16 -107.61
N ARG F 124 -87.71 -64.03 -108.30
CA ARG F 124 -87.61 -62.74 -107.62
C ARG F 124 -88.92 -62.45 -106.89
N GLN F 125 -88.82 -61.99 -105.65
CA GLN F 125 -89.97 -61.79 -104.78
C GLN F 125 -90.28 -60.30 -104.68
N LEU F 126 -91.56 -59.96 -104.81
CA LEU F 126 -91.98 -58.56 -104.68
C LEU F 126 -91.89 -58.11 -103.23
N ALA F 127 -91.52 -56.84 -103.03
CA ALA F 127 -91.47 -56.26 -101.69
C ALA F 127 -91.69 -54.76 -101.83
N ILE F 128 -92.89 -54.30 -101.49
CA ILE F 128 -93.24 -52.88 -101.58
C ILE F 128 -93.68 -52.39 -100.20
N PRO F 129 -92.81 -51.74 -99.43
CA PRO F 129 -93.26 -51.11 -98.18
C PRO F 129 -94.24 -49.98 -98.45
N THR F 130 -95.23 -49.84 -97.57
CA THR F 130 -96.35 -48.95 -97.82
C THR F 130 -96.41 -47.76 -96.86
N PHE F 131 -96.51 -47.99 -95.55
CA PHE F 131 -96.74 -46.90 -94.62
C PHE F 131 -96.34 -47.33 -93.22
N LYS F 132 -95.93 -46.36 -92.41
CA LYS F 132 -95.46 -46.65 -91.07
C LYS F 132 -96.62 -47.09 -90.18
N ASN F 133 -96.30 -47.86 -89.15
CA ASN F 133 -97.30 -48.40 -88.25
C ASN F 133 -97.69 -47.35 -87.21
N ALA F 134 -98.77 -47.62 -86.48
CA ALA F 134 -99.27 -46.68 -85.49
C ALA F 134 -98.24 -46.45 -84.39
N LYS F 135 -98.15 -45.21 -83.91
CA LYS F 135 -97.14 -44.80 -82.95
C LYS F 135 -97.79 -44.47 -81.62
N THR F 136 -97.09 -44.81 -80.53
CA THR F 136 -97.52 -44.45 -79.18
C THR F 136 -96.31 -44.05 -78.36
N LEU F 137 -96.55 -43.25 -77.33
CA LEU F 137 -95.52 -42.82 -76.41
C LEU F 137 -95.99 -43.07 -75.00
N THR F 138 -95.18 -43.80 -74.21
CA THR F 138 -95.51 -44.13 -72.84
C THR F 138 -94.53 -43.43 -71.92
N LEU F 139 -95.04 -42.52 -71.08
CA LEU F 139 -94.20 -41.72 -70.20
C LEU F 139 -94.56 -42.02 -68.74
N PRO F 140 -93.77 -42.84 -68.06
CA PRO F 140 -94.01 -43.08 -66.63
C PRO F 140 -93.79 -41.80 -65.81
N LEU F 141 -94.55 -41.70 -64.73
CA LEU F 141 -94.63 -40.49 -63.93
C LEU F 141 -94.74 -40.85 -62.45
N TYR F 142 -94.09 -40.06 -61.60
CA TYR F 142 -94.00 -40.41 -60.19
C TYR F 142 -95.16 -39.81 -59.38
N MET F 143 -95.38 -40.38 -58.19
CA MET F 143 -96.56 -40.10 -57.40
C MET F 143 -96.58 -38.67 -56.86
N ASP F 144 -97.75 -38.04 -56.95
CA ASP F 144 -98.19 -36.87 -56.20
C ASP F 144 -99.70 -36.78 -56.32
N THR F 145 -100.31 -36.10 -55.36
CA THR F 145 -101.76 -35.88 -55.36
C THR F 145 -102.11 -34.40 -55.40
N SER F 146 -101.50 -33.59 -54.54
CA SER F 146 -101.83 -32.17 -54.45
C SER F 146 -100.99 -31.37 -55.45
N LEU F 147 -101.11 -31.76 -56.71
CA LEU F 147 -100.48 -31.04 -57.82
C LEU F 147 -101.52 -30.83 -58.90
N PRO F 148 -101.47 -29.68 -59.58
CA PRO F 148 -102.56 -29.36 -60.53
C PRO F 148 -102.67 -30.36 -61.68
N TRP F 149 -101.54 -30.89 -62.17
CA TRP F 149 -101.61 -31.83 -63.27
C TRP F 149 -102.32 -33.11 -62.88
N TYR F 150 -102.36 -33.45 -61.58
CA TYR F 150 -103.12 -34.61 -61.14
C TYR F 150 -104.60 -34.45 -61.45
N ALA F 151 -105.17 -33.30 -61.04
CA ALA F 151 -106.56 -33.03 -61.37
C ALA F 151 -106.75 -32.90 -62.88
N ALA F 152 -105.79 -32.28 -63.56
CA ALA F 152 -105.89 -32.15 -65.01
C ALA F 152 -106.00 -33.51 -65.68
N ALA F 153 -105.20 -34.48 -65.23
CA ALA F 153 -105.24 -35.81 -65.83
C ALA F 153 -106.49 -36.57 -65.42
N LYS F 154 -106.89 -36.47 -64.15
CA LYS F 154 -108.12 -37.12 -63.72
C LYS F 154 -109.36 -36.50 -64.34
N ALA F 155 -109.24 -35.34 -64.97
CA ALA F 155 -110.33 -34.80 -65.78
C ALA F 155 -110.20 -35.16 -67.25
N ALA F 156 -108.97 -35.16 -67.78
CA ALA F 156 -108.77 -35.43 -69.20
C ALA F 156 -109.00 -36.91 -69.52
N ASP F 157 -108.90 -37.79 -68.54
CA ASP F 157 -109.25 -39.19 -68.79
C ASP F 157 -110.76 -39.35 -68.94
N ALA F 158 -111.54 -38.61 -68.15
CA ALA F 158 -112.99 -38.68 -68.27
C ALA F 158 -113.51 -37.91 -69.48
N ARG F 159 -112.79 -36.87 -69.90
CA ARG F 159 -113.20 -36.12 -71.09
C ARG F 159 -113.20 -37.01 -72.33
N GLY F 160 -112.15 -37.83 -72.49
CA GLY F 160 -112.10 -38.76 -73.60
C GLY F 160 -112.03 -38.12 -74.97
N GLU F 161 -111.19 -37.12 -75.14
CA GLU F 161 -111.01 -36.44 -76.41
C GLU F 161 -109.52 -36.38 -76.78
N PRO F 162 -109.20 -36.43 -78.07
CA PRO F 162 -107.82 -36.15 -78.47
C PRO F 162 -107.40 -34.75 -78.08
N VAL F 163 -106.15 -34.60 -77.67
CA VAL F 163 -105.65 -33.36 -77.11
C VAL F 163 -104.37 -32.97 -77.84
N ALA F 164 -104.09 -31.68 -77.88
CA ALA F 164 -102.83 -31.16 -78.42
C ALA F 164 -101.74 -31.36 -77.38
N VAL F 165 -100.70 -32.10 -77.75
CA VAL F 165 -99.61 -32.42 -76.84
C VAL F 165 -98.37 -31.62 -77.23
N ARG F 166 -97.66 -31.11 -76.23
CA ARG F 166 -96.39 -30.42 -76.45
C ARG F 166 -95.22 -31.33 -76.12
N MET F 167 -94.18 -31.25 -76.95
CA MET F 167 -92.86 -31.78 -76.63
C MET F 167 -91.89 -30.61 -76.77
N LEU F 168 -91.09 -30.37 -75.74
CA LEU F 168 -90.32 -29.14 -75.62
C LEU F 168 -88.83 -29.46 -75.57
N LEU F 169 -88.01 -28.46 -75.85
CA LEU F 169 -86.56 -28.57 -75.82
C LEU F 169 -85.98 -27.46 -74.98
N PRO F 170 -84.79 -27.67 -74.40
CA PRO F 170 -84.24 -26.68 -73.45
C PRO F 170 -84.06 -25.29 -74.03
N ASN F 171 -83.65 -25.15 -75.30
CA ASN F 171 -83.31 -23.84 -75.84
C ASN F 171 -84.49 -23.14 -76.51
N GLY F 172 -85.72 -23.49 -76.15
CA GLY F 172 -86.89 -22.77 -76.63
C GLY F 172 -87.67 -23.46 -77.71
N ASP F 173 -87.14 -24.51 -78.32
CA ASP F 173 -87.85 -25.20 -79.40
C ASP F 173 -89.15 -25.81 -78.88
N ALA F 174 -89.98 -26.25 -79.81
CA ALA F 174 -91.24 -26.88 -79.46
C ALA F 174 -91.67 -27.81 -80.60
N SER F 175 -92.62 -28.68 -80.30
CA SER F 175 -93.20 -29.56 -81.31
C SER F 175 -94.64 -29.83 -80.93
N TYR F 176 -95.56 -29.03 -81.47
CA TYR F 176 -96.98 -29.17 -81.17
C TYR F 176 -97.57 -30.24 -82.08
N ASN F 177 -98.18 -31.26 -81.48
CA ASN F 177 -98.74 -32.39 -82.21
C ASN F 177 -100.24 -32.48 -81.96
N TYR F 178 -100.84 -33.54 -82.46
CA TYR F 178 -102.24 -33.86 -82.19
C TYR F 178 -102.42 -35.37 -82.23
N GLY F 179 -103.06 -35.91 -81.20
CA GLY F 179 -103.23 -37.35 -81.12
C GLY F 179 -103.87 -37.74 -79.80
N TYR F 180 -103.93 -39.06 -79.61
CA TYR F 180 -104.60 -39.63 -78.45
C TYR F 180 -103.72 -39.55 -77.21
N MET F 181 -104.35 -39.54 -76.04
CA MET F 181 -103.64 -39.69 -74.78
C MET F 181 -104.54 -40.39 -73.79
N SER F 182 -103.93 -40.98 -72.77
CA SER F 182 -104.66 -41.63 -71.70
C SER F 182 -103.81 -41.59 -70.44
N PHE F 183 -104.46 -41.85 -69.31
CA PHE F 183 -103.83 -41.80 -68.00
C PHE F 183 -104.45 -42.89 -67.15
N ASP F 184 -103.62 -43.82 -66.68
CA ASP F 184 -104.11 -45.00 -65.99
C ASP F 184 -104.43 -44.75 -64.53
N GLY F 185 -104.14 -43.56 -64.01
CA GLY F 185 -104.53 -43.23 -62.66
C GLY F 185 -103.46 -43.52 -61.62
N ASP F 186 -103.55 -44.68 -60.99
CA ASP F 186 -102.71 -45.00 -59.85
C ASP F 186 -102.40 -46.49 -59.86
N ALA F 187 -101.94 -47.00 -58.72
CA ALA F 187 -101.74 -48.43 -58.48
C ALA F 187 -100.73 -49.02 -59.46
N THR F 188 -99.51 -48.50 -59.39
CA THR F 188 -98.35 -49.09 -60.04
C THR F 188 -97.33 -49.29 -58.93
N ILE F 189 -97.41 -50.43 -58.26
CA ILE F 189 -96.58 -50.73 -57.10
C ILE F 189 -95.48 -51.69 -57.52
N THR F 190 -94.27 -51.18 -57.62
CA THR F 190 -93.11 -51.98 -57.98
C THR F 190 -92.42 -52.49 -56.72
N ALA F 191 -91.21 -53.03 -56.87
CA ALA F 191 -90.53 -53.69 -55.76
C ALA F 191 -90.10 -52.69 -54.69
N ASN F 192 -89.20 -51.77 -55.04
CA ASN F 192 -88.71 -50.80 -54.07
C ASN F 192 -88.62 -49.38 -54.59
N ALA F 193 -88.91 -49.12 -55.86
CA ALA F 193 -88.85 -47.77 -56.39
C ALA F 193 -90.09 -46.99 -55.96
N PRO F 194 -90.05 -45.65 -56.07
CA PRO F 194 -91.24 -44.86 -55.75
C PRO F 194 -92.38 -45.17 -56.70
N ILE F 195 -93.60 -44.88 -56.22
CA ILE F 195 -94.80 -45.23 -56.99
C ILE F 195 -94.81 -44.45 -58.29
N THR F 196 -95.21 -45.11 -59.37
CA THR F 196 -95.27 -44.48 -60.68
C THR F 196 -96.71 -44.41 -61.18
N ASN F 197 -96.90 -43.63 -62.24
CA ASN F 197 -98.20 -43.46 -62.90
C ASN F 197 -97.99 -43.54 -64.40
N VAL F 198 -98.29 -44.71 -64.99
CA VAL F 198 -98.08 -44.91 -66.41
C VAL F 198 -99.01 -44.00 -67.20
N ALA F 199 -98.47 -43.34 -68.22
CA ALA F 199 -99.24 -42.50 -69.12
C ALA F 199 -98.93 -42.89 -70.56
N THR F 200 -99.97 -42.97 -71.38
CA THR F 200 -99.84 -43.45 -72.75
C THR F 200 -100.34 -42.41 -73.73
N PHE F 201 -99.58 -42.21 -74.81
CA PHE F 201 -99.95 -41.35 -75.92
C PHE F 201 -100.27 -42.22 -77.13
N THR F 202 -100.63 -41.55 -78.24
CA THR F 202 -100.80 -42.20 -79.54
C THR F 202 -100.91 -41.14 -80.63
N PHE F 203 -100.24 -41.35 -81.76
CA PHE F 203 -100.17 -40.36 -82.83
C PHE F 203 -100.69 -40.94 -84.14
N LEU F 204 -101.29 -40.09 -84.97
CA LEU F 204 -101.96 -40.53 -86.19
C LEU F 204 -101.58 -39.72 -87.43
N SER F 205 -100.89 -38.60 -87.28
CA SER F 205 -100.70 -37.65 -88.38
C SER F 205 -99.30 -37.05 -88.31
N ASP F 206 -99.10 -35.96 -89.04
CA ASP F 206 -97.82 -35.26 -89.05
C ASP F 206 -97.61 -34.50 -87.74
N SER F 207 -96.34 -34.32 -87.39
CA SER F 207 -95.93 -33.45 -86.29
C SER F 207 -95.10 -32.31 -86.86
N THR F 208 -95.50 -31.08 -86.57
CA THR F 208 -94.76 -29.93 -87.06
C THR F 208 -93.54 -29.66 -86.19
N LEU F 209 -92.67 -28.78 -86.69
CA LEU F 209 -91.54 -28.27 -85.94
C LEU F 209 -91.65 -26.76 -85.85
N VAL F 210 -91.55 -26.22 -84.64
CA VAL F 210 -91.77 -24.80 -84.40
C VAL F 210 -90.49 -24.21 -83.80
N GLU F 211 -89.66 -23.64 -84.66
CA GLU F 211 -88.48 -22.93 -84.17
C GLU F 211 -88.88 -21.78 -83.26
N ALA F 212 -88.11 -21.59 -82.20
CA ALA F 212 -88.29 -20.46 -81.28
C ALA F 212 -87.03 -20.28 -80.44
N GLY G 40 53.00 35.90 20.33
CA GLY G 40 53.92 36.89 19.82
C GLY G 40 54.65 36.44 18.57
N SER G 41 54.57 35.15 18.28
CA SER G 41 55.17 34.57 17.09
C SER G 41 54.14 34.09 16.08
N ARG G 42 53.18 33.28 16.51
CA ARG G 42 52.11 32.78 15.65
C ARG G 42 52.66 32.02 14.45
N PHE G 43 53.33 30.89 14.74
CA PHE G 43 53.89 30.04 13.71
C PHE G 43 53.05 28.79 13.54
N THR G 44 53.19 28.15 12.38
CA THR G 44 52.42 26.98 12.01
C THR G 44 53.31 25.75 12.00
N SER G 45 52.67 24.59 11.83
CA SER G 45 53.38 23.32 11.83
C SER G 45 52.55 22.31 11.05
N ASP G 46 53.18 21.17 10.73
CA ASP G 46 52.52 20.17 9.90
C ASP G 46 51.37 19.51 10.63
N ALA G 47 51.41 19.44 11.96
CA ALA G 47 50.30 18.91 12.73
C ALA G 47 49.13 19.88 12.81
N GLY G 48 49.30 21.12 12.35
CA GLY G 48 48.23 22.08 12.33
C GLY G 48 48.05 22.88 13.60
N ARG G 49 48.91 22.71 14.60
CA ARG G 49 48.78 23.38 15.88
C ARG G 49 49.64 24.63 15.89
N GLU G 50 49.04 25.76 16.27
CA GLU G 50 49.77 27.01 16.35
C GLU G 50 50.78 26.95 17.49
N VAL G 51 52.01 27.38 17.22
CA VAL G 51 53.08 27.39 18.21
C VAL G 51 53.53 28.82 18.44
N SER G 52 53.62 29.20 19.72
CA SER G 52 54.10 30.51 20.13
C SER G 52 54.70 30.37 21.51
N VAL G 53 55.02 31.50 22.15
CA VAL G 53 55.65 31.44 23.47
C VAL G 53 54.72 30.81 24.48
N GLN G 54 53.44 31.21 24.48
CA GLN G 54 52.50 30.72 25.48
C GLN G 54 52.18 29.25 25.27
N THR G 55 51.87 28.86 24.04
CA THR G 55 51.54 27.46 23.77
C THR G 55 52.75 26.55 23.99
N ALA G 56 53.94 27.02 23.63
CA ALA G 56 55.15 26.23 23.88
C ALA G 56 55.42 26.09 25.37
N MET G 57 55.22 27.16 26.14
CA MET G 57 55.39 27.06 27.59
C MET G 57 54.30 26.23 28.24
N SER G 58 53.20 25.96 27.53
CA SER G 58 52.22 25.01 28.07
C SER G 58 52.80 23.61 28.23
N LEU G 59 53.85 23.27 27.50
CA LEU G 59 54.48 21.97 27.58
C LEU G 59 55.32 21.84 28.83
N ASP G 60 55.37 20.64 29.40
CA ASP G 60 56.16 20.43 30.62
C ASP G 60 57.65 20.32 30.33
N ALA G 61 58.02 19.68 29.21
CA ALA G 61 59.44 19.50 28.92
C ALA G 61 60.13 20.84 28.66
N VAL G 62 59.47 21.74 27.94
CA VAL G 62 60.03 23.07 27.72
C VAL G 62 60.18 23.80 29.04
N GLN G 63 59.17 23.70 29.91
CA GLN G 63 59.26 24.28 31.24
C GLN G 63 60.51 23.80 31.96
N ALA G 64 60.71 22.48 31.99
CA ALA G 64 61.83 21.92 32.73
C ALA G 64 63.16 22.39 32.16
N CYS G 65 63.33 22.33 30.84
CA CYS G 65 64.61 22.68 30.25
C CYS G 65 64.93 24.16 30.43
N VAL G 66 63.98 25.04 30.09
CA VAL G 66 64.22 26.46 30.20
C VAL G 66 64.49 26.87 31.64
N LYS G 67 63.69 26.34 32.58
CA LYS G 67 63.91 26.68 34.00
C LYS G 67 65.26 26.18 34.46
N LEU G 68 65.66 24.96 34.09
CA LEU G 68 66.94 24.45 34.51
C LEU G 68 68.07 25.37 34.07
N ILE G 69 68.10 25.71 32.77
CA ILE G 69 69.19 26.56 32.28
C ILE G 69 69.16 27.92 32.97
N SER G 70 67.97 28.52 33.08
CA SER G 70 67.86 29.88 33.60
C SER G 70 68.26 29.95 35.07
N GLN G 71 67.58 29.20 35.94
CA GLN G 71 67.96 29.21 37.35
C GLN G 71 69.34 28.63 37.62
N SER G 72 69.95 27.91 36.67
CA SER G 72 71.32 27.50 36.92
C SER G 72 72.31 28.63 36.64
N ILE G 73 72.13 29.35 35.52
CA ILE G 73 73.03 30.45 35.21
C ILE G 73 72.84 31.60 36.20
N ALA G 74 71.60 31.88 36.58
CA ALA G 74 71.31 33.07 37.38
C ALA G 74 71.88 32.97 38.79
N ALA G 75 71.89 31.77 39.38
CA ALA G 75 72.30 31.64 40.78
C ALA G 75 73.80 31.77 40.99
N MET G 76 74.59 31.81 39.92
CA MET G 76 76.04 31.99 40.05
C MET G 76 76.37 33.46 40.16
N PRO G 77 77.09 33.89 41.19
CA PRO G 77 77.44 35.31 41.31
C PRO G 77 78.50 35.72 40.30
N LEU G 78 78.41 36.96 39.84
CA LEU G 78 79.29 37.50 38.81
C LEU G 78 80.12 38.63 39.42
N TYR G 79 81.42 38.39 39.56
CA TYR G 79 82.30 39.32 40.25
C TYR G 79 83.06 40.19 39.26
N LEU G 80 83.34 41.42 39.66
CA LEU G 80 84.15 42.35 38.89
C LEU G 80 85.53 42.44 39.52
N TYR G 81 86.56 42.15 38.72
CA TYR G 81 87.92 42.01 39.23
C TYR G 81 88.81 43.11 38.67
N LYS G 82 89.83 43.47 39.43
CA LYS G 82 90.86 44.40 38.99
C LYS G 82 92.19 43.69 38.96
N LYS G 83 92.95 43.89 37.89
CA LYS G 83 94.23 43.24 37.71
C LYS G 83 95.29 43.93 38.55
N THR G 84 96.07 43.14 39.27
CA THR G 84 97.17 43.66 40.08
C THR G 84 98.42 42.82 39.84
N PRO G 85 99.60 43.41 40.02
CA PRO G 85 100.83 42.61 39.90
C PRO G 85 100.91 41.48 40.91
N ASP G 86 100.34 41.67 42.11
CA ASP G 86 100.37 40.66 43.15
C ASP G 86 99.10 39.81 43.10
N GLY G 87 98.87 39.23 41.93
CA GLY G 87 97.74 38.34 41.74
C GLY G 87 96.49 39.01 41.19
N ARG G 88 95.48 39.14 42.03
CA ARG G 88 94.18 39.63 41.60
C ARG G 88 93.38 40.06 42.82
N LYS G 89 92.61 41.14 42.69
CA LYS G 89 91.83 41.68 43.79
C LYS G 89 90.50 42.21 43.29
N GLU G 90 89.48 42.10 44.12
CA GLU G 90 88.14 42.54 43.76
C GLU G 90 88.04 44.06 43.74
N ALA G 91 87.16 44.57 42.87
CA ALA G 91 86.95 46.00 42.71
C ALA G 91 85.69 46.40 43.48
N VAL G 92 85.82 46.52 44.79
CA VAL G 92 84.67 46.83 45.63
C VAL G 92 84.22 48.27 45.45
N ASN G 93 85.13 49.15 45.02
CA ASN G 93 84.80 50.58 44.92
C ASN G 93 84.24 50.97 43.57
N HIS G 94 84.31 50.12 42.57
CA HIS G 94 83.71 50.43 41.28
C HIS G 94 82.19 50.30 41.38
N PRO G 95 81.42 51.24 40.83
CA PRO G 95 79.96 51.14 40.92
C PRO G 95 79.39 49.89 40.26
N LEU G 96 79.99 49.44 39.16
CA LEU G 96 79.46 48.29 38.44
C LEU G 96 79.49 47.04 39.31
N TYR G 97 80.39 46.97 40.28
CA TYR G 97 80.48 45.78 41.13
C TYR G 97 79.21 45.61 41.94
N ASP G 98 78.80 46.65 42.66
CA ASP G 98 77.55 46.58 43.41
C ASP G 98 76.35 46.57 42.48
N LEU G 99 76.52 47.08 41.25
CA LEU G 99 75.41 47.02 40.30
C LEU G 99 75.17 45.60 39.81
N LEU G 100 76.21 44.77 39.77
CA LEU G 100 76.08 43.41 39.27
C LEU G 100 75.80 42.39 40.38
N LEU G 101 76.44 42.52 41.54
CA LEU G 101 76.26 41.54 42.59
C LEU G 101 74.87 41.62 43.22
N SER G 102 74.44 42.83 43.60
CA SER G 102 73.25 42.98 44.45
C SER G 102 72.00 43.36 43.66
N ALA G 103 72.03 44.49 42.96
CA ALA G 103 70.82 44.94 42.29
C ALA G 103 71.15 45.88 41.13
N PRO G 104 70.85 45.48 39.89
CA PRO G 104 71.07 46.39 38.75
C PRO G 104 70.16 47.60 38.77
N ASN G 105 69.07 47.56 39.51
CA ASN G 105 68.06 48.60 39.48
C ASN G 105 67.66 48.92 40.92
N SER G 106 66.58 49.70 41.06
CA SER G 106 66.02 49.95 42.38
C SER G 106 64.87 49.01 42.73
N SER G 107 64.41 48.21 41.78
CA SER G 107 63.31 47.27 42.02
C SER G 107 63.70 45.83 41.72
N GLN G 108 64.44 45.58 40.64
CA GLN G 108 64.84 44.23 40.30
C GLN G 108 66.12 43.83 41.03
N THR G 109 66.27 42.54 41.26
CA THR G 109 67.47 41.98 41.83
C THR G 109 68.34 41.38 40.73
N ALA G 110 69.56 41.00 41.09
CA ALA G 110 70.46 40.39 40.12
C ALA G 110 69.90 39.06 39.62
N PHE G 111 69.33 38.27 40.52
CA PHE G 111 68.77 36.98 40.13
C PHE G 111 67.68 37.15 39.08
N GLU G 112 66.72 38.05 39.33
CA GLU G 112 65.65 38.28 38.37
C GLU G 112 66.19 38.81 37.06
N PHE G 113 67.13 39.76 37.13
CA PHE G 113 67.72 40.33 35.93
C PHE G 113 68.31 39.25 35.03
N PHE G 114 69.17 38.40 35.61
CA PHE G 114 69.83 37.42 34.78
C PHE G 114 68.93 36.27 34.36
N GLU G 115 67.96 35.88 35.17
CA GLU G 115 67.07 34.82 34.71
C GLU G 115 66.19 35.31 33.57
N CYS G 116 65.75 36.58 33.62
CA CYS G 116 65.00 37.13 32.49
C CYS G 116 65.87 37.20 31.25
N ILE G 117 67.12 37.61 31.39
CA ILE G 117 67.96 37.77 30.20
C ILE G 117 68.28 36.40 29.58
N LEU G 118 68.49 35.38 30.42
CA LEU G 118 68.71 34.03 29.90
C LEU G 118 67.46 33.48 29.22
N THR G 119 66.28 33.72 29.81
CA THR G 119 65.06 33.24 29.15
C THR G 119 64.86 33.93 27.81
N ALA G 120 65.20 35.22 27.74
CA ALA G 120 65.09 35.95 26.48
C ALA G 120 65.99 35.32 25.42
N MET G 121 67.25 35.03 25.77
CA MET G 121 68.12 34.37 24.79
C MET G 121 67.56 33.02 24.38
N LEU G 122 67.11 32.22 25.34
CA LEU G 122 66.68 30.86 25.00
C LEU G 122 65.47 30.87 24.08
N LEU G 123 64.49 31.74 24.34
CA LEU G 123 63.25 31.69 23.56
C LEU G 123 63.30 32.56 22.32
N HIS G 124 63.66 33.84 22.46
CA HIS G 124 63.63 34.77 21.33
C HIS G 124 64.98 34.93 20.65
N GLY G 125 66.07 34.59 21.33
CA GLY G 125 67.38 34.64 20.74
C GLY G 125 68.13 35.95 20.94
N ASN G 126 67.42 37.03 21.27
CA ASN G 126 68.03 38.35 21.44
C ASN G 126 67.54 38.95 22.75
N ALA G 127 68.46 39.56 23.49
CA ALA G 127 68.13 40.24 24.74
C ALA G 127 68.66 41.66 24.72
N TYR G 128 67.85 42.60 25.22
CA TYR G 128 68.14 44.02 25.14
C TYR G 128 68.20 44.60 26.54
N VAL G 129 69.21 45.44 26.79
CA VAL G 129 69.42 46.08 28.09
C VAL G 129 69.73 47.54 27.83
N ARG G 130 69.15 48.42 28.65
CA ARG G 130 69.36 49.85 28.54
C ARG G 130 70.27 50.33 29.66
N LYS G 131 71.30 51.08 29.31
CA LYS G 131 72.24 51.61 30.29
C LYS G 131 71.82 53.01 30.69
N LEU G 132 71.43 53.18 31.94
CA LEU G 132 71.10 54.49 32.49
C LEU G 132 72.40 55.06 33.07
N MET G 133 73.14 55.78 32.24
CA MET G 133 74.45 56.29 32.61
C MET G 133 74.43 57.81 32.63
N SER G 134 75.04 58.38 33.66
CA SER G 134 75.09 59.82 33.84
C SER G 134 76.50 60.22 34.28
N ASN G 135 76.92 61.40 33.83
CA ASN G 135 78.24 61.94 34.16
C ASN G 135 79.34 60.97 33.71
N GLY G 136 79.14 60.40 32.52
CA GLY G 136 80.10 59.50 31.94
C GLY G 136 80.26 58.17 32.63
N LYS G 137 79.43 57.86 33.62
CA LYS G 137 79.51 56.63 34.38
C LYS G 137 78.13 55.97 34.45
N ILE G 138 78.12 54.65 34.60
CA ILE G 138 76.87 53.90 34.67
C ILE G 138 76.31 54.00 36.07
N GLU G 139 75.01 54.33 36.17
CA GLU G 139 74.30 54.34 37.44
C GLU G 139 73.44 53.10 37.64
N SER G 140 72.70 52.68 36.62
CA SER G 140 71.81 51.54 36.75
C SER G 140 71.52 50.95 35.39
N LEU G 141 71.01 49.73 35.40
CA LEU G 141 70.67 48.97 34.20
C LEU G 141 69.24 48.47 34.34
N GLN G 142 68.48 48.50 33.26
CA GLN G 142 67.14 47.93 33.29
C GLN G 142 66.88 47.12 32.04
N PHE G 143 65.99 46.15 32.15
CA PHE G 143 65.74 45.16 31.11
C PHE G 143 64.55 45.60 30.26
N MET G 144 64.76 45.65 28.95
CA MET G 144 63.74 46.09 28.01
C MET G 144 63.08 44.88 27.39
N HIS G 145 61.87 44.57 27.84
CA HIS G 145 61.16 43.39 27.38
C HIS G 145 60.81 43.51 25.91
N SER G 146 60.75 42.37 25.23
CA SER G 146 60.49 42.36 23.79
C SER G 146 59.04 42.71 23.47
N SER G 147 58.13 42.62 24.44
CA SER G 147 56.75 43.00 24.21
C SER G 147 56.53 44.50 24.28
N ARG G 148 57.54 45.27 24.66
CA ARG G 148 57.46 46.73 24.73
C ARG G 148 58.60 47.38 23.96
N LEU G 149 58.90 46.85 22.78
CA LEU G 149 59.90 47.45 21.90
C LEU G 149 59.42 47.49 20.46
N THR G 150 59.88 48.50 19.73
CA THR G 150 59.73 48.57 18.28
C THR G 150 61.11 48.82 17.70
N ILE G 151 61.54 47.94 16.81
CA ILE G 151 62.88 47.99 16.23
C ILE G 151 62.75 48.26 14.74
N SER G 152 63.41 49.31 14.26
CA SER G 152 63.35 49.70 12.88
C SER G 152 64.75 49.79 12.28
N GLN G 153 64.82 49.57 10.97
CA GLN G 153 66.06 49.56 10.22
C GLN G 153 66.18 50.87 9.45
N ASP G 154 67.33 51.54 9.60
CA ASP G 154 67.55 52.82 8.94
C ASP G 154 68.34 52.62 7.65
N ALA G 155 68.49 53.73 6.91
CA ALA G 155 69.22 53.67 5.64
C ALA G 155 70.70 53.40 5.86
N ARG G 156 71.26 53.88 6.97
CA ARG G 156 72.68 53.69 7.27
C ARG G 156 72.96 52.36 7.95
N GLY G 157 71.96 51.54 8.16
CA GLY G 157 72.13 50.29 8.85
C GLY G 157 71.99 50.37 10.36
N ALA G 158 71.89 51.57 10.91
CA ALA G 158 71.70 51.72 12.34
C ALA G 158 70.28 51.31 12.74
N TYR G 159 70.07 51.13 14.04
CA TYR G 159 68.79 50.73 14.57
C TYR G 159 68.19 51.85 15.39
N LYS G 160 66.88 52.03 15.28
CA LYS G 160 66.14 52.99 16.08
C LYS G 160 65.29 52.22 17.07
N TYR G 161 65.45 52.54 18.36
CA TYR G 161 64.76 51.84 19.44
C TYR G 161 63.77 52.77 20.12
N ALA G 162 62.56 52.27 20.36
CA ALA G 162 61.54 53.01 21.08
C ALA G 162 60.99 52.14 22.19
N TYR G 163 61.10 52.61 23.43
CA TYR G 163 60.66 51.88 24.61
C TYR G 163 59.33 52.44 25.10
N ARG G 164 58.38 51.55 25.38
CA ARG G 164 57.10 51.94 25.94
C ARG G 164 57.17 51.84 27.46
N LYS G 165 57.18 52.99 28.12
CA LYS G 165 57.27 53.01 29.57
C LYS G 165 55.99 52.47 30.20
N LEU G 166 56.00 52.37 31.53
CA LEU G 166 54.84 51.85 32.25
C LEU G 166 53.61 52.72 32.05
N ASP G 167 53.80 54.04 32.03
CA ASP G 167 52.68 54.96 31.86
C ASP G 167 52.04 54.81 30.48
N GLY G 168 52.77 54.27 29.52
CA GLY G 168 52.34 54.23 28.14
C GLY G 168 53.02 55.22 27.24
N THR G 169 53.84 56.11 27.81
CA THR G 169 54.55 57.10 27.00
C THR G 169 55.62 56.42 26.15
N GLN G 170 55.75 56.90 24.92
CA GLN G 170 56.82 56.47 24.02
C GLN G 170 58.04 57.37 24.22
N ILE G 171 59.21 56.76 24.29
CA ILE G 171 60.46 57.49 24.38
C ILE G 171 61.45 56.90 23.38
N ASP G 172 62.48 57.68 23.07
CA ASP G 172 63.53 57.26 22.15
C ASP G 172 64.79 56.93 22.93
N VAL G 173 65.41 55.82 22.60
CA VAL G 173 66.65 55.38 23.22
C VAL G 173 67.73 55.35 22.13
N PRO G 174 68.83 56.08 22.30
CA PRO G 174 69.89 56.04 21.28
C PRO G 174 70.52 54.66 21.19
N SER G 175 71.00 54.33 19.99
CA SER G 175 71.60 53.02 19.77
C SER G 175 72.92 52.85 20.52
N ALA G 176 73.50 53.93 21.04
CA ALA G 176 74.72 53.83 21.83
C ALA G 176 74.43 53.67 23.32
N GLN G 177 73.17 53.57 23.72
CA GLN G 177 72.79 53.37 25.10
C GLN G 177 72.04 52.05 25.31
N VAL G 178 72.19 51.10 24.40
CA VAL G 178 71.58 49.79 24.56
C VAL G 178 72.67 48.73 24.54
N TRP G 179 72.42 47.64 25.24
CA TRP G 179 73.34 46.52 25.35
C TRP G 179 72.68 45.32 24.67
N LYS G 180 72.95 45.15 23.38
CA LYS G 180 72.33 44.10 22.59
C LYS G 180 73.20 42.85 22.64
N ILE G 181 72.61 41.74 23.08
CA ILE G 181 73.32 40.47 23.22
C ILE G 181 72.49 39.37 22.58
N ARG G 182 73.15 38.46 21.90
CA ARG G 182 72.48 37.51 21.02
C ARG G 182 72.95 36.09 21.29
N GLY G 183 72.08 35.14 21.00
CA GLY G 183 72.40 33.73 21.15
C GLY G 183 73.08 33.16 19.93
N TYR G 184 72.89 31.87 19.67
CA TYR G 184 73.50 31.24 18.51
C TYR G 184 72.98 31.88 17.24
N SER G 185 73.87 32.54 16.51
CA SER G 185 73.51 33.32 15.33
C SER G 185 73.97 32.60 14.08
N LEU G 186 73.02 32.30 13.19
CA LEU G 186 73.35 31.71 11.91
C LEU G 186 73.71 32.76 10.87
N ASP G 187 73.25 33.99 11.07
CA ASP G 187 73.44 35.08 10.13
C ASP G 187 74.72 35.85 10.41
N GLY G 188 74.94 36.24 11.67
CA GLY G 188 76.10 37.03 12.01
C GLY G 188 75.72 38.26 12.81
N GLU G 189 74.45 38.65 12.76
CA GLU G 189 73.97 39.83 13.46
C GLU G 189 72.72 39.60 14.28
N ASN G 190 71.95 38.54 14.02
CA ASN G 190 70.75 38.25 14.77
C ASN G 190 70.76 36.80 15.22
N GLY G 191 70.34 36.56 16.46
CA GLY G 191 70.27 35.20 16.96
C GLY G 191 69.09 34.44 16.40
N ILE G 192 69.21 33.12 16.42
CA ILE G 192 68.16 32.23 15.96
C ILE G 192 67.13 32.08 17.07
N SER G 193 65.87 32.32 16.75
CA SER G 193 64.80 32.11 17.71
C SER G 193 64.44 30.62 17.75
N ALA G 194 64.33 30.07 18.96
CA ALA G 194 64.10 28.65 19.11
C ALA G 194 62.74 28.24 18.54
N ILE G 195 61.72 29.07 18.76
CA ILE G 195 60.37 28.72 18.33
C ILE G 195 60.27 28.62 16.82
N GLN G 196 60.85 29.58 16.12
CA GLN G 196 60.71 29.63 14.66
C GLN G 196 61.25 28.36 14.01
N TYR G 197 62.39 27.89 14.48
CA TYR G 197 63.01 26.72 13.87
C TYR G 197 62.52 25.41 14.46
N GLY G 198 62.04 25.41 15.70
CA GLY G 198 61.49 24.21 16.30
C GLY G 198 59.98 24.12 16.27
N ALA G 199 59.31 24.91 15.43
CA ALA G 199 57.88 24.73 15.23
C ALA G 199 57.53 23.28 14.91
N GLN G 200 58.34 22.63 14.08
CA GLN G 200 58.05 21.25 13.69
C GLN G 200 58.09 20.32 14.89
N VAL G 201 59.07 20.47 15.77
CA VAL G 201 59.20 19.56 16.90
C VAL G 201 58.25 19.94 18.05
N PHE G 202 57.78 21.19 18.10
CA PHE G 202 56.80 21.54 19.11
C PHE G 202 55.38 21.17 18.70
N GLY G 203 55.07 21.23 17.40
CA GLY G 203 53.72 20.94 16.96
C GLY G 203 53.32 19.50 17.20
N THR G 204 54.24 18.56 16.98
CA THR G 204 53.94 17.15 17.22
C THR G 204 53.65 16.91 18.70
N ALA G 205 54.44 17.51 19.58
CA ALA G 205 54.19 17.36 21.01
C ALA G 205 52.84 17.96 21.40
N LEU G 206 52.52 19.13 20.85
CA LEU G 206 51.24 19.75 21.16
C LEU G 206 50.08 18.87 20.71
N ALA G 207 50.16 18.33 19.49
CA ALA G 207 49.08 17.49 18.99
C ALA G 207 48.95 16.21 19.80
N ALA G 208 50.08 15.60 20.18
CA ALA G 208 50.01 14.38 20.98
C ALA G 208 49.37 14.65 22.34
N GLU G 209 49.75 15.74 23.00
CA GLU G 209 49.17 16.07 24.29
C GLU G 209 47.67 16.34 24.16
N ARG G 210 47.26 17.07 23.12
CA ARG G 210 45.84 17.39 22.97
C ARG G 210 45.02 16.14 22.67
N GLN G 211 45.54 15.22 21.85
CA GLN G 211 44.81 13.98 21.60
C GLN G 211 44.73 13.12 22.84
N ALA G 212 45.82 13.03 23.61
CA ALA G 212 45.78 12.27 24.86
C ALA G 212 44.75 12.83 25.82
N GLY G 213 44.65 14.17 25.88
CA GLY G 213 43.62 14.77 26.72
C GLY G 213 42.21 14.52 26.20
N ARG G 214 42.03 14.58 24.89
CA ARG G 214 40.71 14.50 24.27
C ARG G 214 40.20 13.07 24.10
N ALA G 215 41.04 12.08 24.38
CA ALA G 215 40.54 10.70 24.40
C ALA G 215 39.48 10.49 25.46
N PHE G 216 39.43 11.34 26.49
CA PHE G 216 38.41 11.21 27.52
C PHE G 216 37.07 11.80 27.08
N THR G 217 37.06 12.59 26.00
CA THR G 217 35.85 13.17 25.47
C THR G 217 35.34 12.48 24.21
N ASN G 218 36.24 12.05 23.33
CA ASN G 218 35.80 11.35 22.13
C ASN G 218 35.07 10.05 22.42
N GLY G 219 35.33 9.42 23.56
CA GLY G 219 34.80 8.09 23.80
C GLY G 219 35.63 6.99 23.19
N ASN G 220 36.95 7.16 23.15
CA ASN G 220 37.86 6.15 22.64
C ASN G 220 38.34 5.18 23.71
N LEU G 221 37.88 5.34 24.95
CA LEU G 221 38.24 4.44 26.03
C LEU G 221 37.11 3.50 26.41
N GLN G 222 35.99 3.55 25.69
CA GLN G 222 34.88 2.65 25.98
C GLN G 222 35.23 1.23 25.57
N GLN G 223 34.76 0.26 26.36
CA GLN G 223 35.08 -1.14 26.11
C GLN G 223 33.89 -2.08 26.15
N ILE G 224 32.80 -1.72 26.81
CA ILE G 224 31.62 -2.58 26.93
C ILE G 224 30.50 -1.97 26.09
N TYR G 225 29.99 -2.75 25.15
CA TYR G 225 28.93 -2.31 24.25
C TYR G 225 27.78 -3.31 24.31
N TYR G 226 26.59 -2.82 24.61
CA TYR G 226 25.40 -3.66 24.61
C TYR G 226 24.79 -3.71 23.22
N SER G 227 23.82 -4.59 23.03
CA SER G 227 23.18 -4.75 21.74
C SER G 227 21.77 -5.26 21.94
N VAL G 228 20.88 -4.90 21.01
CA VAL G 228 19.49 -5.32 21.06
C VAL G 228 18.99 -5.46 19.62
N ALA G 229 18.25 -6.53 19.37
CA ALA G 229 17.78 -6.84 18.02
C ALA G 229 16.36 -6.33 17.81
N ALA G 230 16.22 -5.00 17.86
CA ALA G 230 14.94 -4.33 17.68
C ALA G 230 15.24 -2.85 17.46
N PHE G 231 14.18 -2.08 17.21
CA PHE G 231 14.29 -0.65 16.98
C PHE G 231 13.88 0.07 18.26
N LEU G 232 14.79 0.83 18.84
CA LEU G 232 14.59 1.49 20.12
C LEU G 232 14.33 2.98 19.93
N THR G 233 13.57 3.54 20.86
CA THR G 233 13.39 4.98 20.97
C THR G 233 14.37 5.54 21.99
N PRO G 234 14.68 6.84 21.93
CA PRO G 234 15.68 7.39 22.85
C PRO G 234 15.39 7.19 24.33
N GLU G 235 14.13 7.33 24.74
CA GLU G 235 13.83 7.16 26.16
C GLU G 235 14.06 5.72 26.61
N GLN G 236 13.87 4.75 25.71
CA GLN G 236 14.16 3.37 26.06
C GLN G 236 15.65 3.16 26.27
N ARG G 237 16.49 3.81 25.46
CA ARG G 237 17.93 3.72 25.68
C ARG G 237 18.34 4.37 26.99
N GLU G 238 17.74 5.52 27.32
CA GLU G 238 18.05 6.15 28.60
C GLU G 238 17.65 5.25 29.76
N GLN G 239 16.47 4.63 29.68
CA GLN G 239 16.05 3.72 30.73
C GLN G 239 16.95 2.50 30.80
N PHE G 240 17.45 2.03 29.65
CA PHE G 240 18.38 0.91 29.64
C PHE G 240 19.65 1.24 30.41
N SER G 241 20.21 2.42 30.16
CA SER G 241 21.41 2.83 30.87
C SER G 241 21.14 3.01 32.36
N ALA G 242 20.00 3.60 32.70
CA ALA G 242 19.67 3.79 34.12
C ALA G 242 19.49 2.46 34.83
N ASN G 243 18.84 1.50 34.18
CA ASN G 243 18.68 0.18 34.79
C ASN G 243 20.01 -0.52 34.97
N VAL G 244 20.93 -0.37 34.00
CA VAL G 244 22.26 -0.96 34.16
C VAL G 244 22.96 -0.36 35.37
N ALA G 245 22.89 0.97 35.51
CA ALA G 245 23.54 1.62 36.64
C ALA G 245 22.92 1.18 37.97
N GLN G 246 21.60 1.04 38.02
CA GLN G 246 20.94 0.61 39.24
C GLN G 246 21.30 -0.82 39.60
N SER G 247 21.37 -1.69 38.59
CA SER G 247 21.77 -3.08 38.84
C SER G 247 23.20 -3.14 39.37
N VAL G 248 24.08 -2.30 38.84
CA VAL G 248 25.44 -2.23 39.39
C VAL G 248 25.41 -1.76 40.83
N GLU G 249 24.59 -0.76 41.13
CA GLU G 249 24.51 -0.24 42.49
C GLU G 249 24.04 -1.31 43.47
N SER G 250 23.06 -2.12 43.06
CA SER G 250 22.50 -3.11 43.98
C SER G 250 23.32 -4.40 44.05
N GLY G 251 24.40 -4.50 43.29
CA GLY G 251 25.23 -5.69 43.32
C GLY G 251 24.57 -6.95 42.80
N ARG G 252 23.89 -6.86 41.66
CA ARG G 252 23.19 -7.99 41.06
C ARG G 252 23.77 -8.28 39.68
N THR G 253 24.00 -9.56 39.39
CA THR G 253 24.54 -9.93 38.10
C THR G 253 23.51 -9.72 37.00
N PRO G 254 23.93 -9.31 35.80
CA PRO G 254 22.98 -9.09 34.71
C PRO G 254 22.45 -10.40 34.16
N VAL G 255 21.40 -10.31 33.34
CA VAL G 255 20.70 -11.51 32.88
C VAL G 255 20.53 -11.60 31.38
N LEU G 256 20.55 -10.51 30.60
CA LEU G 256 20.53 -10.58 29.14
C LEU G 256 19.33 -11.36 28.60
N GLU G 257 18.16 -10.79 28.79
CA GLU G 257 16.89 -11.49 28.60
C GLU G 257 16.33 -11.26 27.20
N GLY G 258 16.39 -12.30 26.36
CA GLY G 258 15.76 -12.22 25.06
C GLY G 258 16.71 -12.08 23.90
N GLY G 259 16.72 -10.90 23.27
CA GLY G 259 17.59 -10.65 22.14
C GLY G 259 18.69 -9.65 22.46
N ILE G 260 19.15 -9.65 23.71
CA ILE G 260 20.19 -8.73 24.17
C ILE G 260 21.50 -9.49 24.25
N ASP G 261 22.61 -8.79 24.00
CA ASP G 261 23.92 -9.41 24.05
C ASP G 261 24.96 -8.36 24.42
N VAL G 262 26.12 -8.83 24.87
CA VAL G 262 27.22 -7.98 25.32
C VAL G 262 28.48 -8.39 24.59
N LYS G 263 29.27 -7.40 24.17
CA LYS G 263 30.54 -7.64 23.52
C LYS G 263 31.60 -6.73 24.12
N ALA G 264 32.86 -7.16 24.02
CA ALA G 264 34.00 -6.41 24.52
C ALA G 264 34.98 -6.15 23.38
N LEU G 265 35.45 -4.92 23.28
CA LEU G 265 36.40 -4.54 22.26
C LEU G 265 37.83 -4.73 22.74
N GLY G 266 38.69 -5.16 21.82
CA GLY G 266 40.09 -5.34 22.14
C GLY G 266 40.89 -4.06 22.06
N LEU G 267 40.75 -3.21 23.07
CA LEU G 267 41.38 -1.90 23.08
C LEU G 267 42.59 -1.89 24.01
N ASN G 268 43.46 -0.92 23.78
CA ASN G 268 44.62 -0.69 24.64
C ASN G 268 44.69 0.78 25.03
N PRO G 269 44.40 1.13 26.27
CA PRO G 269 44.45 2.55 26.67
C PRO G 269 45.82 3.18 26.49
N ALA G 270 46.91 2.42 26.65
CA ALA G 270 48.23 2.99 26.41
C ALA G 270 48.38 3.43 24.96
N ASP G 271 47.90 2.60 24.03
CA ASP G 271 47.93 2.98 22.63
C ASP G 271 47.01 4.17 22.36
N ALA G 272 45.91 4.26 23.10
CA ALA G 272 45.01 5.39 22.91
C ALA G 272 45.61 6.69 23.44
N GLN G 273 46.46 6.61 24.46
CA GLN G 273 47.03 7.79 25.09
C GLN G 273 48.41 8.17 24.57
N LEU G 274 49.05 7.30 23.77
CA LEU G 274 50.28 7.66 23.03
C LEU G 274 51.48 7.86 23.97
N LEU G 275 51.66 6.91 24.89
CA LEU G 275 52.71 7.03 25.89
C LEU G 275 54.09 7.05 25.26
N GLN G 276 54.33 6.14 24.31
CA GLN G 276 55.64 6.06 23.66
C GLN G 276 55.95 7.33 22.86
N SER G 277 54.96 7.85 22.14
CA SER G 277 55.15 9.08 21.39
C SER G 277 55.47 10.23 22.32
N ARG G 278 54.78 10.32 23.47
CA ARG G 278 55.05 11.40 24.40
C ARG G 278 56.45 11.29 24.98
N ASN G 279 56.90 10.09 25.30
CA ASN G 279 58.26 9.91 25.82
C ASN G 279 59.30 10.33 24.79
N TYR G 280 59.11 9.91 23.55
CA TYR G 280 60.04 10.30 22.49
C TYR G 280 60.06 11.81 22.32
N SER G 281 58.90 12.45 22.43
CA SER G 281 58.84 13.90 22.33
C SER G 281 59.62 14.57 23.45
N VAL G 282 59.53 14.04 24.67
CA VAL G 282 60.28 14.60 25.78
C VAL G 282 61.78 14.58 25.48
N GLU G 283 62.28 13.41 25.08
CA GLU G 283 63.72 13.33 24.85
C GLU G 283 64.14 14.16 23.65
N SER G 284 63.27 14.28 22.65
CA SER G 284 63.60 15.12 21.49
C SER G 284 63.69 16.60 21.86
N ILE G 285 62.78 17.09 22.71
CA ILE G 285 62.86 18.47 23.15
C ILE G 285 64.15 18.70 23.93
N CYS G 286 64.47 17.77 24.83
CA CYS G 286 65.72 17.91 25.60
C CYS G 286 66.92 17.96 24.67
N ARG G 287 66.91 17.17 23.59
CA ARG G 287 67.99 17.23 22.62
C ARG G 287 67.98 18.55 21.86
N PHE G 288 66.80 19.12 21.62
CA PHE G 288 66.73 20.38 20.89
C PHE G 288 67.37 21.52 21.67
N PHE G 289 67.11 21.60 22.98
CA PHE G 289 67.70 22.67 23.78
C PHE G 289 69.14 22.38 24.21
N ALA G 290 69.83 21.48 23.51
CA ALA G 290 71.25 21.18 23.72
C ALA G 290 71.53 20.68 25.14
N VAL G 291 70.53 20.09 25.79
CA VAL G 291 70.67 19.49 27.11
C VAL G 291 70.71 17.98 26.92
N PRO G 292 71.83 17.31 27.16
CA PRO G 292 71.86 15.85 27.05
C PRO G 292 70.87 15.22 28.01
N PRO G 293 69.86 14.53 27.50
CA PRO G 293 68.73 14.13 28.34
C PRO G 293 69.13 13.18 29.46
N SER G 294 68.41 13.28 30.57
CA SER G 294 68.57 12.38 31.71
C SER G 294 70.01 12.37 32.21
N MET G 295 70.53 13.55 32.55
CA MET G 295 71.82 13.61 33.24
C MET G 295 71.63 13.58 34.75
N ILE G 296 70.56 14.20 35.23
CA ILE G 296 70.35 14.41 36.66
C ILE G 296 68.97 13.88 37.00
N GLY G 297 68.38 13.13 36.08
CA GLY G 297 67.04 12.61 36.25
C GLY G 297 65.93 13.58 35.96
N HIS G 298 66.25 14.79 35.50
CA HIS G 298 65.19 15.76 35.24
C HIS G 298 64.30 15.31 34.08
N ALA G 299 64.90 14.65 33.08
CA ALA G 299 64.10 14.08 32.00
C ALA G 299 63.41 12.80 32.43
N SER G 300 64.03 12.02 33.29
CA SER G 300 63.47 10.73 33.71
C SER G 300 63.73 10.46 35.19
N GLY G 307 79.84 8.09 34.71
CA GLY G 307 79.77 8.90 35.92
C GLY G 307 78.86 8.31 36.97
N SER G 308 79.44 7.91 38.10
CA SER G 308 78.68 7.31 39.20
C SER G 308 78.55 8.23 40.40
N GLY G 309 79.64 8.88 40.83
CA GLY G 309 79.58 9.78 41.94
C GLY G 309 78.79 11.03 41.64
N ILE G 310 78.39 11.74 42.69
CA ILE G 310 77.59 12.95 42.52
C ILE G 310 78.39 14.05 41.83
N GLU G 311 79.61 14.29 42.28
CA GLU G 311 80.34 15.44 41.76
C GLU G 311 80.75 15.23 40.32
N ALA G 312 80.92 13.97 39.90
CA ALA G 312 81.19 13.70 38.50
C ALA G 312 80.04 14.19 37.62
N GLN G 313 78.80 13.97 38.06
CA GLN G 313 77.66 14.44 37.28
C GLN G 313 77.61 15.96 37.23
N GLN G 314 77.94 16.62 38.34
CA GLN G 314 77.92 18.09 38.36
C GLN G 314 78.96 18.66 37.40
N LEU G 315 80.17 18.12 37.40
CA LEU G 315 81.18 18.56 36.44
C LEU G 315 80.77 18.26 35.01
N ALA G 316 80.13 17.11 34.77
CA ALA G 316 79.66 16.82 33.43
C ALA G 316 78.65 17.86 32.98
N PHE G 317 77.65 18.15 33.82
CA PHE G 317 76.63 19.15 33.49
C PHE G 317 77.28 20.49 33.21
N LEU G 318 78.17 20.93 34.10
CA LEU G 318 78.84 22.21 33.93
C LEU G 318 79.62 22.25 32.62
N GLY G 319 80.67 21.44 32.52
CA GLY G 319 81.57 21.48 31.37
C GLY G 319 80.94 21.12 30.05
N LEU G 320 79.75 20.51 30.04
CA LEU G 320 79.09 20.19 28.80
C LEU G 320 78.00 21.19 28.41
N THR G 321 77.38 21.87 29.36
CA THR G 321 76.28 22.75 29.02
C THR G 321 76.47 24.19 29.44
N LEU G 322 76.99 24.44 30.64
CA LEU G 322 76.99 25.79 31.18
C LEU G 322 78.12 26.65 30.63
N ALA G 323 79.26 26.04 30.30
CA ALA G 323 80.44 26.83 29.96
C ALA G 323 80.23 27.77 28.77
N PRO G 324 79.62 27.36 27.65
CA PRO G 324 79.39 28.32 26.57
C PRO G 324 78.55 29.52 26.99
N TRP G 325 77.50 29.32 27.78
CA TRP G 325 76.66 30.45 28.19
C TRP G 325 77.44 31.43 29.05
N LEU G 326 78.21 30.90 30.01
CA LEU G 326 78.99 31.77 30.88
C LEU G 326 80.04 32.55 30.08
N ARG G 327 80.74 31.87 29.18
CA ARG G 327 81.75 32.55 28.37
C ARG G 327 81.13 33.64 27.52
N ARG G 328 80.01 33.33 26.86
CA ARG G 328 79.36 34.31 26.00
C ARG G 328 78.92 35.53 26.80
N ILE G 329 78.26 35.31 27.94
CA ILE G 329 77.76 36.43 28.72
C ILE G 329 78.90 37.30 29.22
N GLU G 330 79.95 36.67 29.77
CA GLU G 330 81.02 37.47 30.33
C GLU G 330 81.77 38.26 29.26
N GLN G 331 82.00 37.64 28.09
CA GLN G 331 82.70 38.38 27.03
C GLN G 331 81.85 39.51 26.49
N SER G 332 80.55 39.30 26.31
CA SER G 332 79.69 40.37 25.83
C SER G 332 79.64 41.52 26.83
N LEU G 333 79.54 41.21 28.12
CA LEU G 333 79.55 42.25 29.13
C LEU G 333 80.84 43.03 29.11
N SER G 334 81.98 42.34 29.00
CA SER G 334 83.26 43.04 28.97
C SER G 334 83.35 43.96 27.76
N LEU G 335 82.88 43.50 26.60
CA LEU G 335 83.00 44.33 25.41
C LEU G 335 82.09 45.55 25.47
N ASP G 336 80.87 45.39 25.98
CA ASP G 336 79.90 46.47 25.87
C ASP G 336 79.90 47.41 27.08
N LEU G 337 79.81 46.88 28.29
CA LEU G 337 79.64 47.75 29.44
C LEU G 337 80.93 48.46 29.86
N LEU G 338 82.07 47.96 29.40
CA LEU G 338 83.36 48.49 29.85
C LEU G 338 83.97 49.38 28.76
N THR G 339 84.40 50.57 29.15
CA THR G 339 85.03 51.49 28.21
C THR G 339 86.39 50.95 27.76
N PRO G 340 86.86 51.34 26.58
CA PRO G 340 88.15 50.81 26.10
C PRO G 340 89.32 51.11 27.03
N GLY G 341 89.27 52.25 27.73
CA GLY G 341 90.33 52.54 28.68
C GLY G 341 90.32 51.59 29.87
N GLU G 342 89.13 51.19 30.32
CA GLU G 342 89.01 50.31 31.47
C GLU G 342 89.23 48.85 31.13
N ARG G 343 89.22 48.50 29.84
CA ARG G 343 89.28 47.11 29.45
C ARG G 343 90.66 46.50 29.69
N ARG G 344 91.67 47.33 29.91
CA ARG G 344 93.03 46.84 30.09
C ARG G 344 93.36 46.50 31.53
N GLN G 345 92.49 46.85 32.49
CA GLN G 345 92.74 46.57 33.90
C GLN G 345 91.61 45.85 34.60
N TYR G 346 90.43 45.77 34.00
CA TYR G 346 89.27 45.15 34.64
C TYR G 346 88.76 44.00 33.80
N PHE G 347 88.25 42.97 34.47
CA PHE G 347 87.62 41.85 33.80
C PHE G 347 86.68 41.17 34.79
N VAL G 348 85.72 40.43 34.24
CA VAL G 348 84.72 39.75 35.05
C VAL G 348 84.99 38.25 35.01
N ASP G 349 84.44 37.55 35.99
CA ASP G 349 84.59 36.10 36.09
C ASP G 349 83.54 35.56 37.04
N TYR G 350 82.90 34.46 36.64
CA TYR G 350 81.88 33.85 37.46
C TYR G 350 82.52 33.15 38.66
N ASP G 351 81.70 32.78 39.64
CA ASP G 351 82.16 32.10 40.85
C ASP G 351 81.55 30.71 40.90
N VAL G 352 82.27 29.74 40.35
CA VAL G 352 81.80 28.36 40.27
C VAL G 352 82.36 27.64 41.51
N THR G 353 81.62 27.74 42.61
CA THR G 353 81.89 26.91 43.79
C THR G 353 80.64 26.30 44.39
N THR G 354 79.45 26.85 44.14
CA THR G 354 78.25 26.30 44.73
C THR G 354 77.84 24.99 44.08
N LEU G 355 78.22 24.76 42.83
CA LEU G 355 77.98 23.50 42.15
C LEU G 355 79.11 22.51 42.32
N LEU G 356 80.16 22.87 43.05
CA LEU G 356 81.31 21.99 43.25
C LEU G 356 81.41 21.50 44.69
N ARG G 357 80.31 21.57 45.45
CA ARG G 357 80.30 20.99 46.79
C ARG G 357 80.56 19.49 46.69
N ALA G 358 81.33 18.97 47.62
CA ALA G 358 81.76 17.58 47.59
C ALA G 358 81.35 16.87 48.88
N ASP G 359 81.72 15.60 48.97
CA ASP G 359 81.51 14.81 50.16
C ASP G 359 82.35 15.35 51.31
N SER G 360 81.91 15.05 52.54
CA SER G 360 82.64 15.51 53.71
C SER G 360 84.06 14.95 53.74
N ALA G 361 84.21 13.66 53.45
CA ALA G 361 85.53 13.05 53.45
C ALA G 361 86.43 13.66 52.38
N ALA G 362 85.86 13.89 51.19
CA ALA G 362 86.65 14.47 50.10
C ALA G 362 87.08 15.90 50.43
N ARG G 363 86.17 16.69 50.99
CA ARG G 363 86.53 18.06 51.37
C ARG G 363 87.59 18.07 52.47
N SER G 364 87.45 17.18 53.46
CA SER G 364 88.43 17.11 54.52
C SER G 364 89.80 16.72 53.98
N SER G 365 89.84 15.74 53.08
CA SER G 365 91.11 15.33 52.49
C SER G 365 91.72 16.47 51.69
N PHE G 366 90.91 17.17 50.90
CA PHE G 366 91.38 18.31 50.14
C PHE G 366 92.04 19.35 51.05
N TYR G 367 91.32 19.77 52.08
CA TYR G 367 91.86 20.82 52.95
C TYR G 367 93.10 20.34 53.70
N ALA G 368 93.09 19.10 54.18
CA ALA G 368 94.25 18.60 54.91
C ALA G 368 95.48 18.57 54.02
N THR G 369 95.36 18.05 52.81
CA THR G 369 96.53 17.93 51.95
C THR G 369 96.93 19.26 51.33
N MET G 370 96.04 20.25 51.30
CA MET G 370 96.43 21.56 50.80
C MET G 370 96.94 22.48 51.89
N VAL G 371 96.74 22.12 53.16
CA VAL G 371 97.33 22.87 54.26
C VAL G 371 98.66 22.27 54.69
N ASN G 372 98.75 20.94 54.73
CA ASN G 372 100.00 20.29 55.15
C ASN G 372 101.16 20.62 54.22
N ASN G 373 100.88 20.92 52.96
CA ASN G 373 101.93 21.11 51.96
C ASN G 373 102.26 22.58 51.72
N GLY G 374 101.76 23.48 52.54
CA GLY G 374 102.13 24.89 52.42
C GLY G 374 101.67 25.57 51.16
N VAL G 375 100.45 25.32 50.73
CA VAL G 375 99.85 26.03 49.60
C VAL G 375 98.85 27.08 50.05
N MET G 376 97.96 26.72 50.98
CA MET G 376 97.02 27.65 51.58
C MET G 376 97.34 27.82 53.06
N THR G 377 97.15 29.04 53.56
CA THR G 377 97.25 29.25 54.99
C THR G 377 96.00 28.73 55.69
N ARG G 378 96.08 28.62 57.02
CA ARG G 378 94.94 28.10 57.76
C ARG G 378 93.75 29.05 57.70
N ASP G 379 94.01 30.37 57.71
CA ASP G 379 92.92 31.33 57.74
C ASP G 379 92.05 31.24 56.49
N GLU G 380 92.67 31.03 55.33
CA GLU G 380 91.88 30.88 54.11
C GLU G 380 90.96 29.66 54.20
N CYS G 381 91.46 28.55 54.73
CA CYS G 381 90.63 27.36 54.89
C CYS G 381 89.50 27.62 55.89
N ARG G 382 89.78 28.33 56.98
CA ARG G 382 88.72 28.67 57.93
C ARG G 382 87.66 29.55 57.27
N GLU G 383 88.10 30.52 56.46
CA GLU G 383 87.15 31.39 55.77
C GLU G 383 86.32 30.61 54.76
N ALA G 384 86.89 29.55 54.18
CA ALA G 384 86.12 28.72 53.26
C ALA G 384 84.95 28.04 53.96
N GLU G 385 85.10 27.69 55.23
CA GLU G 385 84.03 27.08 56.00
C GLU G 385 83.17 28.09 56.74
N GLY G 386 83.45 29.38 56.59
CA GLY G 386 82.67 30.40 57.27
C GLY G 386 82.89 30.42 58.77
N LEU G 387 84.10 30.78 59.18
CA LEU G 387 84.48 30.81 60.58
C LEU G 387 85.27 32.08 60.87
N PRO G 388 85.28 32.55 62.12
CA PRO G 388 86.05 33.74 62.46
C PRO G 388 87.54 33.52 62.23
N LYS G 389 88.21 34.60 61.81
CA LYS G 389 89.64 34.54 61.60
C LYS G 389 90.38 34.48 62.94
N LEU G 390 91.64 34.05 62.87
CA LEU G 390 92.52 34.03 64.04
C LEU G 390 93.91 34.41 63.56
N GLY G 391 94.37 35.60 63.94
CA GLY G 391 95.66 36.08 63.49
C GLY G 391 96.82 35.30 64.06
N GLY G 392 98.04 35.83 63.88
CA GLY G 392 99.22 35.15 64.36
C GLY G 392 99.83 34.25 63.32
N ASN G 393 100.31 33.07 63.74
CA ASN G 393 100.97 32.16 62.81
C ASN G 393 99.98 31.42 61.93
N ALA G 394 98.68 31.59 62.13
CA ALA G 394 97.70 30.96 61.27
C ALA G 394 97.63 31.58 59.88
N SER G 395 98.30 32.71 59.67
CA SER G 395 98.24 33.43 58.40
C SER G 395 99.49 33.25 57.54
N VAL G 396 100.37 32.31 57.89
CA VAL G 396 101.59 32.07 57.14
C VAL G 396 101.60 30.63 56.65
N LEU G 397 102.42 30.38 55.64
CA LEU G 397 102.55 29.05 55.06
C LEU G 397 103.50 28.20 55.89
N THR G 398 103.05 26.99 56.21
CA THR G 398 103.82 26.04 57.00
C THR G 398 104.04 24.77 56.19
N VAL G 399 105.24 24.22 56.28
CA VAL G 399 105.61 23.02 55.53
C VAL G 399 106.32 22.06 56.47
N GLN G 400 106.35 20.80 56.06
CA GLN G 400 106.99 19.76 56.87
C GLN G 400 108.48 20.03 57.02
N SER G 401 109.03 19.67 58.18
CA SER G 401 110.41 20.01 58.51
C SER G 401 111.43 19.31 57.64
N ALA G 402 111.04 18.26 56.92
CA ALA G 402 111.98 17.48 56.11
C ALA G 402 112.21 18.08 54.73
N MET G 403 111.75 19.30 54.47
CA MET G 403 111.88 19.92 53.16
C MET G 403 113.16 20.72 53.09
N VAL G 404 113.61 21.00 51.87
CA VAL G 404 114.84 21.76 51.65
C VAL G 404 114.77 22.41 50.27
N PRO G 405 115.23 23.65 50.11
CA PRO G 405 115.25 24.26 48.78
C PRO G 405 116.12 23.47 47.81
N LEU G 406 115.71 23.47 46.54
CA LEU G 406 116.42 22.67 45.54
C LEU G 406 117.84 23.16 45.32
N ASP G 407 118.04 24.48 45.35
CA ASP G 407 119.36 25.02 45.11
C ASP G 407 120.35 24.67 46.22
N GLU G 408 119.87 24.43 47.45
CA GLU G 408 120.78 24.23 48.56
C GLU G 408 121.44 22.85 48.53
N ILE G 409 120.74 21.82 48.07
CA ILE G 409 121.26 20.47 48.18
C ILE G 409 122.55 20.33 47.39
N THR G 410 123.44 19.48 47.87
CA THR G 410 124.72 19.24 47.23
C THR G 410 125.33 17.93 47.71
N ALA H 2 -2.47 11.56 -0.40
CA ALA H 2 -3.08 12.41 0.62
C ALA H 2 -3.83 11.57 1.65
N LEU H 3 -3.76 10.25 1.49
CA LEU H 3 -4.36 9.30 2.42
C LEU H 3 -5.87 9.53 2.56
N THR H 4 -6.52 9.86 1.45
CA THR H 4 -7.97 9.99 1.42
C THR H 4 -8.59 8.60 1.23
N LEU H 5 -9.90 8.55 0.99
CA LEU H 5 -10.54 7.26 0.76
C LEU H 5 -10.26 6.74 -0.65
N ALA H 6 -10.14 7.64 -1.61
CA ALA H 6 -9.88 7.21 -2.99
C ALA H 6 -8.51 6.55 -3.11
N MET H 7 -7.48 7.13 -2.49
CA MET H 7 -6.15 6.55 -2.57
C MET H 7 -6.11 5.17 -1.92
N VAL H 8 -6.77 5.02 -0.77
CA VAL H 8 -6.79 3.72 -0.11
C VAL H 8 -7.56 2.71 -0.95
N GLN H 9 -8.66 3.13 -1.57
CA GLN H 9 -9.42 2.24 -2.43
C GLN H 9 -8.56 1.77 -3.61
N ARG H 10 -7.80 2.67 -4.22
CA ARG H 10 -7.00 2.29 -5.36
C ARG H 10 -5.78 1.46 -4.96
N HIS H 11 -5.22 1.69 -3.78
CA HIS H 11 -4.07 0.90 -3.34
C HIS H 11 -4.46 -0.55 -3.11
N LEU H 12 -5.51 -0.78 -2.34
CA LEU H 12 -5.92 -2.13 -1.97
C LEU H 12 -6.68 -2.84 -3.08
N GLN H 13 -7.04 -2.14 -4.16
CA GLN H 13 -7.86 -2.69 -5.23
C GLN H 13 -9.17 -3.25 -4.67
N ALA H 14 -9.75 -2.55 -3.72
CA ALA H 14 -10.95 -3.00 -3.05
C ALA H 14 -11.97 -1.86 -2.98
N ASP H 15 -13.23 -2.22 -3.20
CA ASP H 15 -14.34 -1.30 -3.04
C ASP H 15 -14.91 -1.47 -1.65
N LEU H 16 -14.89 -0.40 -0.87
CA LEU H 16 -15.31 -0.45 0.53
C LEU H 16 -16.76 0.01 0.66
N ILE H 17 -17.65 -0.70 -0.03
CA ILE H 17 -19.06 -0.31 -0.06
C ILE H 17 -19.69 -0.52 1.30
N GLU H 18 -19.49 -1.68 1.91
CA GLU H 18 -20.12 -1.98 3.18
C GLU H 18 -19.62 -1.05 4.27
N ASP H 19 -20.54 -0.57 5.10
CA ASP H 19 -20.16 0.38 6.15
C ASP H 19 -19.22 -0.25 7.15
N ASP H 20 -19.43 -1.53 7.46
CA ASP H 20 -18.65 -2.19 8.50
C ASP H 20 -17.18 -2.32 8.13
N GLU H 21 -16.90 -2.85 6.93
CA GLU H 21 -15.51 -3.05 6.56
C GLU H 21 -14.82 -1.75 6.17
N ARG H 22 -15.55 -0.80 5.60
CA ARG H 22 -14.97 0.52 5.38
C ARG H 22 -14.57 1.16 6.70
N SER H 23 -15.45 1.07 7.71
CA SER H 23 -15.09 1.58 9.02
C SER H 23 -13.88 0.87 9.58
N TYR H 24 -13.82 -0.45 9.45
CA TYR H 24 -12.67 -1.20 9.93
C TYR H 24 -11.38 -0.68 9.30
N VAL H 25 -11.36 -0.62 7.97
CA VAL H 25 -10.13 -0.28 7.25
C VAL H 25 -9.72 1.17 7.52
N MET H 26 -10.68 2.09 7.59
CA MET H 26 -10.35 3.50 7.70
C MET H 26 -10.30 4.00 9.14
N GLU H 27 -10.61 3.16 10.13
CA GLU H 27 -10.59 3.63 11.51
C GLU H 27 -9.86 2.72 12.47
N GLN H 28 -9.36 1.56 12.04
CA GLN H 28 -8.57 0.75 12.95
C GLN H 28 -7.30 0.27 12.28
N LEU H 29 -7.31 0.22 10.95
CA LEU H 29 -6.19 -0.34 10.21
C LEU H 29 -5.26 0.74 9.65
N LEU H 30 -5.79 1.92 9.34
CA LEU H 30 -4.99 3.06 8.88
C LEU H 30 -4.32 3.81 10.02
N PRO H 31 -5.03 4.18 11.10
CA PRO H 31 -4.35 4.85 12.21
C PRO H 31 -3.25 4.01 12.83
N ALA H 32 -3.39 2.69 12.84
CA ALA H 32 -2.34 1.83 13.35
C ALA H 32 -1.05 2.01 12.55
N ALA H 33 -1.15 1.97 11.22
CA ALA H 33 0.03 2.15 10.38
C ALA H 33 0.61 3.55 10.54
N ARG H 34 -0.26 4.57 10.58
CA ARG H 34 0.22 5.94 10.69
C ARG H 34 0.99 6.15 11.98
N GLU H 35 0.45 5.67 13.11
CA GLU H 35 1.14 5.88 14.37
C GLU H 35 2.35 4.96 14.52
N SER H 36 2.35 3.81 13.84
CA SER H 36 3.57 2.98 13.84
C SER H 36 4.70 3.70 13.13
N ALA H 37 4.42 4.27 11.96
CA ALA H 37 5.45 5.05 11.27
C ALA H 37 5.87 6.27 12.09
N GLU H 38 4.90 6.91 12.75
CA GLU H 38 5.21 8.05 13.60
C GLU H 38 6.13 7.66 14.75
N MET H 39 5.91 6.49 15.35
CA MET H 39 6.79 6.03 16.42
C MET H 39 8.17 5.68 15.89
N PHE H 40 8.24 5.11 14.69
CA PHE H 40 9.55 4.74 14.15
C PHE H 40 10.37 5.97 13.78
N LEU H 41 9.71 7.04 13.30
CA LEU H 41 10.43 8.21 12.81
C LEU H 41 10.99 9.06 13.94
N ASN H 42 10.56 8.85 15.18
CA ASN H 42 10.97 9.66 16.33
C ASN H 42 10.53 11.11 16.20
N ARG H 43 9.41 11.36 15.52
CA ARG H 43 8.89 12.70 15.38
C ARG H 43 7.41 12.63 15.05
N ASN H 44 6.72 13.76 15.21
CA ASN H 44 5.31 13.86 14.89
C ASN H 44 5.13 14.31 13.44
N ILE H 45 4.15 13.73 12.78
CA ILE H 45 3.84 14.06 11.40
C ILE H 45 2.40 14.54 11.32
N TYR H 46 2.20 15.63 10.57
CA TYR H 46 0.89 16.26 10.44
C TYR H 46 0.51 16.35 8.97
N SER H 47 -0.79 16.33 8.71
CA SER H 47 -1.27 16.24 7.33
C SER H 47 -1.06 17.54 6.56
N THR H 48 -1.41 18.68 7.17
CA THR H 48 -1.34 19.97 6.50
C THR H 48 -0.63 20.97 7.39
N SER H 49 -0.32 22.13 6.80
CA SER H 49 0.38 23.17 7.55
C SER H 49 -0.48 23.74 8.67
N GLU H 50 -1.80 23.80 8.46
CA GLU H 50 -2.69 24.33 9.49
C GLU H 50 -2.64 23.48 10.75
N GLU H 51 -2.66 22.15 10.60
CA GLU H 51 -2.59 21.28 11.76
C GLU H 51 -1.24 21.41 12.48
N LEU H 52 -0.16 21.54 11.72
CA LEU H 52 1.15 21.73 12.36
C LEU H 52 1.20 23.03 13.15
N ALA H 53 0.70 24.12 12.57
CA ALA H 53 0.69 25.39 13.28
C ALA H 53 -0.20 25.33 14.52
N ALA H 54 -1.37 24.69 14.40
CA ALA H 54 -2.26 24.56 15.54
C ALA H 54 -1.62 23.75 16.66
N ALA H 55 -0.95 22.66 16.32
CA ALA H 55 -0.30 21.84 17.35
C ALA H 55 0.85 22.58 18.00
N VAL H 56 1.63 23.33 17.23
CA VAL H 56 2.72 24.11 17.81
C VAL H 56 2.16 25.19 18.74
N ALA H 57 1.03 25.79 18.37
CA ALA H 57 0.46 26.85 19.20
C ALA H 57 0.07 26.32 20.58
N ALA H 58 -0.55 25.14 20.64
CA ALA H 58 -0.94 24.55 21.91
C ALA H 58 0.22 23.90 22.64
N GLY H 59 1.39 23.78 22.00
CA GLY H 59 2.57 23.24 22.63
C GLY H 59 2.64 21.74 22.70
N THR H 60 1.63 21.02 22.19
CA THR H 60 1.64 19.56 22.25
C THR H 60 2.56 18.94 21.22
N ALA H 61 2.97 19.70 20.20
CA ALA H 61 3.88 19.19 19.18
C ALA H 61 5.30 19.21 19.71
N GLY H 62 6.02 18.11 19.53
CA GLY H 62 7.39 18.01 19.99
C GLY H 62 8.33 18.72 19.05
N GLN H 63 9.62 18.63 19.38
CA GLN H 63 10.64 19.21 18.52
C GLN H 63 10.83 18.36 17.27
N TYR H 64 11.33 19.00 16.22
CA TYR H 64 11.51 18.39 14.90
C TYR H 64 10.20 17.84 14.33
N PRO H 65 9.18 18.65 14.11
CA PRO H 65 8.00 18.16 13.39
C PRO H 65 8.06 18.47 11.91
N LEU H 66 7.39 17.62 11.13
CA LEU H 66 7.28 17.86 9.69
C LEU H 66 5.88 17.50 9.21
N VAL H 67 5.49 18.14 8.11
CA VAL H 67 4.29 17.75 7.38
C VAL H 67 4.66 16.66 6.39
N THR H 68 3.78 15.68 6.24
CA THR H 68 4.16 14.43 5.59
C THR H 68 4.54 14.65 4.13
N PRO H 69 5.70 14.18 3.69
CA PRO H 69 6.00 14.13 2.26
C PRO H 69 5.27 12.96 1.63
N ARG H 70 5.50 12.75 0.34
CA ARG H 70 4.85 11.64 -0.33
C ARG H 70 5.49 10.30 -0.01
N ALA H 71 6.80 10.29 0.27
CA ALA H 71 7.48 9.04 0.57
C ALA H 71 6.97 8.43 1.87
N VAL H 72 6.76 9.25 2.90
CA VAL H 72 6.23 8.75 4.15
C VAL H 72 4.80 8.25 3.97
N GLU H 73 4.01 8.96 3.15
CA GLU H 73 2.64 8.51 2.89
C GLU H 73 2.62 7.16 2.20
N GLN H 74 3.52 6.94 1.24
CA GLN H 74 3.52 5.64 0.60
C GLN H 74 4.10 4.55 1.52
N ALA H 75 5.01 4.89 2.42
CA ALA H 75 5.43 3.91 3.41
C ALA H 75 4.27 3.50 4.29
N ILE H 76 3.45 4.47 4.69
CA ILE H 76 2.24 4.15 5.46
C ILE H 76 1.30 3.28 4.64
N LEU H 77 1.17 3.58 3.35
CA LEU H 77 0.33 2.75 2.50
C LEU H 77 0.85 1.33 2.40
N LEU H 78 2.17 1.17 2.34
CA LEU H 78 2.76 -0.17 2.28
C LEU H 78 2.51 -0.94 3.57
N MET H 79 2.64 -0.26 4.72
CA MET H 79 2.32 -0.92 5.98
C MET H 79 0.87 -1.35 6.03
N LEU H 80 -0.04 -0.48 5.57
CA LEU H 80 -1.46 -0.82 5.55
C LEU H 80 -1.73 -2.01 4.64
N GLY H 81 -1.08 -2.04 3.47
CA GLY H 81 -1.25 -3.17 2.57
C GLY H 81 -0.74 -4.46 3.16
N ASP H 82 0.34 -4.40 3.94
CA ASP H 82 0.80 -5.57 4.68
C ASP H 82 -0.22 -6.00 5.73
N PHE H 83 -0.83 -5.04 6.42
CA PHE H 83 -1.81 -5.36 7.45
C PHE H 83 -3.04 -6.04 6.86
N TYR H 84 -3.48 -5.56 5.69
CA TYR H 84 -4.70 -6.10 5.09
C TYR H 84 -4.49 -7.54 4.61
N ARG H 85 -3.31 -7.85 4.07
CA ARG H 85 -3.11 -9.14 3.42
C ARG H 85 -3.10 -10.29 4.41
N ASP H 86 -2.14 -10.29 5.33
CA ASP H 86 -2.01 -11.36 6.30
C ASP H 86 -2.45 -10.89 7.67
N ARG H 87 -3.16 -11.75 8.39
CA ARG H 87 -3.86 -11.39 9.62
C ARG H 87 -3.43 -12.30 10.76
N GLU H 88 -2.17 -12.74 10.75
CA GLU H 88 -1.66 -13.60 11.81
C GLU H 88 -0.32 -13.12 12.33
N ALA H 89 0.33 -13.93 13.15
CA ALA H 89 1.57 -13.56 13.82
C ALA H 89 2.70 -14.49 13.40
N THR H 90 2.86 -14.70 12.10
CA THR H 90 3.74 -15.74 11.60
C THR H 90 5.20 -15.51 11.98
N GLY H 91 5.63 -14.26 12.09
CA GLY H 91 7.03 -14.00 12.36
C GLY H 91 7.78 -13.57 11.12
N LYS H 92 8.30 -12.35 11.14
CA LYS H 92 8.81 -11.66 9.97
C LYS H 92 10.12 -10.96 10.31
N PRO H 93 10.91 -10.60 9.29
CA PRO H 93 12.13 -9.82 9.55
C PRO H 93 11.79 -8.46 10.15
N VAL H 94 12.74 -7.94 10.94
CA VAL H 94 12.50 -6.70 11.65
C VAL H 94 12.47 -5.51 10.70
N SER H 95 13.31 -5.51 9.67
CA SER H 95 13.43 -4.40 8.73
C SER H 95 12.79 -4.79 7.41
N THR H 96 11.62 -4.23 7.12
CA THR H 96 10.89 -4.52 5.90
C THR H 96 11.21 -3.47 4.84
N SER H 97 10.46 -3.48 3.74
CA SER H 97 10.67 -2.54 2.65
C SER H 97 10.08 -1.16 2.92
N ALA H 98 9.25 -1.02 3.95
CA ALA H 98 8.74 0.30 4.31
C ALA H 98 9.79 1.12 5.04
N HIS H 99 10.65 0.46 5.81
CA HIS H 99 11.68 1.16 6.55
C HIS H 99 12.74 1.74 5.61
N ASN H 100 12.98 1.11 4.46
CA ASN H 100 13.92 1.68 3.51
C ASN H 100 13.44 3.03 2.98
N LEU H 101 12.12 3.17 2.79
CA LEU H 101 11.57 4.46 2.40
C LEU H 101 11.56 5.43 3.57
N LEU H 102 11.22 4.95 4.76
CA LEU H 102 11.06 5.84 5.91
C LEU H 102 12.38 6.33 6.48
N TYR H 103 13.48 5.65 6.21
CA TYR H 103 14.71 5.92 6.96
C TYR H 103 15.29 7.31 6.76
N PRO H 104 15.37 7.88 5.56
CA PRO H 104 16.02 9.20 5.42
C PRO H 104 15.33 10.31 6.18
N TYR H 105 14.08 10.13 6.61
CA TYR H 105 13.41 11.13 7.43
C TYR H 105 13.57 10.88 8.92
N ARG H 106 14.27 9.81 9.32
CA ARG H 106 14.45 9.52 10.73
C ARG H 106 15.31 10.59 11.39
N VAL H 107 15.06 10.81 12.69
CA VAL H 107 15.78 11.83 13.44
C VAL H 107 16.18 11.23 14.79
N LYS H 108 17.22 11.82 15.39
CA LYS H 108 17.70 11.44 16.73
C LYS H 108 18.28 10.02 16.75
N VAL H 109 18.87 9.60 15.64
CA VAL H 109 19.55 8.30 15.59
C VAL H 109 20.82 8.37 16.43
N GLY H 110 21.40 7.22 16.75
CA GLY H 110 22.65 7.22 17.48
C GLY H 110 22.85 6.02 18.38
N VAL H 111 23.57 6.22 19.49
CA VAL H 111 23.82 5.14 20.43
C VAL H 111 23.31 5.51 21.82
#